data_6AYL
# 
_entry.id   6AYL 
# 
_audit_conform.dict_name       mmcif_pdbx.dic 
_audit_conform.dict_version    5.379 
_audit_conform.dict_location   http://mmcif.pdb.org/dictionaries/ascii/mmcif_pdbx.dic 
# 
loop_
_database_2.database_id 
_database_2.database_code 
_database_2.pdbx_database_accession 
_database_2.pdbx_DOI 
PDB   6AYL         pdb_00006ayl 10.2210/pdb6ayl/pdb 
WWPDB D_1000229975 ?            ?                   
# 
_pdbx_database_status.status_code                     REL 
_pdbx_database_status.status_code_sf                  REL 
_pdbx_database_status.status_code_mr                  ? 
_pdbx_database_status.entry_id                        6AYL 
_pdbx_database_status.recvd_initial_deposition_date   2017-09-08 
_pdbx_database_status.SG_entry                        N 
_pdbx_database_status.deposit_site                    RCSB 
_pdbx_database_status.process_site                    RCSB 
_pdbx_database_status.status_code_cs                  ? 
_pdbx_database_status.methods_development_category    ? 
_pdbx_database_status.pdb_format_compatible           Y 
_pdbx_database_status.status_code_nmr_data            ? 
# 
_audit_author.name               'Pozharski, E.' 
_audit_author.pdbx_ordinal       1 
_audit_author.identifier_ORCID   ? 
# 
_citation.abstract                  ? 
_citation.abstract_id_CAS           ? 
_citation.book_id_ISBN              ? 
_citation.book_publisher            ? 
_citation.book_publisher_city       ? 
_citation.book_title                ? 
_citation.coordinate_linkage        ? 
_citation.country                   ? 
_citation.database_id_Medline       ? 
_citation.details                   ? 
_citation.id                        primary 
_citation.journal_abbrev            'To Be Published' 
_citation.journal_id_ASTM           ? 
_citation.journal_id_CSD            0353 
_citation.journal_id_ISSN           ? 
_citation.journal_full              ? 
_citation.journal_issue             ? 
_citation.journal_volume            ? 
_citation.language                  ? 
_citation.page_first                ? 
_citation.page_last                 ? 
_citation.title                     'To be published' 
_citation.year                      ? 
_citation.database_id_CSD           ? 
_citation.pdbx_database_id_DOI      ? 
_citation.pdbx_database_id_PubMed   ? 
_citation.unpublished_flag          ? 
# 
loop_
_citation_author.citation_id 
_citation_author.name 
_citation_author.ordinal 
_citation_author.identifier_ORCID 
primary 'Pozharski, E.' 1 ? 
primary 'St John, F.S.' 2 ? 
# 
_cell.angle_alpha                  90.00 
_cell.angle_alpha_esd              ? 
_cell.angle_beta                   90.00 
_cell.angle_beta_esd               ? 
_cell.angle_gamma                  90.00 
_cell.angle_gamma_esd              ? 
_cell.entry_id                     6AYL 
_cell.details                      ? 
_cell.formula_units_Z              ? 
_cell.length_a                     33.190 
_cell.length_a_esd                 ? 
_cell.length_b                     53.010 
_cell.length_b_esd                 ? 
_cell.length_c                     74.990 
_cell.length_c_esd                 ? 
_cell.volume                       ? 
_cell.volume_esd                   ? 
_cell.Z_PDB                        4 
_cell.reciprocal_angle_alpha       ? 
_cell.reciprocal_angle_beta        ? 
_cell.reciprocal_angle_gamma       ? 
_cell.reciprocal_angle_alpha_esd   ? 
_cell.reciprocal_angle_beta_esd    ? 
_cell.reciprocal_angle_gamma_esd   ? 
_cell.reciprocal_length_a          ? 
_cell.reciprocal_length_b          ? 
_cell.reciprocal_length_c          ? 
_cell.reciprocal_length_a_esd      ? 
_cell.reciprocal_length_b_esd      ? 
_cell.reciprocal_length_c_esd      ? 
_cell.pdbx_unique_axis             ? 
# 
_symmetry.entry_id                         6AYL 
_symmetry.cell_setting                     ? 
_symmetry.Int_Tables_number                19 
_symmetry.space_group_name_Hall            ? 
_symmetry.space_group_name_H-M             'P 21 21 21' 
_symmetry.pdbx_full_space_group_name_H-M   ? 
# 
loop_
_entity.id 
_entity.type 
_entity.src_method 
_entity.pdbx_description 
_entity.formula_weight 
_entity.pdbx_number_of_molecules 
_entity.pdbx_ec 
_entity.pdbx_mutation 
_entity.pdbx_fragment 
_entity.details 
1 polymer     man 'Fatty acid-binding protein, adipocyte'            15485.729 1  ? ? ? ? 
2 non-polymer syn '2-(6-HYDROXY-3-OXO-3H-XANTHEN-9-YL)-BENZOIC ACID' 332.306   2  ? ? ? ? 
3 water       nat water                                              18.015    51 ? ? ? ? 
# 
_entity_name_com.entity_id   1 
_entity_name_com.name        
'Adipocyte lipid-binding protein,ALBP,Adipocyte-type fatty acid-binding protein,AFABP,Fatty acid-binding protein 4' 
# 
_entity_poly.entity_id                      1 
_entity_poly.type                           'polypeptide(L)' 
_entity_poly.nstd_linkage                   no 
_entity_poly.nstd_monomer                   no 
_entity_poly.pdbx_seq_one_letter_code       
;QQMGRGSMCDAFVGTWKLVSSENFDDYMKEVGVGFATRKVAGMAKPNMIISVNGDVITIKSESTFKNTEISFILGQEFDE
VTADDRKVKSTITLDGGVLVHVQKWDGKSTTIKRKREDDKLVVECVMKGVTSTRVYERA
;
_entity_poly.pdbx_seq_one_letter_code_can   
;QQMGRGSMCDAFVGTWKLVSSENFDDYMKEVGVGFATRKVAGMAKPNMIISVNGDVITIKSESTFKNTEISFILGQEFDE
VTADDRKVKSTITLDGGVLVHVQKWDGKSTTIKRKREDDKLVVECVMKGVTSTRVYERA
;
_entity_poly.pdbx_strand_id                 A 
_entity_poly.pdbx_target_identifier         ? 
# 
loop_
_entity_poly_seq.entity_id 
_entity_poly_seq.num 
_entity_poly_seq.mon_id 
_entity_poly_seq.hetero 
1 1   GLN n 
1 2   GLN n 
1 3   MET n 
1 4   GLY n 
1 5   ARG n 
1 6   GLY n 
1 7   SER n 
1 8   MET n 
1 9   CYS n 
1 10  ASP n 
1 11  ALA n 
1 12  PHE n 
1 13  VAL n 
1 14  GLY n 
1 15  THR n 
1 16  TRP n 
1 17  LYS n 
1 18  LEU n 
1 19  VAL n 
1 20  SER n 
1 21  SER n 
1 22  GLU n 
1 23  ASN n 
1 24  PHE n 
1 25  ASP n 
1 26  ASP n 
1 27  TYR n 
1 28  MET n 
1 29  LYS n 
1 30  GLU n 
1 31  VAL n 
1 32  GLY n 
1 33  VAL n 
1 34  GLY n 
1 35  PHE n 
1 36  ALA n 
1 37  THR n 
1 38  ARG n 
1 39  LYS n 
1 40  VAL n 
1 41  ALA n 
1 42  GLY n 
1 43  MET n 
1 44  ALA n 
1 45  LYS n 
1 46  PRO n 
1 47  ASN n 
1 48  MET n 
1 49  ILE n 
1 50  ILE n 
1 51  SER n 
1 52  VAL n 
1 53  ASN n 
1 54  GLY n 
1 55  ASP n 
1 56  VAL n 
1 57  ILE n 
1 58  THR n 
1 59  ILE n 
1 60  LYS n 
1 61  SER n 
1 62  GLU n 
1 63  SER n 
1 64  THR n 
1 65  PHE n 
1 66  LYS n 
1 67  ASN n 
1 68  THR n 
1 69  GLU n 
1 70  ILE n 
1 71  SER n 
1 72  PHE n 
1 73  ILE n 
1 74  LEU n 
1 75  GLY n 
1 76  GLN n 
1 77  GLU n 
1 78  PHE n 
1 79  ASP n 
1 80  GLU n 
1 81  VAL n 
1 82  THR n 
1 83  ALA n 
1 84  ASP n 
1 85  ASP n 
1 86  ARG n 
1 87  LYS n 
1 88  VAL n 
1 89  LYS n 
1 90  SER n 
1 91  THR n 
1 92  ILE n 
1 93  THR n 
1 94  LEU n 
1 95  ASP n 
1 96  GLY n 
1 97  GLY n 
1 98  VAL n 
1 99  LEU n 
1 100 VAL n 
1 101 HIS n 
1 102 VAL n 
1 103 GLN n 
1 104 LYS n 
1 105 TRP n 
1 106 ASP n 
1 107 GLY n 
1 108 LYS n 
1 109 SER n 
1 110 THR n 
1 111 THR n 
1 112 ILE n 
1 113 LYS n 
1 114 ARG n 
1 115 LYS n 
1 116 ARG n 
1 117 GLU n 
1 118 ASP n 
1 119 ASP n 
1 120 LYS n 
1 121 LEU n 
1 122 VAL n 
1 123 VAL n 
1 124 GLU n 
1 125 CYS n 
1 126 VAL n 
1 127 MET n 
1 128 LYS n 
1 129 GLY n 
1 130 VAL n 
1 131 THR n 
1 132 SER n 
1 133 THR n 
1 134 ARG n 
1 135 VAL n 
1 136 TYR n 
1 137 GLU n 
1 138 ARG n 
1 139 ALA n 
# 
_entity_src_gen.entity_id                          1 
_entity_src_gen.pdbx_src_id                        1 
_entity_src_gen.pdbx_alt_source_flag               sample 
_entity_src_gen.pdbx_seq_type                      'Biological sequence' 
_entity_src_gen.pdbx_beg_seq_num                   1 
_entity_src_gen.pdbx_end_seq_num                   139 
_entity_src_gen.gene_src_common_name               Human 
_entity_src_gen.gene_src_genus                     ? 
_entity_src_gen.pdbx_gene_src_gene                 FABP4 
_entity_src_gen.gene_src_species                   ? 
_entity_src_gen.gene_src_strain                    ? 
_entity_src_gen.gene_src_tissue                    ? 
_entity_src_gen.gene_src_tissue_fraction           ? 
_entity_src_gen.gene_src_details                   ? 
_entity_src_gen.pdbx_gene_src_fragment             ? 
_entity_src_gen.pdbx_gene_src_scientific_name      'Homo sapiens' 
_entity_src_gen.pdbx_gene_src_ncbi_taxonomy_id     9606 
_entity_src_gen.pdbx_gene_src_variant              ? 
_entity_src_gen.pdbx_gene_src_cell_line            ? 
_entity_src_gen.pdbx_gene_src_atcc                 ? 
_entity_src_gen.pdbx_gene_src_organ                ? 
_entity_src_gen.pdbx_gene_src_organelle            ? 
_entity_src_gen.pdbx_gene_src_cell                 ? 
_entity_src_gen.pdbx_gene_src_cellular_location    ? 
_entity_src_gen.host_org_common_name               ? 
_entity_src_gen.pdbx_host_org_scientific_name      'Escherichia coli' 
_entity_src_gen.pdbx_host_org_ncbi_taxonomy_id     562 
_entity_src_gen.host_org_genus                     ? 
_entity_src_gen.pdbx_host_org_gene                 ? 
_entity_src_gen.pdbx_host_org_organ                ? 
_entity_src_gen.host_org_species                   ? 
_entity_src_gen.pdbx_host_org_tissue               ? 
_entity_src_gen.pdbx_host_org_tissue_fraction      ? 
_entity_src_gen.pdbx_host_org_strain               ? 
_entity_src_gen.pdbx_host_org_variant              ? 
_entity_src_gen.pdbx_host_org_cell_line            ? 
_entity_src_gen.pdbx_host_org_atcc                 ? 
_entity_src_gen.pdbx_host_org_culture_collection   ? 
_entity_src_gen.pdbx_host_org_cell                 ? 
_entity_src_gen.pdbx_host_org_organelle            ? 
_entity_src_gen.pdbx_host_org_cellular_location    ? 
_entity_src_gen.pdbx_host_org_vector_type          ? 
_entity_src_gen.pdbx_host_org_vector               ? 
_entity_src_gen.host_org_details                   ? 
_entity_src_gen.expression_system_id               ? 
_entity_src_gen.plasmid_name                       ? 
_entity_src_gen.plasmid_details                    ? 
_entity_src_gen.pdbx_description                   ? 
# 
_struct_ref.id                         1 
_struct_ref.db_name                    UNP 
_struct_ref.db_code                    FABP4_HUMAN 
_struct_ref.pdbx_db_accession          P15090 
_struct_ref.pdbx_db_isoform            ? 
_struct_ref.entity_id                  1 
_struct_ref.pdbx_seq_one_letter_code   
;MCDAFVGTWKLVSSENFDDYMKEVGVGFATRKVAGMAKPNMIISVNGDVITIKSESTFKNTEISFILGQEFDEVTADDRK
VKSTITLDGGVLVHVQKWDGKSTTIKRKREDDKLVVECVMKGVTSTRVYERA
;
_struct_ref.pdbx_align_begin           1 
# 
_struct_ref_seq.align_id                      1 
_struct_ref_seq.ref_id                        1 
_struct_ref_seq.pdbx_PDB_id_code              6AYL 
_struct_ref_seq.pdbx_strand_id                A 
_struct_ref_seq.seq_align_beg                 8 
_struct_ref_seq.pdbx_seq_align_beg_ins_code   ? 
_struct_ref_seq.seq_align_end                 139 
_struct_ref_seq.pdbx_seq_align_end_ins_code   ? 
_struct_ref_seq.pdbx_db_accession             P15090 
_struct_ref_seq.db_align_beg                  1 
_struct_ref_seq.pdbx_db_align_beg_ins_code    ? 
_struct_ref_seq.db_align_end                  132 
_struct_ref_seq.pdbx_db_align_end_ins_code    ? 
_struct_ref_seq.pdbx_auth_seq_align_beg       0 
_struct_ref_seq.pdbx_auth_seq_align_end       131 
# 
loop_
_struct_ref_seq_dif.align_id 
_struct_ref_seq_dif.pdbx_pdb_id_code 
_struct_ref_seq_dif.mon_id 
_struct_ref_seq_dif.pdbx_pdb_strand_id 
_struct_ref_seq_dif.seq_num 
_struct_ref_seq_dif.pdbx_pdb_ins_code 
_struct_ref_seq_dif.pdbx_seq_db_name 
_struct_ref_seq_dif.pdbx_seq_db_accession_code 
_struct_ref_seq_dif.db_mon_id 
_struct_ref_seq_dif.pdbx_seq_db_seq_num 
_struct_ref_seq_dif.details 
_struct_ref_seq_dif.pdbx_auth_seq_num 
_struct_ref_seq_dif.pdbx_ordinal 
1 6AYL GLN A 1 ? UNP P15090 ? ? 'expression tag' -7 1 
1 6AYL GLN A 2 ? UNP P15090 ? ? 'expression tag' -6 2 
1 6AYL MET A 3 ? UNP P15090 ? ? 'expression tag' -5 3 
1 6AYL GLY A 4 ? UNP P15090 ? ? 'expression tag' -4 4 
1 6AYL ARG A 5 ? UNP P15090 ? ? 'expression tag' -3 5 
1 6AYL GLY A 6 ? UNP P15090 ? ? 'expression tag' -2 6 
1 6AYL SER A 7 ? UNP P15090 ? ? 'expression tag' -1 7 
# 
loop_
_chem_comp.id 
_chem_comp.type 
_chem_comp.mon_nstd_flag 
_chem_comp.name 
_chem_comp.pdbx_synonyms 
_chem_comp.formula 
_chem_comp.formula_weight 
ALA 'L-peptide linking' y ALANINE                                            ?           'C3 H7 N O2'     89.093  
ARG 'L-peptide linking' y ARGININE                                           ?           'C6 H15 N4 O2 1' 175.209 
ASN 'L-peptide linking' y ASPARAGINE                                         ?           'C4 H8 N2 O3'    132.118 
ASP 'L-peptide linking' y 'ASPARTIC ACID'                                    ?           'C4 H7 N O4'     133.103 
CYS 'L-peptide linking' y CYSTEINE                                           ?           'C3 H7 N O2 S'   121.158 
FLU non-polymer         . '2-(6-HYDROXY-3-OXO-3H-XANTHEN-9-YL)-BENZOIC ACID' FLUORESCEIN 'C20 H12 O5'     332.306 
GLN 'L-peptide linking' y GLUTAMINE                                          ?           'C5 H10 N2 O3'   146.144 
GLU 'L-peptide linking' y 'GLUTAMIC ACID'                                    ?           'C5 H9 N O4'     147.129 
GLY 'peptide linking'   y GLYCINE                                            ?           'C2 H5 N O2'     75.067  
HIS 'L-peptide linking' y HISTIDINE                                          ?           'C6 H10 N3 O2 1' 156.162 
HOH non-polymer         . WATER                                              ?           'H2 O'           18.015  
ILE 'L-peptide linking' y ISOLEUCINE                                         ?           'C6 H13 N O2'    131.173 
LEU 'L-peptide linking' y LEUCINE                                            ?           'C6 H13 N O2'    131.173 
LYS 'L-peptide linking' y LYSINE                                             ?           'C6 H15 N2 O2 1' 147.195 
MET 'L-peptide linking' y METHIONINE                                         ?           'C5 H11 N O2 S'  149.211 
PHE 'L-peptide linking' y PHENYLALANINE                                      ?           'C9 H11 N O2'    165.189 
PRO 'L-peptide linking' y PROLINE                                            ?           'C5 H9 N O2'     115.130 
SER 'L-peptide linking' y SERINE                                             ?           'C3 H7 N O3'     105.093 
THR 'L-peptide linking' y THREONINE                                          ?           'C4 H9 N O3'     119.119 
TRP 'L-peptide linking' y TRYPTOPHAN                                         ?           'C11 H12 N2 O2'  204.225 
TYR 'L-peptide linking' y TYROSINE                                           ?           'C9 H11 N O3'    181.189 
VAL 'L-peptide linking' y VALINE                                             ?           'C5 H11 N O2'    117.146 
# 
_exptl.absorpt_coefficient_mu     ? 
_exptl.absorpt_correction_T_max   ? 
_exptl.absorpt_correction_T_min   ? 
_exptl.absorpt_correction_type    ? 
_exptl.absorpt_process_details    ? 
_exptl.entry_id                   6AYL 
_exptl.crystals_number            1 
_exptl.details                    ? 
_exptl.method                     'X-RAY DIFFRACTION' 
_exptl.method_details             ? 
# 
_exptl_crystal.colour                      ? 
_exptl_crystal.density_diffrn              ? 
_exptl_crystal.density_Matthews            2.13 
_exptl_crystal.density_method              ? 
_exptl_crystal.density_percent_sol         42.25 
_exptl_crystal.description                 ? 
_exptl_crystal.F_000                       ? 
_exptl_crystal.id                          1 
_exptl_crystal.preparation                 ? 
_exptl_crystal.size_max                    ? 
_exptl_crystal.size_mid                    ? 
_exptl_crystal.size_min                    ? 
_exptl_crystal.size_rad                    ? 
_exptl_crystal.colour_lustre               ? 
_exptl_crystal.colour_modifier             ? 
_exptl_crystal.colour_primary              ? 
_exptl_crystal.density_meas                ? 
_exptl_crystal.density_meas_esd            ? 
_exptl_crystal.density_meas_gt             ? 
_exptl_crystal.density_meas_lt             ? 
_exptl_crystal.density_meas_temp           ? 
_exptl_crystal.density_meas_temp_esd       ? 
_exptl_crystal.density_meas_temp_gt        ? 
_exptl_crystal.density_meas_temp_lt        ? 
_exptl_crystal.pdbx_crystal_image_url      ? 
_exptl_crystal.pdbx_crystal_image_format   ? 
_exptl_crystal.pdbx_mosaicity              ? 
_exptl_crystal.pdbx_mosaicity_esd          ? 
# 
_exptl_crystal_grow.apparatus       ? 
_exptl_crystal_grow.atmosphere      ? 
_exptl_crystal_grow.crystal_id      1 
_exptl_crystal_grow.details         ? 
_exptl_crystal_grow.method          'VAPOR DIFFUSION, SITTING DROP' 
_exptl_crystal_grow.method_ref      ? 
_exptl_crystal_grow.pH              6.5 
_exptl_crystal_grow.pressure        ? 
_exptl_crystal_grow.pressure_esd    ? 
_exptl_crystal_grow.seeding         ? 
_exptl_crystal_grow.seeding_ref     ? 
_exptl_crystal_grow.temp            293 
_exptl_crystal_grow.temp_details    ? 
_exptl_crystal_grow.temp_esd        ? 
_exptl_crystal_grow.time            ? 
_exptl_crystal_grow.pdbx_details    '1.6 M sodium citrate, pH 6.5' 
_exptl_crystal_grow.pdbx_pH_range   ? 
# 
_diffrn.ambient_environment    ? 
_diffrn.ambient_temp           100 
_diffrn.ambient_temp_details   ? 
_diffrn.ambient_temp_esd       ? 
_diffrn.crystal_id             1 
_diffrn.crystal_support        ? 
_diffrn.crystal_treatment      ? 
_diffrn.details                ? 
_diffrn.id                     1 
_diffrn.ambient_pressure       ? 
_diffrn.ambient_pressure_esd   ? 
_diffrn.ambient_pressure_gt    ? 
_diffrn.ambient_pressure_lt    ? 
_diffrn.ambient_temp_gt        ? 
_diffrn.ambient_temp_lt        ? 
# 
_diffrn_detector.details                      ? 
_diffrn_detector.detector                     CCD 
_diffrn_detector.diffrn_id                    1 
_diffrn_detector.type                         'ADSC QUANTUM 315' 
_diffrn_detector.area_resol_mean              ? 
_diffrn_detector.dtime                        ? 
_diffrn_detector.pdbx_frames_total            ? 
_diffrn_detector.pdbx_collection_time_total   ? 
_diffrn_detector.pdbx_collection_date         2012-06-16 
# 
_diffrn_radiation.collimation                      ? 
_diffrn_radiation.diffrn_id                        1 
_diffrn_radiation.filter_edge                      ? 
_diffrn_radiation.inhomogeneity                    ? 
_diffrn_radiation.monochromator                    ? 
_diffrn_radiation.polarisn_norm                    ? 
_diffrn_radiation.polarisn_ratio                   ? 
_diffrn_radiation.probe                            ? 
_diffrn_radiation.type                             ? 
_diffrn_radiation.xray_symbol                      ? 
_diffrn_radiation.wavelength_id                    1 
_diffrn_radiation.pdbx_monochromatic_or_laue_m_l   M 
_diffrn_radiation.pdbx_wavelength_list             ? 
_diffrn_radiation.pdbx_wavelength                  ? 
_diffrn_radiation.pdbx_diffrn_protocol             'SINGLE WAVELENGTH' 
_diffrn_radiation.pdbx_analyzer                    ? 
_diffrn_radiation.pdbx_scattering_type             x-ray 
# 
_diffrn_radiation_wavelength.id           1 
_diffrn_radiation_wavelength.wavelength   1.1271 
_diffrn_radiation_wavelength.wt           1.0 
# 
_diffrn_source.current                     ? 
_diffrn_source.details                     ? 
_diffrn_source.diffrn_id                   1 
_diffrn_source.power                       ? 
_diffrn_source.size                        ? 
_diffrn_source.source                      SYNCHROTRON 
_diffrn_source.target                      ? 
_diffrn_source.type                        'SSRL BEAMLINE BL7-1' 
_diffrn_source.voltage                     ? 
_diffrn_source.take-off_angle              ? 
_diffrn_source.pdbx_wavelength_list        1.1271 
_diffrn_source.pdbx_wavelength             ? 
_diffrn_source.pdbx_synchrotron_beamline   BL7-1 
_diffrn_source.pdbx_synchrotron_site       SSRL 
# 
_reflns.B_iso_Wilson_estimate            32.84 
_reflns.entry_id                         6AYL 
_reflns.data_reduction_details           ? 
_reflns.data_reduction_method            ? 
_reflns.d_resolution_high                1.86 
_reflns.d_resolution_low                 75.0 
_reflns.details                          ? 
_reflns.limit_h_max                      ? 
_reflns.limit_h_min                      ? 
_reflns.limit_k_max                      ? 
_reflns.limit_k_min                      ? 
_reflns.limit_l_max                      ? 
_reflns.limit_l_min                      ? 
_reflns.number_all                       ? 
_reflns.number_obs                       11207 
_reflns.observed_criterion               ? 
_reflns.observed_criterion_F_max         ? 
_reflns.observed_criterion_F_min         ? 
_reflns.observed_criterion_I_max         ? 
_reflns.observed_criterion_I_min         ? 
_reflns.observed_criterion_sigma_F       ? 
_reflns.observed_criterion_sigma_I       ? 
_reflns.percent_possible_obs             96.3 
_reflns.R_free_details                   ? 
_reflns.Rmerge_F_all                     ? 
_reflns.Rmerge_F_obs                     ? 
_reflns.Friedel_coverage                 ? 
_reflns.number_gt                        ? 
_reflns.threshold_expression             ? 
_reflns.pdbx_redundancy                  6.3 
_reflns.pdbx_Rmerge_I_obs                0.068 
_reflns.pdbx_Rmerge_I_all                ? 
_reflns.pdbx_Rsym_value                  ? 
_reflns.pdbx_netI_over_av_sigmaI         9.7 
_reflns.pdbx_netI_over_sigmaI            13.9 
_reflns.pdbx_res_netI_over_av_sigmaI_2   ? 
_reflns.pdbx_res_netI_over_sigmaI_2      ? 
_reflns.pdbx_chi_squared                 ? 
_reflns.pdbx_scaling_rejects             ? 
_reflns.pdbx_d_res_high_opt              ? 
_reflns.pdbx_d_res_low_opt               ? 
_reflns.pdbx_d_res_opt_method            ? 
_reflns.phase_calculation_details        ? 
_reflns.pdbx_Rrim_I_all                  ? 
_reflns.pdbx_Rpim_I_all                  0.042 
_reflns.pdbx_d_opt                       ? 
_reflns.pdbx_number_measured_all         ? 
_reflns.pdbx_diffrn_id                   1 
_reflns.pdbx_ordinal                     1 
_reflns.pdbx_CC_half                     0.999 
_reflns.pdbx_R_split                     ? 
# 
_reflns_shell.d_res_high                  1.86 
_reflns_shell.d_res_low                   1.90 
_reflns_shell.meanI_over_sigI_all         ? 
_reflns_shell.meanI_over_sigI_obs         0.9 
_reflns_shell.number_measured_all         ? 
_reflns_shell.number_measured_obs         ? 
_reflns_shell.number_possible             ? 
_reflns_shell.number_unique_all           ? 
_reflns_shell.number_unique_obs           501 
_reflns_shell.percent_possible_all        73.9 
_reflns_shell.percent_possible_obs        ? 
_reflns_shell.Rmerge_F_all                ? 
_reflns_shell.Rmerge_F_obs                ? 
_reflns_shell.Rmerge_I_all                ? 
_reflns_shell.Rmerge_I_obs                1.204 
_reflns_shell.meanI_over_sigI_gt          ? 
_reflns_shell.meanI_over_uI_all           ? 
_reflns_shell.meanI_over_uI_gt            ? 
_reflns_shell.number_measured_gt          ? 
_reflns_shell.number_unique_gt            ? 
_reflns_shell.percent_possible_gt         ? 
_reflns_shell.Rmerge_F_gt                 ? 
_reflns_shell.Rmerge_I_gt                 ? 
_reflns_shell.pdbx_redundancy             4.4 
_reflns_shell.pdbx_Rsym_value             ? 
_reflns_shell.pdbx_chi_squared            ? 
_reflns_shell.pdbx_netI_over_sigmaI_all   ? 
_reflns_shell.pdbx_netI_over_sigmaI_obs   ? 
_reflns_shell.pdbx_Rrim_I_all             ? 
_reflns_shell.pdbx_Rpim_I_all             0.921 
_reflns_shell.pdbx_rejects                ? 
_reflns_shell.pdbx_ordinal                1 
_reflns_shell.pdbx_diffrn_id              1 
_reflns_shell.pdbx_CC_half                0.391 
_reflns_shell.pdbx_R_split                ? 
# 
_refine.aniso_B[1][1]                            -17.48270 
_refine.aniso_B[1][2]                            0.00000 
_refine.aniso_B[1][3]                            0.00000 
_refine.aniso_B[2][2]                            2.20340 
_refine.aniso_B[2][3]                            0.00000 
_refine.aniso_B[3][3]                            15.27930 
_refine.B_iso_max                                ? 
_refine.B_iso_mean                               42.80 
_refine.B_iso_min                                ? 
_refine.correlation_coeff_Fo_to_Fc               0.923 
_refine.correlation_coeff_Fo_to_Fc_free          0.924 
_refine.details                                  ? 
_refine.diff_density_max                         ? 
_refine.diff_density_max_esd                     ? 
_refine.diff_density_min                         ? 
_refine.diff_density_min_esd                     ? 
_refine.diff_density_rms                         ? 
_refine.diff_density_rms_esd                     ? 
_refine.entry_id                                 6AYL 
_refine.pdbx_refine_id                           'X-RAY DIFFRACTION' 
_refine.ls_abs_structure_details                 ? 
_refine.ls_abs_structure_Flack                   ? 
_refine.ls_abs_structure_Flack_esd               ? 
_refine.ls_abs_structure_Rogers                  ? 
_refine.ls_abs_structure_Rogers_esd              ? 
_refine.ls_d_res_high                            1.86 
_refine.ls_d_res_low                             37.49 
_refine.ls_extinction_coef                       ? 
_refine.ls_extinction_coef_esd                   ? 
_refine.ls_extinction_expression                 ? 
_refine.ls_extinction_method                     ? 
_refine.ls_goodness_of_fit_all                   ? 
_refine.ls_goodness_of_fit_all_esd               ? 
_refine.ls_goodness_of_fit_obs                   ? 
_refine.ls_goodness_of_fit_obs_esd               ? 
_refine.ls_hydrogen_treatment                    ? 
_refine.ls_matrix_type                           ? 
_refine.ls_number_constraints                    ? 
_refine.ls_number_parameters                     ? 
_refine.ls_number_reflns_all                     ? 
_refine.ls_number_reflns_obs                     11169 
_refine.ls_number_reflns_R_free                  548 
_refine.ls_number_reflns_R_work                  ? 
_refine.ls_number_restraints                     ? 
_refine.ls_percent_reflns_obs                    95.9 
_refine.ls_percent_reflns_R_free                 4.910 
_refine.ls_R_factor_all                          ? 
_refine.ls_R_factor_obs                          0.212 
_refine.ls_R_factor_R_free                       0.232 
_refine.ls_R_factor_R_free_error                 0.000 
_refine.ls_R_factor_R_free_error_details         ? 
_refine.ls_R_factor_R_work                       0.211 
_refine.ls_R_Fsqd_factor_obs                     ? 
_refine.ls_R_I_factor_obs                        ? 
_refine.ls_redundancy_reflns_all                 ? 
_refine.ls_redundancy_reflns_obs                 ? 
_refine.ls_restrained_S_all                      ? 
_refine.ls_restrained_S_obs                      ? 
_refine.ls_shift_over_esd_max                    ? 
_refine.ls_shift_over_esd_mean                   ? 
_refine.ls_structure_factor_coef                 ? 
_refine.ls_weighting_details                     ? 
_refine.ls_weighting_scheme                      ? 
_refine.ls_wR_factor_all                         ? 
_refine.ls_wR_factor_obs                         ? 
_refine.ls_wR_factor_R_free                      ? 
_refine.ls_wR_factor_R_work                      ? 
_refine.occupancy_max                            ? 
_refine.occupancy_min                            ? 
_refine.solvent_model_details                    ? 
_refine.solvent_model_param_bsol                 ? 
_refine.solvent_model_param_ksol                 ? 
_refine.ls_R_factor_gt                           ? 
_refine.ls_goodness_of_fit_gt                    ? 
_refine.ls_goodness_of_fit_ref                   ? 
_refine.ls_shift_over_su_max                     ? 
_refine.ls_shift_over_su_max_lt                  ? 
_refine.ls_shift_over_su_mean                    ? 
_refine.ls_shift_over_su_mean_lt                 ? 
_refine.pdbx_ls_sigma_I                          ? 
_refine.pdbx_ls_sigma_F                          0.000 
_refine.pdbx_ls_sigma_Fsqd                       ? 
_refine.pdbx_data_cutoff_high_absF               ? 
_refine.pdbx_data_cutoff_high_rms_absF           ? 
_refine.pdbx_data_cutoff_low_absF                ? 
_refine.pdbx_isotropic_thermal_model             ? 
_refine.pdbx_ls_cross_valid_method               THROUGHOUT 
_refine.pdbx_method_to_determine_struct          'MOLECULAR REPLACEMENT' 
_refine.pdbx_starting_model                      3RZY 
_refine.pdbx_stereochemistry_target_values       ? 
_refine.pdbx_R_Free_selection_details            RANDOM 
_refine.pdbx_stereochem_target_val_spec_case     ? 
_refine.pdbx_overall_ESU_R                       ? 
_refine.pdbx_overall_ESU_R_Free                  ? 
_refine.pdbx_solvent_vdw_probe_radii             ? 
_refine.pdbx_solvent_ion_probe_radii             ? 
_refine.pdbx_solvent_shrinkage_radii             ? 
_refine.pdbx_real_space_R                        ? 
_refine.pdbx_density_correlation                 ? 
_refine.pdbx_pd_number_of_powder_patterns        ? 
_refine.pdbx_pd_number_of_points                 ? 
_refine.pdbx_pd_meas_number_of_points            ? 
_refine.pdbx_pd_proc_ls_prof_R_factor            ? 
_refine.pdbx_pd_proc_ls_prof_wR_factor           ? 
_refine.pdbx_pd_Marquardt_correlation_coeff      ? 
_refine.pdbx_pd_Fsqrd_R_factor                   ? 
_refine.pdbx_pd_ls_matrix_band_width             ? 
_refine.pdbx_overall_phase_error                 ? 
_refine.pdbx_overall_SU_R_free_Cruickshank_DPI   0.138 
_refine.pdbx_overall_SU_R_free_Blow_DPI          0.141 
_refine.pdbx_overall_SU_R_Blow_DPI               0.169 
_refine.pdbx_TLS_residual_ADP_flag               ? 
_refine.pdbx_diffrn_id                           1 
_refine.overall_SU_B                             ? 
_refine.overall_SU_ML                            ? 
_refine.overall_SU_R_Cruickshank_DPI             0.162 
_refine.overall_SU_R_free                        ? 
_refine.overall_FOM_free_R_set                   ? 
_refine.overall_FOM_work_R_set                   ? 
_refine.pdbx_average_fsc_overall                 ? 
_refine.pdbx_average_fsc_work                    ? 
_refine.pdbx_average_fsc_free                    ? 
# 
_refine_analyze.entry_id                        6AYL 
_refine_analyze.pdbx_refine_id                  'X-RAY DIFFRACTION' 
_refine_analyze.Luzzati_coordinate_error_free   ? 
_refine_analyze.Luzzati_coordinate_error_obs    0.32 
_refine_analyze.Luzzati_d_res_low_free          ? 
_refine_analyze.Luzzati_d_res_low_obs           ? 
_refine_analyze.Luzzati_sigma_a_free            ? 
_refine_analyze.Luzzati_sigma_a_free_details    ? 
_refine_analyze.Luzzati_sigma_a_obs             ? 
_refine_analyze.Luzzati_sigma_a_obs_details     ? 
_refine_analyze.number_disordered_residues      ? 
_refine_analyze.occupancy_sum_hydrogen          ? 
_refine_analyze.occupancy_sum_non_hydrogen      ? 
_refine_analyze.RG_d_res_high                   ? 
_refine_analyze.RG_d_res_low                    ? 
_refine_analyze.RG_free                         ? 
_refine_analyze.RG_work                         ? 
_refine_analyze.RG_free_work_ratio              ? 
_refine_analyze.pdbx_Luzzati_d_res_high_obs     ? 
# 
_refine_hist.pdbx_refine_id                   'X-RAY DIFFRACTION' 
_refine_hist.cycle_id                         1 
_refine_hist.pdbx_number_atoms_protein        985 
_refine_hist.pdbx_number_atoms_nucleic_acid   0 
_refine_hist.pdbx_number_atoms_ligand         50 
_refine_hist.number_atoms_solvent             51 
_refine_hist.number_atoms_total               1086 
_refine_hist.d_res_high                       1.86 
_refine_hist.d_res_low                        37.49 
# 
loop_
_refine_ls_restr.pdbx_refine_id 
_refine_ls_restr.criterion 
_refine_ls_restr.dev_ideal 
_refine_ls_restr.dev_ideal_target 
_refine_ls_restr.number 
_refine_ls_restr.rejects 
_refine_ls_restr.type 
_refine_ls_restr.weight 
_refine_ls_restr.pdbx_restraint_function 
'X-RAY DIFFRACTION' ? 0.010 ? 1086 ? t_bond_d                  2.00  HARMONIC     
'X-RAY DIFFRACTION' ? 1.10  ? 1481 ? t_angle_deg               2.00  HARMONIC     
'X-RAY DIFFRACTION' ? ?     ? 363  ? t_dihedral_angle_d        2.00  SINUSOIDAL   
'X-RAY DIFFRACTION' ? ?     ? ?    ? t_incorr_chiral_ct        ?     ?            
'X-RAY DIFFRACTION' ? ?     ? ?    ? t_pseud_angle             ?     ?            
'X-RAY DIFFRACTION' ? ?     ? 22   ? t_trig_c_planes           2.00  HARMONIC     
'X-RAY DIFFRACTION' ? ?     ? 225  ? t_gen_planes              5.00  HARMONIC     
'X-RAY DIFFRACTION' ? ?     ? 1086 ? t_it                      20.00 HARMONIC     
'X-RAY DIFFRACTION' ? ?     ? ?    ? t_nbd                     ?     ?            
'X-RAY DIFFRACTION' ? 3.16  ? ?    ? t_omega_torsion           ?     ?            
'X-RAY DIFFRACTION' ? 19.17 ? ?    ? t_other_torsion           ?     ?            
'X-RAY DIFFRACTION' ? ?     ? ?    ? t_improper_torsion        ?     ?            
'X-RAY DIFFRACTION' ? ?     ? 147  ? t_chiral_improper_torsion 5.00  SEMIHARMONIC 
'X-RAY DIFFRACTION' ? ?     ? ?    ? t_sum_occupancies         ?     ?            
'X-RAY DIFFRACTION' ? ?     ? ?    ? t_utility_distance        ?     ?            
'X-RAY DIFFRACTION' ? ?     ? ?    ? t_utility_angle           ?     ?            
'X-RAY DIFFRACTION' ? ?     ? ?    ? t_utility_torsion         ?     ?            
'X-RAY DIFFRACTION' ? ?     ? 1224 ? t_ideal_dist_contact      4.00  SEMIHARMONIC 
# 
_refine_ls_shell.pdbx_refine_id                   'X-RAY DIFFRACTION' 
_refine_ls_shell.d_res_high                       1.86 
_refine_ls_shell.d_res_low                        2.04 
_refine_ls_shell.number_reflns_all                2268 
_refine_ls_shell.number_reflns_obs                ? 
_refine_ls_shell.number_reflns_R_free             107 
_refine_ls_shell.number_reflns_R_work             2161 
_refine_ls_shell.percent_reflns_obs               83.46 
_refine_ls_shell.percent_reflns_R_free            4.72 
_refine_ls_shell.R_factor_all                     0.238 
_refine_ls_shell.R_factor_obs                     ? 
_refine_ls_shell.R_factor_R_free                  0.260 
_refine_ls_shell.R_factor_R_free_error            0.000 
_refine_ls_shell.R_factor_R_work                  0.237 
_refine_ls_shell.redundancy_reflns_all            ? 
_refine_ls_shell.redundancy_reflns_obs            ? 
_refine_ls_shell.wR_factor_all                    ? 
_refine_ls_shell.wR_factor_obs                    ? 
_refine_ls_shell.wR_factor_R_free                 ? 
_refine_ls_shell.wR_factor_R_work                 ? 
_refine_ls_shell.pdbx_total_number_of_bins_used   6 
_refine_ls_shell.pdbx_phase_error                 ? 
_refine_ls_shell.pdbx_fsc_work                    ? 
_refine_ls_shell.pdbx_fsc_free                    ? 
# 
_struct.entry_id                     6AYL 
_struct.title                        'Human adipocyte lipid-binding protein FABP4 in complex with fluorescein' 
_struct.pdbx_model_details           ? 
_struct.pdbx_formula_weight          ? 
_struct.pdbx_formula_weight_method   ? 
_struct.pdbx_model_type_details      ? 
_struct.pdbx_CASP_flag               N 
# 
_struct_keywords.entry_id        6AYL 
_struct_keywords.text            'LIPID BINDING PROTEIN' 
_struct_keywords.pdbx_keywords   'LIPID BINDING PROTEIN' 
# 
loop_
_struct_asym.id 
_struct_asym.pdbx_blank_PDB_chainid_flag 
_struct_asym.pdbx_modified 
_struct_asym.entity_id 
_struct_asym.details 
A N N 1 ? 
B N N 2 ? 
C N N 2 ? 
D N N 3 ? 
# 
loop_
_struct_conf.conf_type_id 
_struct_conf.id 
_struct_conf.pdbx_PDB_helix_id 
_struct_conf.beg_label_comp_id 
_struct_conf.beg_label_asym_id 
_struct_conf.beg_label_seq_id 
_struct_conf.pdbx_beg_PDB_ins_code 
_struct_conf.end_label_comp_id 
_struct_conf.end_label_asym_id 
_struct_conf.end_label_seq_id 
_struct_conf.pdbx_end_PDB_ins_code 
_struct_conf.beg_auth_comp_id 
_struct_conf.beg_auth_asym_id 
_struct_conf.beg_auth_seq_id 
_struct_conf.end_auth_comp_id 
_struct_conf.end_auth_asym_id 
_struct_conf.end_auth_seq_id 
_struct_conf.pdbx_PDB_helix_class 
_struct_conf.details 
_struct_conf.pdbx_PDB_helix_length 
HELX_P HELX_P1 AA1 SER A 7  ? PHE A 12 ? SER A -1 PHE A 4  5 ? 6  
HELX_P HELX_P2 AA2 ASN A 23 ? GLY A 32 ? ASN A 15 GLY A 24 1 ? 10 
HELX_P HELX_P3 AA3 GLY A 34 ? ALA A 44 ? GLY A 26 ALA A 36 1 ? 11 
# 
_struct_conf_type.id          HELX_P 
_struct_conf_type.criteria    ? 
_struct_conf_type.reference   ? 
# 
_struct_sheet.id               AA1 
_struct_sheet.type             ? 
_struct_sheet.number_strands   10 
_struct_sheet.details          ? 
# 
loop_
_struct_sheet_order.sheet_id 
_struct_sheet_order.range_id_1 
_struct_sheet_order.range_id_2 
_struct_sheet_order.offset 
_struct_sheet_order.sense 
AA1 1 2  ? anti-parallel 
AA1 2 3  ? anti-parallel 
AA1 3 4  ? anti-parallel 
AA1 4 5  ? anti-parallel 
AA1 5 6  ? anti-parallel 
AA1 6 7  ? anti-parallel 
AA1 7 8  ? anti-parallel 
AA1 8 9  ? anti-parallel 
AA1 9 10 ? anti-parallel 
# 
loop_
_struct_sheet_range.sheet_id 
_struct_sheet_range.id 
_struct_sheet_range.beg_label_comp_id 
_struct_sheet_range.beg_label_asym_id 
_struct_sheet_range.beg_label_seq_id 
_struct_sheet_range.pdbx_beg_PDB_ins_code 
_struct_sheet_range.end_label_comp_id 
_struct_sheet_range.end_label_asym_id 
_struct_sheet_range.end_label_seq_id 
_struct_sheet_range.pdbx_end_PDB_ins_code 
_struct_sheet_range.beg_auth_comp_id 
_struct_sheet_range.beg_auth_asym_id 
_struct_sheet_range.beg_auth_seq_id 
_struct_sheet_range.end_auth_comp_id 
_struct_sheet_range.end_auth_asym_id 
_struct_sheet_range.end_auth_seq_id 
AA1 1  ASN A 67  ? ILE A 73  ? ASN A 59  ILE A 65  
AA1 2  VAL A 56  ? GLU A 62  ? VAL A 48  GLU A 54  
AA1 3  ASN A 47  ? ASN A 53  ? ASN A 39  ASN A 45  
AA1 4  GLY A 14  ? GLU A 22  ? GLY A 6   GLU A 14  
AA1 5  VAL A 130 ? ARG A 138 ? VAL A 122 ARG A 130 
AA1 6  LYS A 120 ? MET A 127 ? LYS A 112 MET A 119 
AA1 7  LYS A 108 ? GLU A 117 ? LYS A 100 GLU A 109 
AA1 8  VAL A 98  ? TRP A 105 ? VAL A 90  TRP A 97  
AA1 9  VAL A 88  ? ASP A 95  ? VAL A 80  ASP A 87  
AA1 10 PHE A 78  ? GLU A 80  ? PHE A 70  GLU A 72  
# 
loop_
_pdbx_struct_sheet_hbond.sheet_id 
_pdbx_struct_sheet_hbond.range_id_1 
_pdbx_struct_sheet_hbond.range_id_2 
_pdbx_struct_sheet_hbond.range_1_label_atom_id 
_pdbx_struct_sheet_hbond.range_1_label_comp_id 
_pdbx_struct_sheet_hbond.range_1_label_asym_id 
_pdbx_struct_sheet_hbond.range_1_label_seq_id 
_pdbx_struct_sheet_hbond.range_1_PDB_ins_code 
_pdbx_struct_sheet_hbond.range_1_auth_atom_id 
_pdbx_struct_sheet_hbond.range_1_auth_comp_id 
_pdbx_struct_sheet_hbond.range_1_auth_asym_id 
_pdbx_struct_sheet_hbond.range_1_auth_seq_id 
_pdbx_struct_sheet_hbond.range_2_label_atom_id 
_pdbx_struct_sheet_hbond.range_2_label_comp_id 
_pdbx_struct_sheet_hbond.range_2_label_asym_id 
_pdbx_struct_sheet_hbond.range_2_label_seq_id 
_pdbx_struct_sheet_hbond.range_2_PDB_ins_code 
_pdbx_struct_sheet_hbond.range_2_auth_atom_id 
_pdbx_struct_sheet_hbond.range_2_auth_comp_id 
_pdbx_struct_sheet_hbond.range_2_auth_asym_id 
_pdbx_struct_sheet_hbond.range_2_auth_seq_id 
AA1 1 2  O PHE A 72  ? O PHE A 64  N ILE A 57  ? N ILE A 49  
AA1 2 3  O LYS A 60  ? O LYS A 52  N ILE A 49  ? N ILE A 41  
AA1 3 4  O MET A 48  ? O MET A 40  N TRP A 16  ? N TRP A 8   
AA1 4 5  N VAL A 19  ? N VAL A 11  O VAL A 135 ? O VAL A 127 
AA1 5 6  O ARG A 134 ? O ARG A 126 N VAL A 123 ? N VAL A 115 
AA1 6 7  O GLU A 124 ? O GLU A 116 N LYS A 113 ? N LYS A 105 
AA1 7 8  O ILE A 112 ? O ILE A 104 N HIS A 101 ? N HIS A 93  
AA1 8 9  O VAL A 98  ? O VAL A 90  N ASP A 95  ? N ASP A 87  
AA1 9 10 O SER A 90  ? O SER A 82  N PHE A 78  ? N PHE A 70  
# 
loop_
_struct_site.id 
_struct_site.pdbx_evidence_code 
_struct_site.pdbx_auth_asym_id 
_struct_site.pdbx_auth_comp_id 
_struct_site.pdbx_auth_seq_id 
_struct_site.pdbx_auth_ins_code 
_struct_site.pdbx_num_residues 
_struct_site.details 
AC1 Software A FLU 201 ? 15 'binding site for residue FLU A 201' 
AC2 Software A FLU 202 ? 11 'binding site for residue FLU A 202' 
# 
loop_
_struct_site_gen.id 
_struct_site_gen.site_id 
_struct_site_gen.pdbx_num_res 
_struct_site_gen.label_comp_id 
_struct_site_gen.label_asym_id 
_struct_site_gen.label_seq_id 
_struct_site_gen.pdbx_auth_ins_code 
_struct_site_gen.auth_comp_id 
_struct_site_gen.auth_asym_id 
_struct_site_gen.auth_seq_id 
_struct_site_gen.label_atom_id 
_struct_site_gen.label_alt_id 
_struct_site_gen.symmetry 
_struct_site_gen.details 
1  AC1 15 PHE A 24  ? PHE A 16  . ? 1_555 ? 
2  AC1 15 ALA A 44  ? ALA A 36  . ? 1_555 ? 
3  AC1 15 PRO A 46  ? PRO A 38  . ? 1_555 ? 
4  AC1 15 MET A 48  ? MET A 40  . ? 1_555 ? 
5  AC1 15 SER A 61  ? SER A 53  . ? 1_555 ? 
6  AC1 15 THR A 68  ? THR A 60  . ? 1_555 ? 
7  AC1 15 ILE A 70  ? ILE A 62  . ? 1_555 ? 
8  AC1 15 ILE A 112 ? ILE A 104 . ? 1_555 ? 
9  AC1 15 ARG A 114 ? ARG A 106 . ? 1_555 ? 
10 AC1 15 CYS A 125 ? CYS A 117 . ? 1_555 ? 
11 AC1 15 ARG A 134 ? ARG A 126 . ? 1_555 ? 
12 AC1 15 TYR A 136 ? TYR A 128 . ? 1_555 ? 
13 AC1 15 FLU C .   ? FLU A 202 . ? 1_555 ? 
14 AC1 15 HOH D .   ? HOH A 303 . ? 1_555 ? 
15 AC1 15 HOH D .   ? HOH A 304 . ? 1_555 ? 
16 AC2 11 VAL A 33  ? VAL A 25  . ? 1_555 ? 
17 AC2 11 ALA A 41  ? ALA A 33  . ? 1_555 ? 
18 AC2 11 LYS A 66  ? LYS A 58  . ? 1_555 ? 
19 AC2 11 THR A 68  ? THR A 60  . ? 1_555 ? 
20 AC2 11 GLU A 80  ? GLU A 72  . ? 1_555 ? 
21 AC2 11 THR A 82  ? THR A 74  . ? 1_555 ? 
22 AC2 11 ALA A 83  ? ALA A 75  . ? 1_555 ? 
23 AC2 11 ARG A 86  ? ARG A 78  . ? 1_555 ? 
24 AC2 11 FLU B .   ? FLU A 201 . ? 1_555 ? 
25 AC2 11 HOH D .   ? HOH A 306 . ? 1_555 ? 
26 AC2 11 HOH D .   ? HOH A 309 . ? 1_555 ? 
# 
_atom_sites.entry_id                    6AYL 
_atom_sites.fract_transf_matrix[1][1]   0.02585394 
_atom_sites.fract_transf_matrix[1][2]   0.01502441 
_atom_sites.fract_transf_matrix[1][3]   0.00369566 
_atom_sites.fract_transf_matrix[2][1]   0.00814272 
_atom_sites.fract_transf_matrix[2][2]   -0.01565324 
_atom_sites.fract_transf_matrix[2][3]   0.00667254 
_atom_sites.fract_transf_matrix[3][1]   0.00370930 
_atom_sites.fract_transf_matrix[3][2]   -0.00334139 
_atom_sites.fract_transf_matrix[3][3]   -0.01236521 
_atom_sites.fract_transf_vector[1]      0.244500 
_atom_sites.fract_transf_vector[2]      0.174097 
_atom_sites.fract_transf_vector[3]      0.200919 
# 
loop_
_atom_type.symbol 
C 
N 
O 
S 
# 
loop_
_atom_site.group_PDB 
_atom_site.id 
_atom_site.type_symbol 
_atom_site.label_atom_id 
_atom_site.label_alt_id 
_atom_site.label_comp_id 
_atom_site.label_asym_id 
_atom_site.label_entity_id 
_atom_site.label_seq_id 
_atom_site.pdbx_PDB_ins_code 
_atom_site.Cartn_x 
_atom_site.Cartn_y 
_atom_site.Cartn_z 
_atom_site.occupancy 
_atom_site.B_iso_or_equiv 
_atom_site.pdbx_formal_charge 
_atom_site.auth_seq_id 
_atom_site.auth_comp_id 
_atom_site.auth_asym_id 
_atom_site.auth_atom_id 
_atom_site.pdbx_PDB_model_num 
ATOM   1    N N   . SER A 1 7   ? 0.147   -2.011  21.066  1.00 52.50  ? -1  SER A N   1 
ATOM   2    C CA  . SER A 1 7   ? 1.474   -1.633  20.568  1.00 52.20  ? -1  SER A CA  1 
ATOM   3    C C   . SER A 1 7   ? 1.416   -0.393  19.644  1.00 55.37  ? -1  SER A C   1 
ATOM   4    O O   . SER A 1 7   ? 0.395   0.303   19.601  1.00 53.64  ? -1  SER A O   1 
ATOM   5    C CB  . SER A 1 7   ? 2.117   -2.817  19.853  1.00 55.40  ? -1  SER A CB  1 
ATOM   6    O OG  . SER A 1 7   ? 1.346   -3.177  18.718  1.00 66.85  ? -1  SER A OG  1 
ATOM   7    N N   . MET A 1 8   ? 2.525   -0.111  18.932  1.00 53.53  ? 0   MET A N   1 
ATOM   8    C CA  . MET A 1 8   ? 2.652   1.004   17.983  1.00 54.06  ? 0   MET A CA  1 
ATOM   9    C C   . MET A 1 8   ? 1.716   0.826   16.768  1.00 59.04  ? 0   MET A C   1 
ATOM   10   O O   . MET A 1 8   ? 1.282   1.829   16.199  1.00 59.09  ? 0   MET A O   1 
ATOM   11   C CB  . MET A 1 8   ? 4.118   1.174   17.529  1.00 56.26  ? 0   MET A CB  1 
ATOM   12   N N   . CYS A 1 9   ? 1.373   -0.440  16.412  1.00 56.70  ? 1   CYS A N   1 
ATOM   13   C CA  . CYS A 1 9   ? 0.459   -0.786  15.310  1.00 57.96  ? 1   CYS A CA  1 
ATOM   14   C C   . CYS A 1 9   ? -0.957  -0.273  15.527  1.00 59.97  ? 1   CYS A C   1 
ATOM   15   O O   . CYS A 1 9   ? -1.647  0.001   14.552  1.00 60.71  ? 1   CYS A O   1 
ATOM   16   C CB  . CYS A 1 9   ? 0.466   -2.286  15.035  1.00 59.65  ? 1   CYS A CB  1 
ATOM   17   S SG  . CYS A 1 9   ? 2.013   -2.901  14.329  1.00 64.66  ? 1   CYS A SG  1 
ATOM   18   N N   . ASP A 1 10  ? -1.389  -0.139  16.791  1.00 55.41  ? 2   ASP A N   1 
ATOM   19   C CA  . ASP A 1 10  ? -2.718  0.366   17.161  1.00 54.95  ? 2   ASP A CA  1 
ATOM   20   C C   . ASP A 1 10  ? -3.103  1.721   16.513  1.00 56.51  ? 2   ASP A C   1 
ATOM   21   O O   . ASP A 1 10  ? -4.287  1.917   16.222  1.00 56.87  ? 2   ASP A O   1 
ATOM   22   C CB  . ASP A 1 10  ? -2.862  0.433   18.683  1.00 57.13  ? 2   ASP A CB  1 
ATOM   23   C CG  . ASP A 1 10  ? -2.782  -0.914  19.389  1.00 64.64  ? 2   ASP A CG  1 
ATOM   24   O OD1 . ASP A 1 10  ? -2.645  -1.965  18.685  1.00 62.27  ? 2   ASP A OD1 1 
ATOM   25   O OD2 . ASP A 1 10  ? -2.842  -0.928  20.639  1.00 74.14  ? 2   ASP A OD2 1 
ATOM   26   N N   . ALA A 1 11  ? -2.102  2.635   16.265  1.00 48.70  ? 3   ALA A N   1 
ATOM   27   C CA  . ALA A 1 11  ? -2.252  3.943   15.606  1.00 46.13  ? 3   ALA A CA  1 
ATOM   28   C C   . ALA A 1 11  ? -2.743  3.768   14.132  1.00 42.24  ? 3   ALA A C   1 
ATOM   29   O O   . ALA A 1 11  ? -3.377  4.662   13.565  1.00 41.83  ? 3   ALA A O   1 
ATOM   30   C CB  . ALA A 1 11  ? -0.910  4.656   15.595  1.00 46.85  ? 3   ALA A CB  1 
ATOM   31   N N   . PHE A 1 12  ? -2.424  2.620   13.535  1.00 32.94  ? 4   PHE A N   1 
ATOM   32   C CA  . PHE A 1 12  ? -2.798  2.261   12.161  1.00 30.97  ? 4   PHE A CA  1 
ATOM   33   C C   . PHE A 1 12  ? -4.111  1.489   12.141  1.00 31.82  ? 4   PHE A C   1 
ATOM   34   O O   . PHE A 1 12  ? -4.792  1.473   11.127  1.00 30.56  ? 4   PHE A O   1 
ATOM   35   C CB  . PHE A 1 12  ? -1.696  1.397   11.507  1.00 31.37  ? 4   PHE A CB  1 
ATOM   36   C CG  . PHE A 1 12  ? -0.436  2.167   11.233  1.00 31.92  ? 4   PHE A CG  1 
ATOM   37   C CD1 . PHE A 1 12  ? -0.328  2.974   10.106  1.00 32.97  ? 4   PHE A CD1 1 
ATOM   38   C CD2 . PHE A 1 12  ? 0.640   2.108   12.112  1.00 33.81  ? 4   PHE A CD2 1 
ATOM   39   C CE1 . PHE A 1 12  ? 0.832   3.707   9.869   1.00 33.52  ? 4   PHE A CE1 1 
ATOM   40   C CE2 . PHE A 1 12  ? 1.798   2.849   11.875  1.00 36.30  ? 4   PHE A CE2 1 
ATOM   41   C CZ  . PHE A 1 12  ? 1.882   3.651   10.761  1.00 33.63  ? 4   PHE A CZ  1 
ATOM   42   N N   . VAL A 1 13  ? -4.458  0.843   13.261  1.00 28.24  ? 5   VAL A N   1 
ATOM   43   C CA  . VAL A 1 13  ? -5.639  -0.016  13.341  1.00 27.30  ? 5   VAL A CA  1 
ATOM   44   C C   . VAL A 1 13  ? -6.905  0.795   13.186  1.00 33.89  ? 5   VAL A C   1 
ATOM   45   O O   . VAL A 1 13  ? -7.024  1.891   13.754  1.00 31.74  ? 5   VAL A O   1 
ATOM   46   C CB  . VAL A 1 13  ? -5.619  -0.907  14.633  1.00 29.97  ? 5   VAL A CB  1 
ATOM   47   C CG1 . VAL A 1 13  ? -6.925  -1.668  14.792  1.00 30.04  ? 5   VAL A CG1 1 
ATOM   48   C CG2 . VAL A 1 13  ? -4.472  -1.890  14.567  1.00 29.12  ? 5   VAL A CG2 1 
ATOM   49   N N   . GLY A 1 14  ? -7.806  0.277   12.360  1.00 31.46  ? 6   GLY A N   1 
ATOM   50   C CA  . GLY A 1 14  ? -9.087  0.914   12.116  1.00 31.66  ? 6   GLY A CA  1 
ATOM   51   C C   . GLY A 1 14  ? -9.505  0.857   10.663  1.00 35.18  ? 6   GLY A C   1 
ATOM   52   O O   . GLY A 1 14  ? -8.880  0.163   9.860   1.00 33.86  ? 6   GLY A O   1 
ATOM   53   N N   . THR A 1 15  ? -10.602 1.540   10.348  1.00 32.09  ? 7   THR A N   1 
ATOM   54   C CA  . THR A 1 15  ? -11.166 1.615   8.994   1.00 33.23  ? 7   THR A CA  1 
ATOM   55   C C   . THR A 1 15  ? -10.798 2.973   8.414   1.00 36.40  ? 7   THR A C   1 
ATOM   56   O O   . THR A 1 15  ? -11.003 4.006   9.058   1.00 36.40  ? 7   THR A O   1 
ATOM   57   C CB  . THR A 1 15  ? -12.681 1.311   9.012   1.00 44.42  ? 7   THR A CB  1 
ATOM   58   O OG1 . THR A 1 15  ? -12.896 0.132   9.787   1.00 44.61  ? 7   THR A OG1 1 
ATOM   59   C CG2 . THR A 1 15  ? -13.246 1.075   7.604   1.00 46.34  ? 7   THR A CG2 1 
ATOM   60   N N   . TRP A 1 16  ? -10.258 2.974   7.183   1.00 32.70  ? 8   TRP A N   1 
ATOM   61   C CA  . TRP A 1 16  ? -9.766  4.168   6.513   1.00 30.13  ? 8   TRP A CA  1 
ATOM   62   C C   . TRP A 1 16  ? -10.426 4.298   5.161   1.00 34.59  ? 8   TRP A C   1 
ATOM   63   O O   . TRP A 1 16  ? -10.688 3.288   4.522   1.00 34.18  ? 8   TRP A O   1 
ATOM   64   C CB  . TRP A 1 16  ? -8.252  4.046   6.342   1.00 28.28  ? 8   TRP A CB  1 
ATOM   65   C CG  . TRP A 1 16  ? -7.556  3.879   7.659   1.00 28.88  ? 8   TRP A CG  1 
ATOM   66   C CD1 . TRP A 1 16  ? -7.220  2.707   8.264   1.00 31.67  ? 8   TRP A CD1 1 
ATOM   67   C CD2 . TRP A 1 16  ? -7.139  4.920   8.539   1.00 29.06  ? 8   TRP A CD2 1 
ATOM   68   N NE1 . TRP A 1 16  ? -6.639  2.952   9.483   1.00 30.76  ? 8   TRP A NE1 1 
ATOM   69   C CE2 . TRP A 1 16  ? -6.569  4.304   9.679   1.00 32.76  ? 8   TRP A CE2 1 
ATOM   70   C CE3 . TRP A 1 16  ? -7.260  6.323   8.517   1.00 30.28  ? 8   TRP A CE3 1 
ATOM   71   C CZ2 . TRP A 1 16  ? -6.050  5.037   10.753  1.00 32.96  ? 8   TRP A CZ2 1 
ATOM   72   C CZ3 . TRP A 1 16  ? -6.749  7.051   9.581   1.00 32.91  ? 8   TRP A CZ3 1 
ATOM   73   C CH2 . TRP A 1 16  ? -6.155  6.409   10.686  1.00 33.70  ? 8   TRP A CH2 1 
ATOM   74   N N   . LYS A 1 17  ? -10.678 5.527   4.722   1.00 30.90  ? 9   LYS A N   1 
ATOM   75   C CA  . LYS A 1 17  ? -11.332 5.796   3.434   1.00 29.72  ? 9   LYS A CA  1 
ATOM   76   C C   . LYS A 1 17  ? -10.462 6.689   2.610   1.00 29.87  ? 9   LYS A C   1 
ATOM   77   O O   . LYS A 1 17  ? -10.021 7.714   3.111   1.00 29.10  ? 9   LYS A O   1 
ATOM   78   C CB  . LYS A 1 17  ? -12.686 6.495   3.686   1.00 33.55  ? 9   LYS A CB  1 
ATOM   79   N N   . LEU A 1 18  ? -10.272 6.377   1.318   1.00 29.44  ? 10  LEU A N   1 
ATOM   80   C CA  . LEU A 1 18  ? -9.435  7.232   0.486   1.00 30.94  ? 10  LEU A CA  1 
ATOM   81   C C   . LEU A 1 18  ? -10.119 8.596   0.282   1.00 38.39  ? 10  LEU A C   1 
ATOM   82   O O   . LEU A 1 18  ? -11.279 8.625   -0.106  1.00 38.65  ? 10  LEU A O   1 
ATOM   83   C CB  . LEU A 1 18  ? -9.071  6.565   -0.861  1.00 30.55  ? 10  LEU A CB  1 
ATOM   84   C CG  . LEU A 1 18  ? -8.117  7.385   -1.749  1.00 35.12  ? 10  LEU A CG  1 
ATOM   85   C CD1 . LEU A 1 18  ? -6.685  7.302   -1.253  1.00 34.98  ? 10  LEU A CD1 1 
ATOM   86   C CD2 . LEU A 1 18  ? -8.233  6.988   -3.226  1.00 36.83  ? 10  LEU A CD2 1 
ATOM   87   N N   . VAL A 1 19  ? -9.417  9.702   0.550   1.00 36.60  ? 11  VAL A N   1 
ATOM   88   C CA  . VAL A 1 19  ? -10.020 11.033  0.370   1.00 37.90  ? 11  VAL A CA  1 
ATOM   89   C C   . VAL A 1 19  ? -9.310  11.840  -0.705  1.00 43.17  ? 11  VAL A C   1 
ATOM   90   O O   . VAL A 1 19  ? -9.926  12.716  -1.311  1.00 44.19  ? 11  VAL A O   1 
ATOM   91   C CB  . VAL A 1 19  ? -10.218 11.860  1.680   1.00 41.53  ? 11  VAL A CB  1 
ATOM   92   C CG1 . VAL A 1 19  ? -11.266 11.209  2.573   1.00 41.53  ? 11  VAL A CG1 1 
ATOM   93   C CG2 . VAL A 1 19  ? -8.904  12.095  2.434   1.00 40.87  ? 11  VAL A CG2 1 
ATOM   94   N N   . SER A 1 20  ? -8.026  11.555  -0.944  1.00 38.27  ? 12  SER A N   1 
ATOM   95   C CA  . SER A 1 20  ? -7.258  12.269  -1.953  1.00 37.02  ? 12  SER A CA  1 
ATOM   96   C C   . SER A 1 20  ? -6.151  11.397  -2.544  1.00 36.64  ? 12  SER A C   1 
ATOM   97   O O   . SER A 1 20  ? -5.636  10.498  -1.878  1.00 34.62  ? 12  SER A O   1 
ATOM   98   C CB  . SER A 1 20  ? -6.732  13.600  -1.406  1.00 41.76  ? 12  SER A CB  1 
ATOM   99   O OG  . SER A 1 20  ? -5.395  13.564  -0.939  1.00 50.72  ? 12  SER A OG  1 
ATOM   100  N N   . SER A 1 21  ? -5.782  11.673  -3.789  1.00 33.51  ? 13  SER A N   1 
ATOM   101  C CA  . SER A 1 21  ? -4.732  10.930  -4.481  1.00 34.64  ? 13  SER A CA  1 
ATOM   102  C C   . SER A 1 21  ? -4.082  11.871  -5.447  1.00 42.29  ? 13  SER A C   1 
ATOM   103  O O   . SER A 1 21  ? -4.763  12.667  -6.102  1.00 43.53  ? 13  SER A O   1 
ATOM   104  C CB  . SER A 1 21  ? -5.310  9.723   -5.216  1.00 37.45  ? 13  SER A CB  1 
ATOM   105  O OG  . SER A 1 21  ? -4.294  9.070   -5.966  1.00 40.85  ? 13  SER A OG  1 
ATOM   106  N N   . GLU A 1 22  ? -2.769  11.818  -5.513  1.00 38.41  ? 14  GLU A N   1 
ATOM   107  C CA  . GLU A 1 22  ? -2.018  12.696  -6.381  1.00 38.15  ? 14  GLU A CA  1 
ATOM   108  C C   . GLU A 1 22  ? -0.944  11.896  -7.092  1.00 38.35  ? 14  GLU A C   1 
ATOM   109  O O   . GLU A 1 22  ? -0.181  11.189  -6.444  1.00 35.88  ? 14  GLU A O   1 
ATOM   110  C CB  . GLU A 1 22  ? -1.399  13.835  -5.514  1.00 40.50  ? 14  GLU A CB  1 
ATOM   111  C CG  . GLU A 1 22  ? -0.286  14.627  -6.176  1.00 52.79  ? 14  GLU A CG  1 
ATOM   112  N N   . ASN A 1 23  ? -0.881  11.997  -8.430  1.00 33.17  ? 15  ASN A N   1 
ATOM   113  C CA  . ASN A 1 23  ? 0.160   11.404  -9.269  1.00 32.20  ? 15  ASN A CA  1 
ATOM   114  C C   . ASN A 1 23  ? 0.216   9.863   -9.274  1.00 34.28  ? 15  ASN A C   1 
ATOM   115  O O   . ASN A 1 23  ? 1.260   9.289   -9.622  1.00 33.60  ? 15  ASN A O   1 
ATOM   116  C CB  . ASN A 1 23  ? 1.540   12.005  -8.874  1.00 35.81  ? 15  ASN A CB  1 
ATOM   117  C CG  . ASN A 1 23  ? 2.543   12.094  -9.989  1.00 57.14  ? 15  ASN A CG  1 
ATOM   118  O OD1 . ASN A 1 23  ? 2.218   12.460  -11.118 1.00 58.34  ? 15  ASN A OD1 1 
ATOM   119  N ND2 . ASN A 1 23  ? 3.797   11.814  -9.679  1.00 45.69  ? 15  ASN A ND2 1 
ATOM   120  N N   . PHE A 1 24  ? -0.895  9.207   -8.885  1.00 30.08  ? 16  PHE A N   1 
ATOM   121  C CA  . PHE A 1 24  ? -1.008  7.752   -8.825  1.00 30.40  ? 16  PHE A CA  1 
ATOM   122  C C   . PHE A 1 24  ? -0.865  7.099   -10.196 1.00 34.55  ? 16  PHE A C   1 
ATOM   123  O O   . PHE A 1 24  ? -0.180  6.076   -10.312 1.00 31.89  ? 16  PHE A O   1 
ATOM   124  C CB  . PHE A 1 24  ? -2.304  7.326   -8.105  1.00 31.86  ? 16  PHE A CB  1 
ATOM   125  C CG  . PHE A 1 24  ? -2.321  5.889   -7.624  1.00 32.52  ? 16  PHE A CG  1 
ATOM   126  C CD1 . PHE A 1 24  ? -1.239  5.356   -6.916  1.00 33.29  ? 16  PHE A CD1 1 
ATOM   127  C CD2 . PHE A 1 24  ? -3.439  5.089   -7.816  1.00 34.46  ? 16  PHE A CD2 1 
ATOM   128  C CE1 . PHE A 1 24  ? -1.265  4.044   -6.451  1.00 33.60  ? 16  PHE A CE1 1 
ATOM   129  C CE2 . PHE A 1 24  ? -3.468  3.772   -7.337  1.00 36.76  ? 16  PHE A CE2 1 
ATOM   130  C CZ  . PHE A 1 24  ? -2.389  3.266   -6.643  1.00 34.22  ? 16  PHE A CZ  1 
ATOM   131  N N   . ASP A 1 25  ? -1.456  7.716   -11.248 1.00 32.07  ? 17  ASP A N   1 
ATOM   132  C CA  . ASP A 1 25  ? -1.308  7.183   -12.610 1.00 32.15  ? 17  ASP A CA  1 
ATOM   133  C C   . ASP A 1 25  ? 0.168   7.177   -13.054 1.00 35.39  ? 17  ASP A C   1 
ATOM   134  O O   . ASP A 1 25  ? 0.617   6.161   -13.563 1.00 33.36  ? 17  ASP A O   1 
ATOM   135  C CB  . ASP A 1 25  ? -2.186  7.953   -13.614 1.00 35.31  ? 17  ASP A CB  1 
ATOM   136  C CG  . ASP A 1 25  ? -2.150  7.371   -15.017 1.00 51.86  ? 17  ASP A CG  1 
ATOM   137  O OD1 . ASP A 1 25  ? -2.642  6.234   -15.203 1.00 51.90  ? 17  ASP A OD1 1 
ATOM   138  O OD2 . ASP A 1 25  ? -1.638  8.054   -15.925 1.00 60.24  ? 17  ASP A OD2 1 
ATOM   139  N N   . ASP A 1 26  ? 0.931   8.273   -12.795 1.00 32.24  ? 18  ASP A N   1 
ATOM   140  C CA  . ASP A 1 26  ? 2.360   8.373   -13.159 1.00 33.48  ? 18  ASP A CA  1 
ATOM   141  C C   . ASP A 1 26  ? 3.230   7.430   -12.347 1.00 37.68  ? 18  ASP A C   1 
ATOM   142  O O   . ASP A 1 26  ? 4.199   6.860   -12.873 1.00 37.72  ? 18  ASP A O   1 
ATOM   143  C CB  . ASP A 1 26  ? 2.861   9.812   -13.007 1.00 37.61  ? 18  ASP A CB  1 
ATOM   144  C CG  . ASP A 1 26  ? 2.249   10.752  -14.036 1.00 52.53  ? 18  ASP A CG  1 
ATOM   145  O OD1 . ASP A 1 26  ? 2.470   10.535  -15.236 1.00 54.98  ? 18  ASP A OD1 1 
ATOM   146  O OD2 . ASP A 1 26  ? 1.540   11.684  -13.635 1.00 59.58  ? 18  ASP A OD2 1 
ATOM   147  N N   . TYR A 1 27  ? 2.858   7.216   -11.073 1.00 32.52  ? 19  TYR A N   1 
ATOM   148  C CA  . TYR A 1 27  ? 3.554   6.239   -10.252 1.00 31.35  ? 19  TYR A CA  1 
ATOM   149  C C   . TYR A 1 27  ? 3.292   4.811   -10.800 1.00 30.91  ? 19  TYR A C   1 
ATOM   150  O O   . TYR A 1 27  ? 4.247   4.081   -11.007 1.00 29.24  ? 19  TYR A O   1 
ATOM   151  C CB  . TYR A 1 27  ? 3.150   6.402   -8.789  1.00 33.13  ? 19  TYR A CB  1 
ATOM   152  C CG  . TYR A 1 27  ? 3.499   5.209   -7.935  1.00 33.18  ? 19  TYR A CG  1 
ATOM   153  C CD1 . TYR A 1 27  ? 4.793   5.030   -7.451  1.00 34.35  ? 19  TYR A CD1 1 
ATOM   154  C CD2 . TYR A 1 27  ? 2.555   4.226   -7.658  1.00 33.22  ? 19  TYR A CD2 1 
ATOM   155  C CE1 . TYR A 1 27  ? 5.133   3.907   -6.700  1.00 32.29  ? 19  TYR A CE1 1 
ATOM   156  C CE2 . TYR A 1 27  ? 2.892   3.090   -6.921  1.00 34.49  ? 19  TYR A CE2 1 
ATOM   157  C CZ  . TYR A 1 27  ? 4.176   2.948   -6.424  1.00 35.52  ? 19  TYR A CZ  1 
ATOM   158  O OH  . TYR A 1 27  ? 4.494   1.858   -5.657  1.00 31.80  ? 19  TYR A OH  1 
ATOM   159  N N   . MET A 1 28  ? 2.024   4.430   -11.093 1.00 27.84  ? 20  MET A N   1 
ATOM   160  C CA  . MET A 1 28  ? 1.712   3.085   -11.635 1.00 28.77  ? 20  MET A CA  1 
ATOM   161  C C   . MET A 1 28  ? 2.390   2.813   -12.992 1.00 36.07  ? 20  MET A C   1 
ATOM   162  O O   . MET A 1 28  ? 2.856   1.699   -13.217 1.00 35.40  ? 20  MET A O   1 
ATOM   163  C CB  . MET A 1 28  ? 0.202   2.828   -11.739 1.00 30.79  ? 20  MET A CB  1 
ATOM   164  C CG  . MET A 1 28  ? -0.514  2.793   -10.388 1.00 33.96  ? 20  MET A CG  1 
ATOM   165  S SD  . MET A 1 28  ? -2.235  2.343   -10.620 1.00 37.02  ? 20  MET A SD  1 
ATOM   166  C CE  . MET A 1 28  ? -2.935  3.944   -11.138 1.00 34.09  ? 20  MET A CE  1 
ATOM   167  N N   . LYS A 1 29  ? 2.473   3.846   -13.868 1.00 35.01  ? 21  LYS A N   1 
ATOM   168  C CA  . LYS A 1 29  ? 3.175   3.808   -15.178 1.00 35.76  ? 21  LYS A CA  1 
ATOM   169  C C   . LYS A 1 29  ? 4.621   3.399   -14.916 1.00 39.26  ? 21  LYS A C   1 
ATOM   170  O O   . LYS A 1 29  ? 5.082   2.388   -15.443 1.00 37.18  ? 21  LYS A O   1 
ATOM   171  C CB  . LYS A 1 29  ? 3.158   5.218   -15.828 1.00 38.29  ? 21  LYS A CB  1 
ATOM   172  C CG  . LYS A 1 29  ? 2.357   5.310   -17.112 1.00 48.73  ? 21  LYS A CG  1 
ATOM   173  C CD  . LYS A 1 29  ? 2.386   6.722   -17.692 1.00 40.44  ? 21  LYS A CD  1 
ATOM   174  C CE  . LYS A 1 29  ? 1.104   7.457   -17.441 1.00 48.44  ? 21  LYS A CE  1 
ATOM   175  N NZ  . LYS A 1 29  ? 0.808   8.426   -18.530 1.00 67.22  ? 21  LYS A NZ  1 
ATOM   176  N N   . GLU A 1 30  ? 5.303   4.136   -14.012 1.00 38.19  ? 22  GLU A N   1 
ATOM   177  C CA  . GLU A 1 30  ? 6.685   3.852   -13.619 1.00 38.71  ? 22  GLU A CA  1 
ATOM   178  C C   . GLU A 1 30  ? 6.874   2.436   -13.032 1.00 42.51  ? 22  GLU A C   1 
ATOM   179  O O   . GLU A 1 30  ? 7.916   1.824   -13.272 1.00 43.10  ? 22  GLU A O   1 
ATOM   180  C CB  . GLU A 1 30  ? 7.204   4.944   -12.672 1.00 40.37  ? 22  GLU A CB  1 
ATOM   181  C CG  . GLU A 1 30  ? 8.719   5.041   -12.612 1.00 48.34  ? 22  GLU A CG  1 
ATOM   182  C CD  . GLU A 1 30  ? 9.376   5.781   -13.763 1.00 70.41  ? 22  GLU A CD  1 
ATOM   183  O OE1 . GLU A 1 30  ? 9.045   5.480   -14.931 1.00 59.49  ? 22  GLU A OE1 1 
ATOM   184  O OE2 . GLU A 1 30  ? 10.264  6.626   -13.502 1.00 71.87  ? 22  GLU A OE2 1 
ATOM   185  N N   . VAL A 1 31  ? 5.860   1.903   -12.302 1.00 36.20  ? 23  VAL A N   1 
ATOM   186  C CA  . VAL A 1 31  ? 5.906   0.538   -11.742 1.00 34.84  ? 23  VAL A CA  1 
ATOM   187  C C   . VAL A 1 31  ? 5.832   -0.507  -12.881 1.00 39.83  ? 23  VAL A C   1 
ATOM   188  O O   . VAL A 1 31  ? 6.397   -1.581  -12.764 1.00 38.59  ? 23  VAL A O   1 
ATOM   189  C CB  . VAL A 1 31  ? 4.835   0.325   -10.629 1.00 37.53  ? 23  VAL A CB  1 
ATOM   190  C CG1 . VAL A 1 31  ? 4.667   -1.145  -10.250 1.00 37.32  ? 23  VAL A CG1 1 
ATOM   191  C CG2 . VAL A 1 31  ? 5.171   1.146   -9.384  1.00 36.98  ? 23  VAL A CG2 1 
ATOM   192  N N   . GLY A 1 32  ? 5.143   -0.158  -13.968 1.00 37.97  ? 24  GLY A N   1 
ATOM   193  C CA  . GLY A 1 32  ? 4.961   -1.014  -15.126 1.00 38.06  ? 24  GLY A CA  1 
ATOM   194  C C   . GLY A 1 32  ? 3.555   -1.550  -15.228 1.00 41.58  ? 24  GLY A C   1 
ATOM   195  O O   . GLY A 1 32  ? 3.313   -2.454  -16.019 1.00 41.45  ? 24  GLY A O   1 
ATOM   196  N N   . VAL A 1 33  ? 2.616   -1.001  -14.415 1.00 37.36  ? 25  VAL A N   1 
ATOM   197  C CA  . VAL A 1 33  ? 1.201   -1.387  -14.435 1.00 36.09  ? 25  VAL A CA  1 
ATOM   198  C C   . VAL A 1 33  ? 0.620   -1.027  -15.808 1.00 39.50  ? 25  VAL A C   1 
ATOM   199  O O   . VAL A 1 33  ? 0.852   0.078   -16.306 1.00 37.31  ? 25  VAL A O   1 
ATOM   200  C CB  . VAL A 1 33  ? 0.393   -0.718  -13.271 1.00 38.92  ? 25  VAL A CB  1 
ATOM   201  C CG1 . VAL A 1 33  ? -1.072  -1.122  -13.313 1.00 38.75  ? 25  VAL A CG1 1 
ATOM   202  C CG2 . VAL A 1 33  ? 0.976   -1.081  -11.926 1.00 38.31  ? 25  VAL A CG2 1 
ATOM   203  N N   . GLY A 1 34  ? -0.095  -1.986  -16.406 1.00 38.96  ? 26  GLY A N   1 
ATOM   204  C CA  . GLY A 1 34  ? -0.754  -1.832  -17.704 1.00 38.41  ? 26  GLY A CA  1 
ATOM   205  C C   . GLY A 1 34  ? -1.845  -0.779  -17.723 1.00 41.49  ? 26  GLY A C   1 
ATOM   206  O O   . GLY A 1 34  ? -2.360  -0.373  -16.669 1.00 41.46  ? 26  GLY A O   1 
ATOM   207  N N   . PHE A 1 35  ? -2.203  -0.326  -18.927 1.00 36.66  ? 27  PHE A N   1 
ATOM   208  C CA  . PHE A 1 35  ? -3.178  0.737   -19.118 1.00 36.19  ? 27  PHE A CA  1 
ATOM   209  C C   . PHE A 1 35  ? -4.519  0.474   -18.451 1.00 40.40  ? 27  PHE A C   1 
ATOM   210  O O   . PHE A 1 35  ? -4.964  1.316   -17.672 1.00 37.99  ? 27  PHE A O   1 
ATOM   211  C CB  . PHE A 1 35  ? -3.364  1.078   -20.602 1.00 37.13  ? 27  PHE A CB  1 
ATOM   212  C CG  . PHE A 1 35  ? -4.236  2.282   -20.870 1.00 37.88  ? 27  PHE A CG  1 
ATOM   213  C CD1 . PHE A 1 35  ? -5.621  2.152   -20.974 1.00 39.98  ? 27  PHE A CD1 1 
ATOM   214  C CD2 . PHE A 1 35  ? -3.675  3.542   -21.041 1.00 39.35  ? 27  PHE A CD2 1 
ATOM   215  C CE1 . PHE A 1 35  ? -6.432  3.275   -21.187 1.00 40.95  ? 27  PHE A CE1 1 
ATOM   216  C CE2 . PHE A 1 35  ? -4.483  4.660   -21.293 1.00 42.44  ? 27  PHE A CE2 1 
ATOM   217  C CZ  . PHE A 1 35  ? -5.857  4.518   -21.361 1.00 40.75  ? 27  PHE A CZ  1 
ATOM   218  N N   . ALA A 1 36  ? -5.157  -0.666  -18.762 1.00 39.93  ? 28  ALA A N   1 
ATOM   219  C CA  . ALA A 1 36  ? -6.483  -1.045  -18.253 1.00 40.48  ? 28  ALA A CA  1 
ATOM   220  C C   . ALA A 1 36  ? -6.536  -1.097  -16.723 1.00 43.08  ? 28  ALA A C   1 
ATOM   221  O O   . ALA A 1 36  ? -7.436  -0.494  -16.125 1.00 42.31  ? 28  ALA A O   1 
ATOM   222  C CB  . ALA A 1 36  ? -6.916  -2.371  -18.856 1.00 41.09  ? 28  ALA A CB  1 
ATOM   223  N N   . THR A 1 37  ? -5.533  -1.745  -16.101 1.00 40.15  ? 29  THR A N   1 
ATOM   224  C CA  . THR A 1 37  ? -5.395  -1.856  -14.651 1.00 40.24  ? 29  THR A CA  1 
ATOM   225  C C   . THR A 1 37  ? -5.144  -0.480  -14.009 1.00 42.39  ? 29  THR A C   1 
ATOM   226  O O   . THR A 1 37  ? -5.691  -0.233  -12.941 1.00 42.06  ? 29  THR A O   1 
ATOM   227  C CB  . THR A 1 37  ? -4.335  -2.906  -14.266 1.00 49.45  ? 29  THR A CB  1 
ATOM   228  O OG1 . THR A 1 37  ? -4.652  -4.145  -14.898 1.00 52.34  ? 29  THR A OG1 1 
ATOM   229  C CG2 . THR A 1 37  ? -4.237  -3.118  -12.763 1.00 47.76  ? 29  THR A CG2 1 
ATOM   230  N N   . ARG A 1 38  ? -4.353  0.417   -14.662 1.00 36.55  ? 30  ARG A N   1 
ATOM   231  C CA  . ARG A 1 38  ? -4.069  1.761   -14.138 1.00 35.75  ? 30  ARG A CA  1 
ATOM   232  C C   . ARG A 1 38  ? -5.365  2.577   -14.070 1.00 39.32  ? 30  ARG A C   1 
ATOM   233  O O   . ARG A 1 38  ? -5.581  3.300   -13.105 1.00 38.43  ? 30  ARG A O   1 
ATOM   234  C CB  . ARG A 1 38  ? -3.093  2.540   -15.044 1.00 36.18  ? 30  ARG A CB  1 
ATOM   235  C CG  . ARG A 1 38  ? -1.646  2.260   -14.816 1.00 35.39  ? 30  ARG A CG  1 
ATOM   236  C CD  . ARG A 1 38  ? -0.735  3.401   -15.274 1.00 32.01  ? 30  ARG A CD  1 
ATOM   237  N NE  . ARG A 1 38  ? -1.095  4.023   -16.552 1.00 31.56  ? 30  ARG A NE  1 
ATOM   238  C CZ  . ARG A 1 38  ? -0.689  3.621   -17.750 1.00 42.38  ? 30  ARG A CZ  1 
ATOM   239  N NH1 . ARG A 1 38  ? 0.072   2.536   -17.872 1.00 33.08  ? 30  ARG A NH1 1 
ATOM   240  N NH2 . ARG A 1 38  ? -1.048  4.293   -18.838 1.00 36.56  ? 30  ARG A NH2 1 
ATOM   241  N N   . LYS A 1 39  ? -6.172  2.533   -15.146 1.00 35.92  ? 31  LYS A N   1 
ATOM   242  C CA  . LYS A 1 39  ? -7.434  3.281   -15.204 1.00 36.31  ? 31  LYS A CA  1 
ATOM   243  C C   . LYS A 1 39  ? -8.454  2.751   -14.176 1.00 42.59  ? 31  LYS A C   1 
ATOM   244  O O   . LYS A 1 39  ? -9.136  3.551   -13.534 1.00 42.08  ? 31  LYS A O   1 
ATOM   245  C CB  . LYS A 1 39  ? -7.994  3.284   -16.635 1.00 38.60  ? 31  LYS A CB  1 
ATOM   246  C CG  . LYS A 1 39  ? -7.050  3.924   -17.654 1.00 41.10  ? 31  LYS A CG  1 
ATOM   247  C CD  . LYS A 1 39  ? -6.931  5.420   -17.467 1.00 47.01  ? 31  LYS A CD  1 
ATOM   248  C CE  . LYS A 1 39  ? -5.600  5.938   -17.933 1.00 61.49  ? 31  LYS A CE  1 
ATOM   249  N NZ  . LYS A 1 39  ? -5.384  7.337   -17.480 1.00 75.47  ? 31  LYS A NZ  1 
ATOM   250  N N   . VAL A 1 40  ? -8.498  1.419   -13.976 1.00 41.98  ? 32  VAL A N   1 
ATOM   251  C CA  . VAL A 1 40  ? -9.372  0.749   -13.001 1.00 43.37  ? 32  VAL A CA  1 
ATOM   252  C C   . VAL A 1 40  ? -8.949  1.096   -11.573 1.00 47.14  ? 32  VAL A C   1 
ATOM   253  O O   . VAL A 1 40  ? -9.801  1.438   -10.753 1.00 47.67  ? 32  VAL A O   1 
ATOM   254  C CB  . VAL A 1 40  ? -9.470  -0.791  -13.261 1.00 48.83  ? 32  VAL A CB  1 
ATOM   255  C CG1 . VAL A 1 40  ? -9.929  -1.566  -12.019 1.00 49.64  ? 32  VAL A CG1 1 
ATOM   256  C CG2 . VAL A 1 40  ? -10.390 -1.084  -14.431 1.00 48.76  ? 32  VAL A CG2 1 
ATOM   257  N N   . ALA A 1 41  ? -7.645  0.999   -11.280 1.00 42.37  ? 33  ALA A N   1 
ATOM   258  C CA  . ALA A 1 41  ? -7.079  1.323   -9.974  1.00 42.24  ? 33  ALA A CA  1 
ATOM   259  C C   . ALA A 1 41  ? -7.179  2.799   -9.692  1.00 41.81  ? 33  ALA A C   1 
ATOM   260  O O   . ALA A 1 41  ? -7.450  3.168   -8.564  1.00 41.60  ? 33  ALA A O   1 
ATOM   261  C CB  . ALA A 1 41  ? -5.622  0.875   -9.883  1.00 42.81  ? 33  ALA A CB  1 
ATOM   262  N N   . GLY A 1 42  ? -6.953  3.629   -10.713 1.00 36.29  ? 34  GLY A N   1 
ATOM   263  C CA  . GLY A 1 42  ? -7.006  5.083   -10.593 1.00 35.35  ? 34  GLY A CA  1 
ATOM   264  C C   . GLY A 1 42  ? -8.368  5.619   -10.208 1.00 39.23  ? 34  GLY A C   1 
ATOM   265  O O   . GLY A 1 42  ? -8.463  6.643   -9.521  1.00 38.72  ? 34  GLY A O   1 
ATOM   266  N N   . MET A 1 43  ? -9.432  4.918   -10.624 1.00 35.18  ? 35  MET A N   1 
ATOM   267  C CA  . MET A 1 43  ? -10.820 5.296   -10.364 1.00 35.29  ? 35  MET A CA  1 
ATOM   268  C C   . MET A 1 43  ? -11.294 4.927   -8.957  1.00 39.78  ? 35  MET A C   1 
ATOM   269  O O   . MET A 1 43  ? -12.143 5.638   -8.394  1.00 40.80  ? 35  MET A O   1 
ATOM   270  C CB  . MET A 1 43  ? -11.760 4.583   -11.370 1.00 37.27  ? 35  MET A CB  1 
ATOM   271  C CG  . MET A 1 43  ? -11.810 5.234   -12.763 1.00 39.65  ? 35  MET A CG  1 
ATOM   272  S SD  . MET A 1 43  ? -12.354 6.969   -12.828 1.00 42.45  ? 35  MET A SD  1 
ATOM   273  C CE  . MET A 1 43  ? -13.958 6.815   -12.345 1.00 38.73  ? 35  MET A CE  1 
ATOM   274  N N   . ALA A 1 44  ? -10.833 3.766   -8.447  1.00 34.35  ? 36  ALA A N   1 
ATOM   275  C CA  . ALA A 1 44  ? -11.230 3.195   -7.159  1.00 34.25  ? 36  ALA A CA  1 
ATOM   276  C C   . ALA A 1 44  ? -11.042 4.144   -5.966  1.00 37.20  ? 36  ALA A C   1 
ATOM   277  O O   . ALA A 1 44  ? -10.074 4.905   -5.915  1.00 35.18  ? 36  ALA A O   1 
ATOM   278  C CB  . ALA A 1 44  ? -10.507 1.874   -6.936  1.00 34.63  ? 36  ALA A CB  1 
ATOM   279  N N   . LYS A 1 45  ? -12.010 4.148   -5.038  1.00 34.89  ? 37  LYS A N   1 
ATOM   280  C CA  . LYS A 1 45  ? -11.921 4.963   -3.822  1.00 35.04  ? 37  LYS A CA  1 
ATOM   281  C C   . LYS A 1 45  ? -11.936 3.917   -2.722  1.00 38.03  ? 37  LYS A C   1 
ATOM   282  O O   . LYS A 1 45  ? -12.994 3.631   -2.182  1.00 39.63  ? 37  LYS A O   1 
ATOM   283  C CB  . LYS A 1 45  ? -13.104 5.957   -3.705  1.00 38.53  ? 37  LYS A CB  1 
ATOM   284  C CG  . LYS A 1 45  ? -13.142 7.060   -4.761  1.00 48.90  ? 37  LYS A CG  1 
ATOM   285  C CD  . LYS A 1 45  ? -11.967 8.037   -4.674  1.00 53.88  ? 37  LYS A CD  1 
ATOM   286  C CE  . LYS A 1 45  ? -11.661 8.682   -6.010  1.00 63.10  ? 37  LYS A CE  1 
ATOM   287  N NZ  . LYS A 1 45  ? -10.256 8.417   -6.448  1.00 76.49  ? 37  LYS A NZ  1 
ATOM   288  N N   . PRO A 1 46  ? -10.820 3.204   -2.473  1.00 33.44  ? 38  PRO A N   1 
ATOM   289  C CA  . PRO A 1 46  ? -10.884 2.094   -1.522  1.00 33.48  ? 38  PRO A CA  1 
ATOM   290  C C   . PRO A 1 46  ? -11.098 2.459   -0.067  1.00 35.98  ? 38  PRO A C   1 
ATOM   291  O O   . PRO A 1 46  ? -10.787 3.558   0.389   1.00 31.99  ? 38  PRO A O   1 
ATOM   292  C CB  . PRO A 1 46  ? -9.525  1.399   -1.704  1.00 36.06  ? 38  PRO A CB  1 
ATOM   293  C CG  . PRO A 1 46  ? -8.614  2.468   -2.153  1.00 39.02  ? 38  PRO A CG  1 
ATOM   294  C CD  . PRO A 1 46  ? -9.462  3.328   -3.050  1.00 34.63  ? 38  PRO A CD  1 
ATOM   295  N N   . ASN A 1 47  ? -11.694 1.521   0.630   1.00 35.77  ? 39  ASN A N   1 
ATOM   296  C CA  . ASN A 1 47  ? -11.793 1.510   2.080   1.00 37.02  ? 39  ASN A CA  1 
ATOM   297  C C   . ASN A 1 47  ? -10.622 0.585   2.439   1.00 39.53  ? 39  ASN A C   1 
ATOM   298  O O   . ASN A 1 47  ? -10.342 -0.353  1.700   1.00 40.01  ? 39  ASN A O   1 
ATOM   299  C CB  . ASN A 1 47  ? -13.098 0.884   2.529   1.00 41.48  ? 39  ASN A CB  1 
ATOM   300  C CG  . ASN A 1 47  ? -14.153 1.901   2.851   1.00 64.37  ? 39  ASN A CG  1 
ATOM   301  O OD1 . ASN A 1 47  ? -14.129 3.038   2.372   1.00 46.35  ? 39  ASN A OD1 1 
ATOM   302  N ND2 . ASN A 1 47  ? -15.099 1.511   3.688   1.00 67.47  ? 39  ASN A ND2 1 
ATOM   303  N N   . MET A 1 48  ? -9.919  0.866   3.509   1.00 35.71  ? 40  MET A N   1 
ATOM   304  C CA  . MET A 1 48  ? -8.804  0.032   3.919   1.00 35.91  ? 40  MET A CA  1 
ATOM   305  C C   . MET A 1 48  ? -9.010  -0.299  5.401   1.00 36.62  ? 40  MET A C   1 
ATOM   306  O O   . MET A 1 48  ? -9.279  0.616   6.180   1.00 33.14  ? 40  MET A O   1 
ATOM   307  C CB  . MET A 1 48  ? -7.483  0.792   3.694   1.00 39.75  ? 40  MET A CB  1 
ATOM   308  C CG  . MET A 1 48  ? -6.280  0.088   4.269   1.00 45.08  ? 40  MET A CG  1 
ATOM   309  S SD  . MET A 1 48  ? -4.730  0.723   3.630   1.00 50.78  ? 40  MET A SD  1 
ATOM   310  C CE  . MET A 1 48  ? -4.757  -0.051  1.961   1.00 47.33  ? 40  MET A CE  1 
ATOM   311  N N   . ILE A 1 49  ? -8.989  -1.597  5.755   1.00 34.90  ? 41  ILE A N   1 
ATOM   312  C CA  . ILE A 1 49  ? -9.160  -2.049  7.144   1.00 35.83  ? 41  ILE A CA  1 
ATOM   313  C C   . ILE A 1 49  ? -7.841  -2.623  7.600   1.00 35.36  ? 41  ILE A C   1 
ATOM   314  O O   . ILE A 1 49  ? -7.349  -3.576  7.002   1.00 34.02  ? 41  ILE A O   1 
ATOM   315  C CB  . ILE A 1 49  ? -10.352 -3.029  7.393   1.00 40.42  ? 41  ILE A CB  1 
ATOM   316  C CG1 . ILE A 1 49  ? -11.654 -2.513  6.748   1.00 42.85  ? 41  ILE A CG1 1 
ATOM   317  C CG2 . ILE A 1 49  ? -10.559 -3.247  8.899   1.00 40.77  ? 41  ILE A CG2 1 
ATOM   318  C CD1 . ILE A 1 49  ? -12.583 -3.615  6.253   1.00 54.63  ? 41  ILE A CD1 1 
ATOM   319  N N   . ILE A 1 50  ? -7.243  -1.996  8.628   1.00 30.35  ? 42  ILE A N   1 
ATOM   320  C CA  . ILE A 1 50  ? -5.991  -2.455  9.193   1.00 27.70  ? 42  ILE A CA  1 
ATOM   321  C C   . ILE A 1 50  ? -6.331  -3.010  10.566  1.00 30.77  ? 42  ILE A C   1 
ATOM   322  O O   . ILE A 1 50  ? -6.940  -2.320  11.391  1.00 27.77  ? 42  ILE A O   1 
ATOM   323  C CB  . ILE A 1 50  ? -4.896  -1.347  9.254   1.00 29.51  ? 42  ILE A CB  1 
ATOM   324  C CG1 . ILE A 1 50  ? -4.605  -0.789  7.835   1.00 29.70  ? 42  ILE A CG1 1 
ATOM   325  C CG2 . ILE A 1 50  ? -3.565  -1.912  9.907   1.00 26.84  ? 42  ILE A CG2 1 
ATOM   326  C CD1 . ILE A 1 50  ? -3.657  0.424   7.801   1.00 30.84  ? 42  ILE A CD1 1 
ATOM   327  N N   . SER A 1 51  ? -5.943  -4.245  10.784  1.00 28.92  ? 43  SER A N   1 
ATOM   328  C CA  . SER A 1 51  ? -6.196  -4.913  12.038  1.00 29.57  ? 43  SER A CA  1 
ATOM   329  C C   . SER A 1 51  ? -4.967  -5.692  12.502  1.00 32.47  ? 43  SER A C   1 
ATOM   330  O O   . SER A 1 51  ? -4.093  -6.044  11.705  1.00 31.07  ? 43  SER A O   1 
ATOM   331  C CB  . SER A 1 51  ? -7.442  -5.790  11.921  1.00 33.17  ? 43  SER A CB  1 
ATOM   332  O OG  . SER A 1 51  ? -7.217  -6.874  11.039  1.00 37.96  ? 43  SER A OG  1 
ATOM   333  N N   . VAL A 1 52  ? -4.916  -5.986  13.806  1.00 31.24  ? 44  VAL A N   1 
ATOM   334  C CA  . VAL A 1 52  ? -3.809  -6.705  14.423  1.00 32.14  ? 44  VAL A CA  1 
ATOM   335  C C   . VAL A 1 52  ? -4.357  -7.855  15.271  1.00 36.85  ? 44  VAL A C   1 
ATOM   336  O O   . VAL A 1 52  ? -5.348  -7.698  15.984  1.00 36.24  ? 44  VAL A O   1 
ATOM   337  C CB  . VAL A 1 52  ? -2.885  -5.769  15.270  1.00 37.88  ? 44  VAL A CB  1 
ATOM   338  C CG1 . VAL A 1 52  ? -1.721  -6.555  15.861  1.00 38.16  ? 44  VAL A CG1 1 
ATOM   339  C CG2 . VAL A 1 52  ? -2.325  -4.622  14.420  1.00 37.80  ? 44  VAL A CG2 1 
ATOM   340  N N   . ASN A 1 53  ? -3.725  -9.009  15.154  1.00 34.14  ? 45  ASN A N   1 
ATOM   341  C CA  . ASN A 1 53  ? -4.066  -10.192 15.899  1.00 35.49  ? 45  ASN A CA  1 
ATOM   342  C C   . ASN A 1 53  ? -2.726  -10.852 16.254  1.00 39.47  ? 45  ASN A C   1 
ATOM   343  O O   . ASN A 1 53  ? -2.067  -11.437 15.391  1.00 36.46  ? 45  ASN A O   1 
ATOM   344  C CB  . ASN A 1 53  ? -4.970  -11.108 15.049  1.00 36.83  ? 45  ASN A CB  1 
ATOM   345  C CG  . ASN A 1 53  ? -5.525  -12.259 15.849  1.00 46.47  ? 45  ASN A CG  1 
ATOM   346  O OD1 . ASN A 1 53  ? -4.817  -12.848 16.659  1.00 35.51  ? 45  ASN A OD1 1 
ATOM   347  N ND2 . ASN A 1 53  ? -6.780  -12.628 15.622  1.00 30.58  ? 45  ASN A ND2 1 
ATOM   348  N N   . GLY A 1 54  ? -2.298  -10.665 17.504  1.00 39.07  ? 46  GLY A N   1 
ATOM   349  C CA  . GLY A 1 54  ? -1.000  -11.150 17.968  1.00 38.35  ? 46  GLY A CA  1 
ATOM   350  C C   . GLY A 1 54  ? 0.094   -10.372 17.259  1.00 40.63  ? 46  GLY A C   1 
ATOM   351  O O   . GLY A 1 54  ? 0.090   -9.131  17.280  1.00 39.87  ? 46  GLY A O   1 
ATOM   352  N N   . ASP A 1 55  ? 0.968   -11.098 16.550  1.00 37.03  ? 47  ASP A N   1 
ATOM   353  C CA  . ASP A 1 55  ? 2.053   -10.542 15.737  1.00 37.55  ? 47  ASP A CA  1 
ATOM   354  C C   . ASP A 1 55  ? 1.634   -10.394 14.283  1.00 36.88  ? 47  ASP A C   1 
ATOM   355  O O   . ASP A 1 55  ? 2.428   -9.943  13.481  1.00 34.56  ? 47  ASP A O   1 
ATOM   356  C CB  . ASP A 1 55  ? 3.281   -11.466 15.765  1.00 41.30  ? 47  ASP A CB  1 
ATOM   357  C CG  . ASP A 1 55  ? 3.911   -11.689 17.125  1.00 60.99  ? 47  ASP A CG  1 
ATOM   358  O OD1 . ASP A 1 55  ? 4.295   -10.686 17.777  1.00 65.50  ? 47  ASP A OD1 1 
ATOM   359  O OD2 . ASP A 1 55  ? 4.099   -12.865 17.503  1.00 64.78  ? 47  ASP A OD2 1 
ATOM   360  N N   . VAL A 1 56  ? 0.420   -10.828 13.926  1.00 33.25  ? 48  VAL A N   1 
ATOM   361  C CA  . VAL A 1 56  ? -0.061  -10.805 12.541  1.00 32.18  ? 48  VAL A CA  1 
ATOM   362  C C   . VAL A 1 56  ? -0.825  -9.527  12.221  1.00 35.05  ? 48  VAL A C   1 
ATOM   363  O O   . VAL A 1 56  ? -1.778  -9.188  12.901  1.00 34.29  ? 48  VAL A O   1 
ATOM   364  C CB  . VAL A 1 56  ? -0.866  -12.081 12.177  1.00 35.77  ? 48  VAL A CB  1 
ATOM   365  C CG1 . VAL A 1 56  ? -1.333  -12.058 10.711  1.00 34.50  ? 48  VAL A CG1 1 
ATOM   366  C CG2 . VAL A 1 56  ? -0.051  -13.337 12.468  1.00 35.65  ? 48  VAL A CG2 1 
ATOM   367  N N   . ILE A 1 57  ? -0.417  -8.839  11.164  1.00 31.72  ? 49  ILE A N   1 
ATOM   368  C CA  . ILE A 1 57  ? -1.105  -7.626  10.734  1.00 30.98  ? 49  ILE A CA  1 
ATOM   369  C C   . ILE A 1 57  ? -1.883  -7.995  9.471   1.00 30.39  ? 49  ILE A C   1 
ATOM   370  O O   . ILE A 1 57  ? -1.334  -8.651  8.585   1.00 30.48  ? 49  ILE A O   1 
ATOM   371  C CB  . ILE A 1 57  ? -0.101  -6.450  10.526  1.00 35.24  ? 49  ILE A CB  1 
ATOM   372  C CG1 . ILE A 1 57  ? 0.626   -6.134  11.885  1.00 37.69  ? 49  ILE A CG1 1 
ATOM   373  C CG2 . ILE A 1 57  ? -0.821  -5.180  9.972   1.00 34.76  ? 49  ILE A CG2 1 
ATOM   374  C CD1 . ILE A 1 57  ? 1.933   -5.504  11.744  1.00 47.42  ? 49  ILE A CD1 1 
ATOM   375  N N   . THR A 1 58  ? -3.143  -7.591  9.413   1.00 27.24  ? 50  THR A N   1 
ATOM   376  C CA  . THR A 1 58  ? -4.022  -7.769  8.259   1.00 26.37  ? 50  THR A CA  1 
ATOM   377  C C   . THR A 1 58  ? -4.408  -6.414  7.664   1.00 31.34  ? 50  THR A C   1 
ATOM   378  O O   . THR A 1 58  ? -4.862  -5.535  8.383   1.00 32.92  ? 50  THR A O   1 
ATOM   379  C CB  . THR A 1 58  ? -5.240  -8.676  8.607   1.00 34.35  ? 50  THR A CB  1 
ATOM   380  O OG1 . THR A 1 58  ? -4.737  -9.971  8.961   1.00 33.95  ? 50  THR A OG1 1 
ATOM   381  C CG2 . THR A 1 58  ? -6.241  -8.818  7.418   1.00 32.18  ? 50  THR A CG2 1 
ATOM   382  N N   . ILE A 1 59  ? -4.269  -6.267  6.339   1.00 28.82  ? 51  ILE A N   1 
ATOM   383  C CA  . ILE A 1 59  ? -4.678  -5.066  5.620   1.00 27.69  ? 51  ILE A CA  1 
ATOM   384  C C   . ILE A 1 59  ? -5.635  -5.558  4.561   1.00 32.04  ? 51  ILE A C   1 
ATOM   385  O O   . ILE A 1 59  ? -5.251  -6.362  3.720   1.00 31.44  ? 51  ILE A O   1 
ATOM   386  C CB  . ILE A 1 59  ? -3.503  -4.244  5.009   1.00 30.78  ? 51  ILE A CB  1 
ATOM   387  C CG1 . ILE A 1 59  ? -2.547  -3.724  6.108   1.00 31.50  ? 51  ILE A CG1 1 
ATOM   388  C CG2 . ILE A 1 59  ? -4.080  -3.073  4.151   1.00 29.31  ? 51  ILE A CG2 1 
ATOM   389  C CD1 . ILE A 1 59  ? -1.236  -2.941  5.587   1.00 36.72  ? 51  ILE A CD1 1 
ATOM   390  N N   . LYS A 1 60  ? -6.899  -5.178  4.695   1.00 31.84  ? 52  LYS A N   1 
ATOM   391  C CA  . LYS A 1 60  ? -7.983  -5.522  3.787   1.00 33.14  ? 52  LYS A CA  1 
ATOM   392  C C   . LYS A 1 60  ? -8.341  -4.279  3.002   1.00 37.43  ? 52  LYS A C   1 
ATOM   393  O O   . LYS A 1 60  ? -8.551  -3.242  3.587   1.00 37.81  ? 52  LYS A O   1 
ATOM   394  C CB  . LYS A 1 60  ? -9.222  -5.981  4.584   1.00 36.71  ? 52  LYS A CB  1 
ATOM   395  C CG  . LYS A 1 60  ? -9.145  -7.409  5.081   1.00 48.29  ? 52  LYS A CG  1 
ATOM   396  C CD  . LYS A 1 60  ? -10.308 -7.765  5.971   1.00 63.35  ? 52  LYS A CD  1 
ATOM   397  C CE  . LYS A 1 60  ? -10.031 -9.035  6.739   1.00 79.30  ? 52  LYS A CE  1 
ATOM   398  N NZ  . LYS A 1 60  ? -11.054 -9.278  7.791   1.00 94.33  ? 52  LYS A NZ  1 
ATOM   399  N N   . SER A 1 61  ? -8.437  -4.367  1.690   1.00 37.01  ? 53  SER A N   1 
ATOM   400  C CA  . SER A 1 61  ? -8.885  -3.192  0.937   1.00 37.68  ? 53  SER A CA  1 
ATOM   401  C C   . SER A 1 61  ? -10.215 -3.564  0.263   1.00 41.97  ? 53  SER A C   1 
ATOM   402  O O   . SER A 1 61  ? -10.353 -4.682  -0.247  1.00 41.81  ? 53  SER A O   1 
ATOM   403  C CB  . SER A 1 61  ? -7.859  -2.802  -0.122  1.00 39.93  ? 53  SER A CB  1 
ATOM   404  O OG  . SER A 1 61  ? -8.066  -3.639  -1.246  1.00 46.10  ? 53  SER A OG  1 
ATOM   405  N N   . GLU A 1 62  ? -11.157 -2.641  0.239   1.00 41.26  ? 54  GLU A N   1 
ATOM   406  C CA  . GLU A 1 62  ? -12.446 -2.895  -0.398  1.00 42.54  ? 54  GLU A CA  1 
ATOM   407  C C   . GLU A 1 62  ? -12.813 -1.768  -1.335  1.00 45.94  ? 54  GLU A C   1 
ATOM   408  O O   . GLU A 1 62  ? -12.834 -0.615  -0.926  1.00 44.06  ? 54  GLU A O   1 
ATOM   409  C CB  . GLU A 1 62  ? -13.549 -3.119  0.650   1.00 44.05  ? 54  GLU A CB  1 
ATOM   410  N N   . SER A 1 63  ? -13.087 -2.098  -2.598  1.00 46.21  ? 55  SER A N   1 
ATOM   411  C CA  . SER A 1 63  ? -13.520 -1.118  -3.603  1.00 48.25  ? 55  SER A CA  1 
ATOM   412  C C   . SER A 1 63  ? -14.371 -1.805  -4.666  1.00 57.76  ? 55  SER A C   1 
ATOM   413  O O   . SER A 1 63  ? -14.411 -3.033  -4.728  1.00 57.32  ? 55  SER A O   1 
ATOM   414  C CB  . SER A 1 63  ? -12.320 -0.420  -4.246  1.00 50.78  ? 55  SER A CB  1 
ATOM   415  O OG  . SER A 1 63  ? -11.601 -1.306  -5.089  1.00 58.25  ? 55  SER A OG  1 
ATOM   416  N N   . THR A 1 64  ? -15.041 -1.014  -5.511  1.00 58.69  ? 56  THR A N   1 
ATOM   417  C CA  . THR A 1 64  ? -15.850 -1.504  -6.642  1.00 60.28  ? 56  THR A CA  1 
ATOM   418  C C   . THR A 1 64  ? -14.948 -2.278  -7.611  1.00 67.61  ? 56  THR A C   1 
ATOM   419  O O   . THR A 1 64  ? -15.419 -3.203  -8.274  1.00 69.77  ? 56  THR A O   1 
ATOM   420  C CB  . THR A 1 64  ? -16.498 -0.334  -7.375  1.00 67.38  ? 56  THR A CB  1 
ATOM   421  O OG1 . THR A 1 64  ? -15.461 0.517   -7.862  1.00 70.23  ? 56  THR A OG1 1 
ATOM   422  C CG2 . THR A 1 64  ? -17.469 0.454   -6.496  1.00 64.81  ? 56  THR A CG2 1 
ATOM   423  N N   . PHE A 1 65  ? -13.644 -1.890  -7.672  1.00 63.10  ? 57  PHE A N   1 
ATOM   424  C CA  . PHE A 1 65  ? -12.612 -2.508  -8.489  1.00 62.09  ? 57  PHE A CA  1 
ATOM   425  C C   . PHE A 1 65  ? -12.267 -3.903  -7.976  1.00 65.11  ? 57  PHE A C   1 
ATOM   426  O O   . PHE A 1 65  ? -12.239 -4.837  -8.777  1.00 66.42  ? 57  PHE A O   1 
ATOM   427  C CB  . PHE A 1 65  ? -11.347 -1.641  -8.503  1.00 63.78  ? 57  PHE A CB  1 
ATOM   428  N N   . LYS A 1 66  ? -11.998 -4.049  -6.653  1.00 58.67  ? 58  LYS A N   1 
ATOM   429  C CA  . LYS A 1 66  ? -11.591 -5.324  -6.048  1.00 57.64  ? 58  LYS A CA  1 
ATOM   430  C C   . LYS A 1 66  ? -11.820 -5.412  -4.519  1.00 57.70  ? 58  LYS A C   1 
ATOM   431  O O   . LYS A 1 66  ? -12.370 -4.514  -3.883  1.00 55.46  ? 58  LYS A O   1 
ATOM   432  C CB  . LYS A 1 66  ? -10.088 -5.560  -6.339  1.00 60.44  ? 58  LYS A CB  1 
ATOM   433  C CG  . LYS A 1 66  ? -9.791  -6.544  -7.454  1.00 62.34  ? 58  LYS A CG  1 
ATOM   434  C CD  . LYS A 1 66  ? -8.481  -6.186  -8.131  1.00 69.71  ? 58  LYS A CD  1 
ATOM   435  C CE  . LYS A 1 66  ? -8.342  -6.772  -9.522  1.00 81.13  ? 58  LYS A CE  1 
ATOM   436  N NZ  . LYS A 1 66  ? -9.303  -6.179  -10.494 1.00 87.64  ? 58  LYS A NZ  1 
ATOM   437  N N   . ASN A 1 67  ? -11.376 -6.529  -3.952  1.00 53.16  ? 59  ASN A N   1 
ATOM   438  C CA  . ASN A 1 67  ? -11.366 -6.834  -2.531  1.00 51.41  ? 59  ASN A CA  1 
ATOM   439  C C   . ASN A 1 67  ? -10.063 -7.570  -2.346  1.00 52.32  ? 59  ASN A C   1 
ATOM   440  O O   . ASN A 1 67  ? -9.851  -8.598  -2.992  1.00 53.30  ? 59  ASN A O   1 
ATOM   441  C CB  . ASN A 1 67  ? -12.552 -7.713  -2.134  1.00 54.44  ? 59  ASN A CB  1 
ATOM   442  C CG  . ASN A 1 67  ? -13.889 -7.015  -2.134  1.00 84.63  ? 59  ASN A CG  1 
ATOM   443  O OD1 . ASN A 1 67  ? -14.815 -7.415  -2.847  1.00 83.42  ? 59  ASN A OD1 1 
ATOM   444  N ND2 . ASN A 1 67  ? -14.047 -6.000  -1.291  1.00 74.22  ? 59  ASN A ND2 1 
ATOM   445  N N   . THR A 1 68  ? -9.123  -6.990  -1.583  1.00 44.70  ? 60  THR A N   1 
ATOM   446  C CA  . THR A 1 68  ? -7.828  -7.650  -1.377  1.00 42.53  ? 60  THR A CA  1 
ATOM   447  C C   . THR A 1 68  ? -7.579  -7.831  0.099   1.00 41.04  ? 60  THR A C   1 
ATOM   448  O O   . THR A 1 68  ? -8.174  -7.131  0.920   1.00 40.33  ? 60  THR A O   1 
ATOM   449  C CB  . THR A 1 68  ? -6.646  -6.929  -2.063  1.00 50.35  ? 60  THR A CB  1 
ATOM   450  O OG1 . THR A 1 68  ? -6.401  -5.684  -1.406  1.00 51.13  ? 60  THR A OG1 1 
ATOM   451  C CG2 . THR A 1 68  ? -6.839  -6.732  -3.563  1.00 49.95  ? 60  THR A CG2 1 
ATOM   452  N N   . GLU A 1 69  ? -6.709  -8.768  0.432   1.00 35.21  ? 61  GLU A N   1 
ATOM   453  C CA  . GLU A 1 69  ? -6.353  -9.032  1.812   1.00 34.96  ? 61  GLU A CA  1 
ATOM   454  C C   . GLU A 1 69  ? -4.929  -9.552  1.866   1.00 38.48  ? 61  GLU A C   1 
ATOM   455  O O   . GLU A 1 69  ? -4.565  -10.504 1.158   1.00 39.34  ? 61  GLU A O   1 
ATOM   456  C CB  . GLU A 1 69  ? -7.330  -10.045 2.456   1.00 36.60  ? 61  GLU A CB  1 
ATOM   457  C CG  . GLU A 1 69  ? -7.142  -10.228 3.959   1.00 49.34  ? 61  GLU A CG  1 
ATOM   458  C CD  . GLU A 1 69  ? -7.390  -11.620 4.513   1.00 75.41  ? 61  GLU A CD  1 
ATOM   459  O OE1 . GLU A 1 69  ? -8.566  -12.044 4.553   1.00 75.76  ? 61  GLU A OE1 1 
ATOM   460  O OE2 . GLU A 1 69  ? -6.409  -12.278 4.931   1.00 73.92  ? 61  GLU A OE2 1 
ATOM   461  N N   . ILE A 1 70  ? -4.114  -8.922  2.704   1.00 31.77  ? 62  ILE A N   1 
ATOM   462  C CA  . ILE A 1 70  ? -2.752  -9.391  2.941   1.00 30.31  ? 62  ILE A CA  1 
ATOM   463  C C   . ILE A 1 70  ? -2.569  -9.528  4.442   1.00 30.40  ? 62  ILE A C   1 
ATOM   464  O O   . ILE A 1 70  ? -3.038  -8.674  5.202   1.00 29.12  ? 62  ILE A O   1 
ATOM   465  C CB  . ILE A 1 70  ? -1.644  -8.535  2.255   1.00 34.21  ? 62  ILE A CB  1 
ATOM   466  C CG1 . ILE A 1 70  ? -1.651  -7.072  2.734   1.00 35.26  ? 62  ILE A CG1 1 
ATOM   467  C CG2 . ILE A 1 70  ? -1.726  -8.631  0.701   1.00 36.56  ? 62  ILE A CG2 1 
ATOM   468  C CD1 . ILE A 1 70  ? -0.359  -6.283  2.483   1.00 32.53  ? 62  ILE A CD1 1 
ATOM   469  N N   . SER A 1 71  ? -1.928  -10.612 4.869   1.00 28.15  ? 63  SER A N   1 
ATOM   470  C CA  . SER A 1 71  ? -1.629  -10.860 6.294   1.00 27.90  ? 63  SER A CA  1 
ATOM   471  C C   . SER A 1 71  ? -0.155  -11.097 6.414   1.00 31.88  ? 63  SER A C   1 
ATOM   472  O O   . SER A 1 71  ? 0.446   -11.792 5.589   1.00 31.95  ? 63  SER A O   1 
ATOM   473  C CB  . SER A 1 71  ? -2.404  -12.043 6.849   1.00 28.16  ? 63  SER A CB  1 
ATOM   474  O OG  . SER A 1 71  ? -3.730  -11.611 7.049   1.00 33.73  ? 63  SER A OG  1 
ATOM   475  N N   . PHE A 1 72  ? 0.449   -10.503 7.417   1.00 28.70  ? 64  PHE A N   1 
ATOM   476  C CA  . PHE A 1 72  ? 1.898   -10.604 7.461   1.00 28.17  ? 64  PHE A CA  1 
ATOM   477  C C   . PHE A 1 72  ? 2.440   -10.372 8.850   1.00 31.25  ? 64  PHE A C   1 
ATOM   478  O O   . PHE A 1 72  ? 1.772   -9.813  9.718   1.00 30.33  ? 64  PHE A O   1 
ATOM   479  C CB  . PHE A 1 72  ? 2.506   -9.543  6.479   1.00 29.07  ? 64  PHE A CB  1 
ATOM   480  C CG  . PHE A 1 72  ? 2.075   -8.106  6.759   1.00 29.05  ? 64  PHE A CG  1 
ATOM   481  C CD1 . PHE A 1 72  ? 0.943   -7.566  6.147   1.00 31.46  ? 64  PHE A CD1 1 
ATOM   482  C CD2 . PHE A 1 72  ? 2.832   -7.281  7.589   1.00 29.30  ? 64  PHE A CD2 1 
ATOM   483  C CE1 . PHE A 1 72  ? 0.523   -6.268  6.437   1.00 32.02  ? 64  PHE A CE1 1 
ATOM   484  C CE2 . PHE A 1 72  ? 2.428   -5.972  7.856   1.00 31.34  ? 64  PHE A CE2 1 
ATOM   485  C CZ  . PHE A 1 72  ? 1.300   -5.455  7.244   1.00 30.57  ? 64  PHE A CZ  1 
ATOM   486  N N   . ILE A 1 73  ? 3.700   -10.705 9.008   1.00 28.56  ? 65  ILE A N   1 
ATOM   487  C CA  . ILE A 1 73  ? 4.435   -10.445 10.235  1.00 29.11  ? 65  ILE A CA  1 
ATOM   488  C C   . ILE A 1 73  ? 5.527   -9.449  9.851   1.00 32.19  ? 65  ILE A C   1 
ATOM   489  O O   . ILE A 1 73  ? 6.168   -9.625  8.803   1.00 30.94  ? 65  ILE A O   1 
ATOM   490  C CB  . ILE A 1 73  ? 4.977   -11.766 10.880  1.00 32.22  ? 65  ILE A CB  1 
ATOM   491  C CG1 . ILE A 1 73  ? 3.772   -12.662 11.316  1.00 32.88  ? 65  ILE A CG1 1 
ATOM   492  C CG2 . ILE A 1 73  ? 5.869   -11.443 12.104  1.00 31.68  ? 65  ILE A CG2 1 
ATOM   493  C CD1 . ILE A 1 73  ? 4.090   -13.969 11.980  1.00 41.02  ? 65  ILE A CD1 1 
ATOM   494  N N   . LEU A 1 74  ? 5.701   -8.391  10.664  1.00 30.68  ? 66  LEU A N   1 
ATOM   495  C CA  . LEU A 1 74  ? 6.730   -7.367  10.410  1.00 31.96  ? 66  LEU A CA  1 
ATOM   496  C C   . LEU A 1 74  ? 8.089   -7.992  10.220  1.00 36.44  ? 66  LEU A C   1 
ATOM   497  O O   . LEU A 1 74  ? 8.524   -8.819  11.038  1.00 35.57  ? 66  LEU A O   1 
ATOM   498  C CB  . LEU A 1 74  ? 6.804   -6.332  11.548  1.00 32.06  ? 66  LEU A CB  1 
ATOM   499  C CG  . LEU A 1 74  ? 5.593   -5.381  11.711  1.00 36.09  ? 66  LEU A CG  1 
ATOM   500  C CD1 . LEU A 1 74  ? 5.724   -4.568  12.972  1.00 37.34  ? 66  LEU A CD1 1 
ATOM   501  C CD2 . LEU A 1 74  ? 5.412   -4.453  10.483  1.00 33.09  ? 66  LEU A CD2 1 
ATOM   502  N N   . GLY A 1 75  ? 8.726   -7.620  9.127   1.00 31.22  ? 67  GLY A N   1 
ATOM   503  C CA  . GLY A 1 75  ? 10.059  -8.086  8.769   1.00 31.07  ? 67  GLY A CA  1 
ATOM   504  C C   . GLY A 1 75  ? 10.117  -9.434  8.084   1.00 36.18  ? 67  GLY A C   1 
ATOM   505  O O   . GLY A 1 75  ? 11.195  -9.838  7.651   1.00 37.61  ? 67  GLY A O   1 
ATOM   506  N N   . GLN A 1 76  ? 8.975   -10.138 7.973   1.00 33.09  ? 68  GLN A N   1 
ATOM   507  C CA  . GLN A 1 76  ? 8.917   -11.473 7.351   1.00 33.55  ? 68  GLN A CA  1 
ATOM   508  C C   . GLN A 1 76  ? 8.399   -11.343 5.941   1.00 38.54  ? 68  GLN A C   1 
ATOM   509  O O   . GLN A 1 76  ? 7.252   -10.926 5.726   1.00 39.30  ? 68  GLN A O   1 
ATOM   510  C CB  . GLN A 1 76  ? 8.058   -12.455 8.200   1.00 33.57  ? 68  GLN A CB  1 
ATOM   511  C CG  . GLN A 1 76  ? 8.545   -12.624 9.646   1.00 45.44  ? 68  GLN A CG  1 
ATOM   512  C CD  . GLN A 1 76  ? 8.117   -13.902 10.358  1.00 61.67  ? 68  GLN A CD  1 
ATOM   513  O OE1 . GLN A 1 76  ? 7.516   -14.825 9.786   1.00 50.40  ? 68  GLN A OE1 1 
ATOM   514  N NE2 . GLN A 1 76  ? 8.475   -14.001 11.629  1.00 56.69  ? 68  GLN A NE2 1 
ATOM   515  N N   . GLU A 1 77  ? 9.227   -11.729 4.977   1.00 34.47  ? 69  GLU A N   1 
ATOM   516  C CA  . GLU A 1 77  ? 8.884   -11.653 3.564   1.00 35.60  ? 69  GLU A CA  1 
ATOM   517  C C   . GLU A 1 77  ? 7.705   -12.586 3.194   1.00 41.46  ? 69  GLU A C   1 
ATOM   518  O O   . GLU A 1 77  ? 7.615   -13.697 3.702   1.00 42.92  ? 69  GLU A O   1 
ATOM   519  C CB  . GLU A 1 77  ? 10.131  -11.945 2.709   1.00 36.65  ? 69  GLU A CB  1 
ATOM   520  C CG  . GLU A 1 77  ? 9.920   -11.773 1.219   1.00 44.75  ? 69  GLU A CG  1 
ATOM   521  C CD  . GLU A 1 77  ? 11.172  -12.037 0.408   1.00 66.77  ? 69  GLU A CD  1 
ATOM   522  O OE1 . GLU A 1 77  ? 11.777  -13.123 0.580   1.00 52.25  ? 69  GLU A OE1 1 
ATOM   523  O OE2 . GLU A 1 77  ? 11.538  -11.165 -0.413  1.00 63.96  ? 69  GLU A OE2 1 
ATOM   524  N N   . PHE A 1 78  ? 6.814   -12.109 2.337   1.00 38.56  ? 70  PHE A N   1 
ATOM   525  C CA  . PHE A 1 78  ? 5.635   -12.848 1.886   1.00 38.01  ? 70  PHE A CA  1 
ATOM   526  C C   . PHE A 1 78  ? 5.358   -12.628 0.421   1.00 43.74  ? 70  PHE A C   1 
ATOM   527  O O   . PHE A 1 78  ? 5.863   -11.671 -0.184  1.00 42.07  ? 70  PHE A O   1 
ATOM   528  C CB  . PHE A 1 78  ? 4.402   -12.466 2.734   1.00 38.52  ? 70  PHE A CB  1 
ATOM   529  C CG  . PHE A 1 78  ? 3.940   -11.026 2.618   1.00 37.97  ? 70  PHE A CG  1 
ATOM   530  C CD1 . PHE A 1 78  ? 4.513   -10.026 3.405   1.00 37.48  ? 70  PHE A CD1 1 
ATOM   531  C CD2 . PHE A 1 78  ? 2.886   -10.681 1.779   1.00 38.89  ? 70  PHE A CD2 1 
ATOM   532  C CE1 . PHE A 1 78  ? 4.070   -8.700  3.319   1.00 36.20  ? 70  PHE A CE1 1 
ATOM   533  C CE2 . PHE A 1 78  ? 2.420   -9.356  1.714   1.00 40.28  ? 70  PHE A CE2 1 
ATOM   534  C CZ  . PHE A 1 78  ? 3.012   -8.378  2.488   1.00 37.28  ? 70  PHE A CZ  1 
ATOM   535  N N   . ASP A 1 79  ? 4.503   -13.503 -0.133  1.00 42.52  ? 71  ASP A N   1 
ATOM   536  C CA  . ASP A 1 79  ? 4.030   -13.482 -1.503  1.00 42.65  ? 71  ASP A CA  1 
ATOM   537  C C   . ASP A 1 79  ? 2.784   -12.625 -1.538  1.00 47.40  ? 71  ASP A C   1 
ATOM   538  O O   . ASP A 1 79  ? 1.911   -12.779 -0.688  1.00 48.12  ? 71  ASP A O   1 
ATOM   539  C CB  . ASP A 1 79  ? 3.707   -14.916 -1.982  1.00 44.67  ? 71  ASP A CB  1 
ATOM   540  C CG  . ASP A 1 79  ? 4.910   -15.825 -2.114  1.00 50.94  ? 71  ASP A CG  1 
ATOM   541  O OD1 . ASP A 1 79  ? 5.889   -15.417 -2.773  1.00 50.69  ? 71  ASP A OD1 1 
ATOM   542  O OD2 . ASP A 1 79  ? 4.852   -16.971 -1.600  1.00 55.87  ? 71  ASP A OD2 1 
ATOM   543  N N   . GLU A 1 80  ? 2.728   -11.684 -2.476  1.00 44.72  ? 72  GLU A N   1 
ATOM   544  C CA  . GLU A 1 80  ? 1.615   -10.752 -2.628  1.00 45.45  ? 72  GLU A CA  1 
ATOM   545  C C   . GLU A 1 80  ? 1.161   -10.829 -4.085  1.00 53.50  ? 72  GLU A C   1 
ATOM   546  O O   . GLU A 1 80  ? 1.998   -10.995 -4.969  1.00 54.36  ? 72  GLU A O   1 
ATOM   547  C CB  . GLU A 1 80  ? 2.086   -9.316  -2.269  1.00 45.98  ? 72  GLU A CB  1 
ATOM   548  C CG  . GLU A 1 80  ? 0.986   -8.256  -2.223  1.00 47.60  ? 72  GLU A CG  1 
ATOM   549  C CD  . GLU A 1 80  ? 1.386   -6.861  -1.775  1.00 49.70  ? 72  GLU A CD  1 
ATOM   550  O OE1 . GLU A 1 80  ? 0.482   -6.059  -1.450  1.00 44.02  ? 72  GLU A OE1 1 
ATOM   551  O OE2 . GLU A 1 80  ? 2.596   -6.554  -1.771  1.00 47.39  ? 72  GLU A OE2 1 
ATOM   552  N N   . VAL A 1 81  ? -0.157  -10.704 -4.332  1.00 51.73  ? 73  VAL A N   1 
ATOM   553  C CA  . VAL A 1 81  ? -0.733  -10.757 -5.678  1.00 52.01  ? 73  VAL A CA  1 
ATOM   554  C C   . VAL A 1 81  ? -1.099  -9.359  -6.197  1.00 57.24  ? 73  VAL A C   1 
ATOM   555  O O   . VAL A 1 81  ? -1.634  -8.536  -5.449  1.00 54.96  ? 73  VAL A O   1 
ATOM   556  C CB  . VAL A 1 81  ? -1.918  -11.754 -5.808  1.00 56.36  ? 73  VAL A CB  1 
ATOM   557  C CG1 . VAL A 1 81  ? -1.436  -13.201 -5.788  1.00 55.98  ? 73  VAL A CG1 1 
ATOM   558  C CG2 . VAL A 1 81  ? -2.980  -11.518 -4.729  1.00 56.63  ? 73  VAL A CG2 1 
ATOM   559  N N   . THR A 1 82  ? -0.815  -9.105  -7.489  1.00 56.10  ? 74  THR A N   1 
ATOM   560  C CA  . THR A 1 82  ? -1.130  -7.839  -8.165  1.00 56.77  ? 74  THR A CA  1 
ATOM   561  C C   . THR A 1 82  ? -1.724  -8.093  -9.579  1.00 62.52  ? 74  THR A C   1 
ATOM   562  O O   . THR A 1 82  ? -1.301  -9.023  -10.282 1.00 61.45  ? 74  THR A O   1 
ATOM   563  C CB  . THR A 1 82  ? 0.118   -6.927  -8.276  1.00 58.66  ? 74  THR A CB  1 
ATOM   564  O OG1 . THR A 1 82  ? 1.128   -7.596  -9.038  1.00 63.79  ? 74  THR A OG1 1 
ATOM   565  C CG2 . THR A 1 82  ? 0.658   -6.462  -6.924  1.00 53.61  ? 74  THR A CG2 1 
ATOM   566  N N   . ALA A 1 83  ? -2.639  -7.210  -10.016 1.00 60.55  ? 75  ALA A N   1 
ATOM   567  C CA  . ALA A 1 83  ? -3.252  -7.277  -11.339 1.00 61.96  ? 75  ALA A CA  1 
ATOM   568  C C   . ALA A 1 83  ? -2.325  -6.709  -12.468 1.00 68.97  ? 75  ALA A C   1 
ATOM   569  O O   . ALA A 1 83  ? -2.779  -5.983  -13.361 1.00 69.06  ? 75  ALA A O   1 
ATOM   570  C CB  . ALA A 1 83  ? -4.614  -6.586  -11.327 1.00 62.56  ? 75  ALA A CB  1 
ATOM   571  N N   . ASP A 1 84  ? -1.037  -7.091  -12.444 1.00 66.99  ? 76  ASP A N   1 
ATOM   572  C CA  . ASP A 1 84  ? -0.042  -6.705  -13.454 1.00 67.58  ? 76  ASP A CA  1 
ATOM   573  C C   . ASP A 1 84  ? 0.872   -7.894  -13.800 1.00 72.85  ? 76  ASP A C   1 
ATOM   574  O O   . ASP A 1 84  ? 0.740   -8.954  -13.187 1.00 73.76  ? 76  ASP A O   1 
ATOM   575  C CB  . ASP A 1 84  ? 0.766   -5.484  -12.985 1.00 69.60  ? 76  ASP A CB  1 
ATOM   576  N N   . ASP A 1 85  ? 1.801   -7.718  -14.767 1.00 69.83  ? 77  ASP A N   1 
ATOM   577  C CA  . ASP A 1 85  ? 2.754   -8.753  -15.214 1.00 69.97  ? 77  ASP A CA  1 
ATOM   578  C C   . ASP A 1 85  ? 3.848   -9.073  -14.162 1.00 73.95  ? 77  ASP A C   1 
ATOM   579  O O   . ASP A 1 85  ? 4.817   -9.785  -14.458 1.00 74.57  ? 77  ASP A O   1 
ATOM   580  C CB  . ASP A 1 85  ? 3.378   -8.371  -16.573 1.00 71.74  ? 77  ASP A CB  1 
ATOM   581  N N   . ARG A 1 86  ? 3.653   -8.580  -12.925 1.00 68.71  ? 78  ARG A N   1 
ATOM   582  C CA  . ARG A 1 86  ? 4.569   -8.774  -11.806 1.00 67.19  ? 78  ARG A CA  1 
ATOM   583  C C   . ARG A 1 86  ? 4.035   -9.689  -10.694 1.00 68.61  ? 78  ARG A C   1 
ATOM   584  O O   . ARG A 1 86  ? 2.896   -9.526  -10.239 1.00 68.47  ? 78  ARG A O   1 
ATOM   585  C CB  . ARG A 1 86  ? 5.011   -7.420  -11.227 1.00 65.82  ? 78  ARG A CB  1 
ATOM   586  C CG  . ARG A 1 86  ? 3.891   -6.404  -11.019 1.00 70.41  ? 78  ARG A CG  1 
ATOM   587  C CD  . ARG A 1 86  ? 4.416   -5.100  -10.442 1.00 66.85  ? 78  ARG A CD  1 
ATOM   588  N NE  . ARG A 1 86  ? 3.468   -4.572  -9.466  1.00 62.10  ? 78  ARG A NE  1 
ATOM   589  C CZ  . ARG A 1 86  ? 3.800   -4.021  -8.305  1.00 61.23  ? 78  ARG A CZ  1 
ATOM   590  N NH1 . ARG A 1 86  ? 2.863   -3.594  -7.480  1.00 52.06  ? 78  ARG A NH1 1 
ATOM   591  N NH2 . ARG A 1 86  ? 5.077   -3.873  -7.970  1.00 43.83  ? 78  ARG A NH2 1 
ATOM   592  N N   . LYS A 1 87  ? 4.883   -10.652 -10.265 1.00 62.89  ? 79  LYS A N   1 
ATOM   593  C CA  . LYS A 1 87  ? 4.661   -11.566 -9.132  1.00 60.86  ? 79  LYS A CA  1 
ATOM   594  C C   . LYS A 1 87  ? 5.634   -11.012 -8.094  1.00 58.44  ? 79  LYS A C   1 
ATOM   595  O O   . LYS A 1 87  ? 6.842   -10.977 -8.355  1.00 56.66  ? 79  LYS A O   1 
ATOM   596  C CB  . LYS A 1 87  ? 5.027   -13.008 -9.519  1.00 64.24  ? 79  LYS A CB  1 
ATOM   597  N N   . VAL A 1 88  ? 5.121   -10.452 -6.980  1.00 51.28  ? 80  VAL A N   1 
ATOM   598  C CA  . VAL A 1 88  ? 6.027   -9.750  -6.071  1.00 47.84  ? 80  VAL A CA  1 
ATOM   599  C C   . VAL A 1 88  ? 6.249   -10.464 -4.751  1.00 42.80  ? 80  VAL A C   1 
ATOM   600  O O   . VAL A 1 88  ? 5.379   -11.166 -4.252  1.00 40.48  ? 80  VAL A O   1 
ATOM   601  C CB  . VAL A 1 88  ? 5.650   -8.241  -5.849  1.00 52.10  ? 80  VAL A CB  1 
ATOM   602  C CG1 . VAL A 1 88  ? 5.098   -7.591  -7.112  1.00 52.11  ? 80  VAL A CG1 1 
ATOM   603  C CG2 . VAL A 1 88  ? 4.702   -8.028  -4.671  1.00 52.14  ? 80  VAL A CG2 1 
ATOM   604  N N   . LYS A 1 89  ? 7.452   -10.246 -4.196  1.00 37.50  ? 81  LYS A N   1 
ATOM   605  C CA  . LYS A 1 89  ? 7.902   -10.681 -2.884  1.00 36.56  ? 81  LYS A CA  1 
ATOM   606  C C   . LYS A 1 89  ? 7.919   -9.376  -2.066  1.00 39.02  ? 81  LYS A C   1 
ATOM   607  O O   . LYS A 1 89  ? 8.662   -8.439  -2.397  1.00 37.76  ? 81  LYS A O   1 
ATOM   608  C CB  . LYS A 1 89  ? 9.321   -11.262 -2.952  1.00 39.96  ? 81  LYS A CB  1 
ATOM   609  N N   . SER A 1 90  ? 7.086   -9.312  -1.031  1.00 33.66  ? 82  SER A N   1 
ATOM   610  C CA  . SER A 1 90  ? 6.965   -8.121  -0.188  1.00 32.34  ? 82  SER A CA  1 
ATOM   611  C C   . SER A 1 90  ? 7.472   -8.294  1.241   1.00 34.83  ? 82  SER A C   1 
ATOM   612  O O   . SER A 1 90  ? 7.416   -9.381  1.810   1.00 34.50  ? 82  SER A O   1 
ATOM   613  C CB  . SER A 1 90  ? 5.511   -7.676  -0.145  1.00 33.71  ? 82  SER A CB  1 
ATOM   614  O OG  . SER A 1 90  ? 5.125   -7.193  -1.415  1.00 40.31  ? 82  SER A OG  1 
ATOM   615  N N   . THR A 1 91  ? 7.968   -7.200  1.829   1.00 31.18  ? 83  THR A N   1 
ATOM   616  C CA  . THR A 1 91  ? 8.410   -7.158  3.229   1.00 28.69  ? 83  THR A CA  1 
ATOM   617  C C   . THR A 1 91  ? 7.901   -5.840  3.784   1.00 29.05  ? 83  THR A C   1 
ATOM   618  O O   . THR A 1 91  ? 8.098   -4.779  3.176   1.00 27.78  ? 83  THR A O   1 
ATOM   619  C CB  . THR A 1 91  ? 9.936   -7.289  3.390   1.00 36.50  ? 83  THR A CB  1 
ATOM   620  O OG1 . THR A 1 91  ? 10.399  -8.396  2.620   1.00 38.30  ? 83  THR A OG1 1 
ATOM   621  C CG2 . THR A 1 91  ? 10.355  -7.513  4.863   1.00 35.49  ? 83  THR A CG2 1 
ATOM   622  N N   . ILE A 1 92  ? 7.230   -5.920  4.918   1.00 24.93  ? 84  ILE A N   1 
ATOM   623  C CA  . ILE A 1 92  ? 6.678   -4.751  5.592   1.00 25.52  ? 84  ILE A CA  1 
ATOM   624  C C   . ILE A 1 92  ? 7.348   -4.669  6.942   1.00 34.36  ? 84  ILE A C   1 
ATOM   625  O O   . ILE A 1 92  ? 7.374   -5.663  7.684   1.00 33.37  ? 84  ILE A O   1 
ATOM   626  C CB  . ILE A 1 92  ? 5.129   -4.753  5.675   1.00 27.65  ? 84  ILE A CB  1 
ATOM   627  C CG1 . ILE A 1 92  ? 4.508   -4.962  4.243   1.00 27.41  ? 84  ILE A CG1 1 
ATOM   628  C CG2 . ILE A 1 92  ? 4.631   -3.438  6.346   1.00 28.53  ? 84  ILE A CG2 1 
ATOM   629  C CD1 . ILE A 1 92  ? 3.029   -4.965  4.120   1.00 27.06  ? 84  ILE A CD1 1 
ATOM   630  N N   . THR A 1 93  ? 7.911   -3.492  7.249   1.00 31.45  ? 85  THR A N   1 
ATOM   631  C CA  . THR A 1 93  ? 8.589   -3.258  8.521   1.00 31.53  ? 85  THR A CA  1 
ATOM   632  C C   . THR A 1 93  ? 8.047   -1.977  9.132   1.00 36.69  ? 85  THR A C   1 
ATOM   633  O O   . THR A 1 93  ? 7.404   -1.185  8.445   1.00 34.66  ? 85  THR A O   1 
ATOM   634  C CB  . THR A 1 93  ? 10.126  -3.146  8.319   1.00 38.81  ? 85  THR A CB  1 
ATOM   635  O OG1 . THR A 1 93  ? 10.379  -2.188  7.296   1.00 37.63  ? 85  THR A OG1 1 
ATOM   636  C CG2 . THR A 1 93  ? 10.775  -4.464  7.933   1.00 36.46  ? 85  THR A CG2 1 
ATOM   637  N N   . LEU A 1 94  ? 8.277   -1.789  10.435  1.00 34.78  ? 86  LEU A N   1 
ATOM   638  C CA  . LEU A 1 94  ? 7.862   -0.568  11.114  1.00 36.44  ? 86  LEU A CA  1 
ATOM   639  C C   . LEU A 1 94  ? 9.143   0.199   11.407  1.00 42.44  ? 86  LEU A C   1 
ATOM   640  O O   . LEU A 1 94  ? 9.968   -0.282  12.176  1.00 43.22  ? 86  LEU A O   1 
ATOM   641  C CB  . LEU A 1 94  ? 7.143   -0.918  12.422  1.00 37.16  ? 86  LEU A CB  1 
ATOM   642  C CG  . LEU A 1 94  ? 5.659   -0.578  12.623  1.00 41.72  ? 86  LEU A CG  1 
ATOM   643  C CD1 . LEU A 1 94  ? 5.316   -0.702  14.103  1.00 42.47  ? 86  LEU A CD1 1 
ATOM   644  C CD2 . LEU A 1 94  ? 5.303   0.854   12.186  1.00 40.45  ? 86  LEU A CD2 1 
ATOM   645  N N   . ASP A 1 95  ? 9.356   1.332   10.740  1.00 39.82  ? 87  ASP A N   1 
ATOM   646  C CA  . ASP A 1 95  ? 10.550  2.166   10.921  1.00 39.77  ? 87  ASP A CA  1 
ATOM   647  C C   . ASP A 1 95  ? 10.181  3.524   11.511  1.00 39.89  ? 87  ASP A C   1 
ATOM   648  O O   . ASP A 1 95  ? 9.587   4.361   10.830  1.00 38.38  ? 87  ASP A O   1 
ATOM   649  C CB  . ASP A 1 95  ? 11.330  2.300   9.603   1.00 43.51  ? 87  ASP A CB  1 
ATOM   650  C CG  . ASP A 1 95  ? 12.418  3.363   9.573   1.00 66.76  ? 87  ASP A CG  1 
ATOM   651  O OD1 . ASP A 1 95  ? 13.173  3.478   10.577  1.00 68.77  ? 87  ASP A OD1 1 
ATOM   652  O OD2 . ASP A 1 95  ? 12.542  4.054   8.532   1.00 78.04  ? 87  ASP A OD2 1 
ATOM   653  N N   . GLY A 1 96  ? 10.498  3.705   12.788  1.00 35.67  ? 88  GLY A N   1 
ATOM   654  C CA  . GLY A 1 96  ? 10.223  4.940   13.526  1.00 35.59  ? 88  GLY A CA  1 
ATOM   655  C C   . GLY A 1 96  ? 8.811   5.444   13.324  1.00 39.29  ? 88  GLY A C   1 
ATOM   656  O O   . GLY A 1 96  ? 8.621   6.556   12.824  1.00 41.47  ? 88  GLY A O   1 
ATOM   657  N N   . GLY A 1 97  ? 7.818   4.593   13.616  1.00 33.79  ? 89  GLY A N   1 
ATOM   658  C CA  . GLY A 1 97  ? 6.411   4.977   13.475  1.00 32.46  ? 89  GLY A CA  1 
ATOM   659  C C   . GLY A 1 97  ? 5.801   4.873   12.082  1.00 35.73  ? 89  GLY A C   1 
ATOM   660  O O   . GLY A 1 97  ? 4.589   5.001   11.934  1.00 37.83  ? 89  GLY A O   1 
ATOM   661  N N   . VAL A 1 98  ? 6.613   4.625   11.063  1.00 30.30  ? 90  VAL A N   1 
ATOM   662  C CA  . VAL A 1 98  ? 6.185   4.544   9.657   1.00 29.77  ? 90  VAL A CA  1 
ATOM   663  C C   . VAL A 1 98  ? 6.169   3.066   9.203   1.00 32.95  ? 90  VAL A C   1 
ATOM   664  O O   . VAL A 1 98  ? 7.183   2.384   9.351   1.00 30.00  ? 90  VAL A O   1 
ATOM   665  C CB  . VAL A 1 98  ? 7.149   5.403   8.776   1.00 33.22  ? 90  VAL A CB  1 
ATOM   666  C CG1 . VAL A 1 98  ? 6.759   5.363   7.297   1.00 32.85  ? 90  VAL A CG1 1 
ATOM   667  C CG2 . VAL A 1 98  ? 7.211   6.848   9.272   1.00 33.23  ? 90  VAL A CG2 1 
ATOM   668  N N   . LEU A 1 99  ? 5.020   2.593   8.636   1.00 29.62  ? 91  LEU A N   1 
ATOM   669  C CA  . LEU A 1 99  ? 4.875   1.253   8.060   1.00 29.08  ? 91  LEU A CA  1 
ATOM   670  C C   . LEU A 1 99  ? 5.501   1.365   6.665   1.00 30.62  ? 91  LEU A C   1 
ATOM   671  O O   . LEU A 1 99  ? 4.977   2.125   5.851   1.00 28.38  ? 91  LEU A O   1 
ATOM   672  C CB  . LEU A 1 99  ? 3.362   0.934   7.916   1.00 30.18  ? 91  LEU A CB  1 
ATOM   673  C CG  . LEU A 1 99  ? 2.679   -0.173  8.734   1.00 37.10  ? 91  LEU A CG  1 
ATOM   674  C CD1 . LEU A 1 99  ? 1.545   -0.836  7.875   1.00 38.16  ? 91  LEU A CD1 1 
ATOM   675  C CD2 . LEU A 1 99  ? 3.684   -1.271  9.226   1.00 36.83  ? 91  LEU A CD2 1 
ATOM   676  N N   . VAL A 1 100 ? 6.637   0.662   6.407   1.00 26.40  ? 92  VAL A N   1 
ATOM   677  C CA  . VAL A 1 100 ? 7.407   0.655   5.166   1.00 25.17  ? 92  VAL A CA  1 
ATOM   678  C C   . VAL A 1 100 ? 7.157   -0.682  4.433   1.00 29.33  ? 92  VAL A C   1 
ATOM   679  O O   . VAL A 1 100 ? 7.531   -1.740  4.930   1.00 28.14  ? 92  VAL A O   1 
ATOM   680  C CB  . VAL A 1 100 ? 8.932   0.920   5.444   1.00 30.40  ? 92  VAL A CB  1 
ATOM   681  C CG1 . VAL A 1 100 ? 9.774   0.875   4.164   1.00 29.13  ? 92  VAL A CG1 1 
ATOM   682  C CG2 . VAL A 1 100 ? 9.147   2.261   6.174   1.00 29.81  ? 92  VAL A CG2 1 
ATOM   683  N N   . HIS A 1 101 ? 6.481   -0.625  3.281   1.00 26.03  ? 93  HIS A N   1 
ATOM   684  C CA  . HIS A 1 101 ? 6.117   -1.800  2.485   1.00 26.74  ? 93  HIS A CA  1 
ATOM   685  C C   . HIS A 1 101 ? 6.969   -1.805  1.233   1.00 29.91  ? 93  HIS A C   1 
ATOM   686  O O   . HIS A 1 101 ? 6.760   -0.975  0.346   1.00 29.31  ? 93  HIS A O   1 
ATOM   687  C CB  . HIS A 1 101 ? 4.596   -1.738  2.161   1.00 28.04  ? 93  HIS A CB  1 
ATOM   688  C CG  . HIS A 1 101 ? 4.042   -2.844  1.306   1.00 32.11  ? 93  HIS A CG  1 
ATOM   689  N ND1 . HIS A 1 101 ? 2.673   -2.942  1.066   1.00 34.16  ? 93  HIS A ND1 1 
ATOM   690  C CD2 . HIS A 1 101 ? 4.664   -3.881  0.690   1.00 34.46  ? 93  HIS A CD2 1 
ATOM   691  C CE1 . HIS A 1 101 ? 2.517   -4.026  0.325   1.00 33.76  ? 93  HIS A CE1 1 
ATOM   692  N NE2 . HIS A 1 101 ? 3.683   -4.619  0.068   1.00 34.11  ? 93  HIS A NE2 1 
ATOM   693  N N   . VAL A 1 102 ? 7.927   -2.746  1.147   1.00 28.07  ? 94  VAL A N   1 
ATOM   694  C CA  . VAL A 1 102 ? 8.790   -2.906  -0.011  1.00 28.36  ? 94  VAL A CA  1 
ATOM   695  C C   . VAL A 1 102 ? 8.295   -4.084  -0.847  1.00 33.95  ? 94  VAL A C   1 
ATOM   696  O O   . VAL A 1 102 ? 8.190   -5.190  -0.324  1.00 34.78  ? 94  VAL A O   1 
ATOM   697  C CB  . VAL A 1 102 ? 10.304  -3.057  0.344   1.00 33.40  ? 94  VAL A CB  1 
ATOM   698  C CG1 . VAL A 1 102 ? 11.153  -3.232  -0.926  1.00 32.85  ? 94  VAL A CG1 1 
ATOM   699  C CG2 . VAL A 1 102 ? 10.805  -1.866  1.174   1.00 33.51  ? 94  VAL A CG2 1 
ATOM   700  N N   . GLN A 1 103 ? 7.965   -3.831  -2.127  1.00 31.22  ? 95  GLN A N   1 
ATOM   701  C CA  . GLN A 1 103 ? 7.534   -4.836  -3.102  1.00 32.17  ? 95  GLN A CA  1 
ATOM   702  C C   . GLN A 1 103 ? 8.697   -5.015  -4.078  1.00 37.70  ? 95  GLN A C   1 
ATOM   703  O O   . GLN A 1 103 ? 9.153   -4.023  -4.639  1.00 37.05  ? 95  GLN A O   1 
ATOM   704  C CB  . GLN A 1 103 ? 6.302   -4.360  -3.867  1.00 34.08  ? 95  GLN A CB  1 
ATOM   705  C CG  . GLN A 1 103 ? 5.027   -4.221  -3.041  1.00 33.78  ? 95  GLN A CG  1 
ATOM   706  C CD  . GLN A 1 103 ? 3.883   -3.800  -3.937  1.00 48.02  ? 95  GLN A CD  1 
ATOM   707  O OE1 . GLN A 1 103 ? 4.086   -3.205  -4.998  1.00 41.10  ? 95  GLN A OE1 1 
ATOM   708  N NE2 . GLN A 1 103 ? 2.659   -4.070  -3.520  1.00 37.98  ? 95  GLN A NE2 1 
ATOM   709  N N   . LYS A 1 104 ? 9.190   -6.262  -4.252  1.00 36.84  ? 96  LYS A N   1 
ATOM   710  C CA  . LYS A 1 104 ? 10.323  -6.600  -5.130  1.00 38.04  ? 96  LYS A CA  1 
ATOM   711  C C   . LYS A 1 104 ? 9.881   -7.647  -6.151  1.00 46.24  ? 96  LYS A C   1 
ATOM   712  O O   . LYS A 1 104 ? 9.212   -8.631  -5.799  1.00 44.79  ? 96  LYS A O   1 
ATOM   713  C CB  . LYS A 1 104 ? 11.559  -7.146  -4.354  1.00 39.84  ? 96  LYS A CB  1 
ATOM   714  C CG  . LYS A 1 104 ? 11.615  -6.802  -2.872  1.00 52.16  ? 96  LYS A CG  1 
ATOM   715  C CD  . LYS A 1 104 ? 12.324  -7.869  -2.039  1.00 52.30  ? 96  LYS A CD  1 
ATOM   716  C CE  . LYS A 1 104 ? 12.025  -7.717  -0.548  1.00 60.16  ? 96  LYS A CE  1 
ATOM   717  N NZ  . LYS A 1 104 ? 10.637  -8.149  -0.172  1.00 51.45  ? 96  LYS A NZ  1 
ATOM   718  N N   . TRP A 1 105 ? 10.288  -7.438  -7.413  1.00 46.41  ? 97  TRP A N   1 
ATOM   719  C CA  . TRP A 1 105 ? 9.974   -8.292  -8.549  1.00 47.88  ? 97  TRP A CA  1 
ATOM   720  C C   . TRP A 1 105 ? 10.995  -7.998  -9.634  1.00 54.17  ? 97  TRP A C   1 
ATOM   721  O O   . TRP A 1 105 ? 11.382  -6.830  -9.803  1.00 52.78  ? 97  TRP A O   1 
ATOM   722  C CB  . TRP A 1 105 ? 8.533   -8.038  -9.053  1.00 47.52  ? 97  TRP A CB  1 
ATOM   723  C CG  . TRP A 1 105 ? 8.346   -6.759  -9.815  1.00 49.34  ? 97  TRP A CG  1 
ATOM   724  C CD1 . TRP A 1 105 ? 8.254   -6.625  -11.169 1.00 52.73  ? 97  TRP A CD1 1 
ATOM   725  C CD2 . TRP A 1 105 ? 8.334   -5.424  -9.279  1.00 49.30  ? 97  TRP A CD2 1 
ATOM   726  N NE1 . TRP A 1 105 ? 8.140   -5.297  -11.510 1.00 52.54  ? 97  TRP A NE1 1 
ATOM   727  C CE2 . TRP A 1 105 ? 8.198   -4.537  -10.370 1.00 53.43  ? 97  TRP A CE2 1 
ATOM   728  C CE3 . TRP A 1 105 ? 8.395   -4.892  -7.978  1.00 50.01  ? 97  TRP A CE3 1 
ATOM   729  C CZ2 . TRP A 1 105 ? 8.133   -3.148  -10.205 1.00 52.50  ? 97  TRP A CZ2 1 
ATOM   730  C CZ3 . TRP A 1 105 ? 8.337   -3.517  -7.818  1.00 51.24  ? 97  TRP A CZ3 1 
ATOM   731  C CH2 . TRP A 1 105 ? 8.181   -2.662  -8.917  1.00 51.88  ? 97  TRP A CH2 1 
ATOM   732  N N   A ASP A 1 106 ? 11.390  -9.037  -10.402 0.50 51.59  ? 98  ASP A N   1 
ATOM   733  N N   B ASP A 1 106 ? 11.506  -9.062  -10.303 0.50 52.38  ? 98  ASP A N   1 
ATOM   734  C CA  A ASP A 1 106 ? 12.316  -8.969  -11.541 0.50 51.45  ? 98  ASP A CA  1 
ATOM   735  C CA  B ASP A 1 106 ? 12.543  -8.996  -11.342 0.50 52.65  ? 98  ASP A CA  1 
ATOM   736  C C   A ASP A 1 106 ? 13.562  -8.069  -11.298 0.50 54.67  ? 98  ASP A C   1 
ATOM   737  C C   B ASP A 1 106 ? 13.838  -8.375  -10.754 0.50 56.39  ? 98  ASP A C   1 
ATOM   738  O O   A ASP A 1 106 ? 13.962  -7.302  -12.185 0.50 54.03  ? 98  ASP A O   1 
ATOM   739  O O   B ASP A 1 106 ? 14.372  -8.913  -9.783  0.50 55.75  ? 98  ASP A O   1 
ATOM   740  C CB  A ASP A 1 106 ? 11.543  -8.546  -12.808 0.50 53.33  ? 98  ASP A CB  1 
ATOM   741  C CB  B ASP A 1 106 ? 12.028  -8.265  -12.605 0.50 54.69  ? 98  ASP A CB  1 
ATOM   742  N N   A GLY A 1 107 ? 14.129  -8.161  -10.087 0.50 50.59  ? 99  GLY A N   1 
ATOM   743  N N   B GLY A 1 107 ? 14.284  -7.242  -11.302 0.50 53.03  ? 99  GLY A N   1 
ATOM   744  C CA  A GLY A 1 107 ? 15.293  -7.389  -9.654  0.50 50.33  ? 99  GLY A CA  1 
ATOM   745  C CA  B GLY A 1 107 ? 15.448  -6.505  -10.817 0.50 52.80  ? 99  GLY A CA  1 
ATOM   746  C C   A GLY A 1 107 ? 15.035  -5.939  -9.265  0.50 54.33  ? 99  GLY A C   1 
ATOM   747  C C   B GLY A 1 107 ? 15.063  -5.153  -10.250 0.50 56.91  ? 99  GLY A C   1 
ATOM   748  O O   A GLY A 1 107 ? 15.948  -5.264  -8.775  0.50 54.12  ? 99  GLY A O   1 
ATOM   749  O O   B GLY A 1 107 ? 15.912  -4.264  -10.111 0.50 56.78  ? 99  GLY A O   1 
ATOM   750  N N   A LYS A 1 108 ? 13.791  -5.449  -9.477  0.50 50.01  ? 100 LYS A N   1 
ATOM   751  N N   B LYS A 1 108 ? 13.768  -4.997  -9.907  0.50 52.59  ? 100 LYS A N   1 
ATOM   752  C CA  A LYS A 1 108 ? 13.346  -4.075  -9.196  0.50 49.39  ? 100 LYS A CA  1 
ATOM   753  C CA  B LYS A 1 108 ? 13.217  -3.747  -9.387  0.50 51.62  ? 100 LYS A CA  1 
ATOM   754  C C   A LYS A 1 108 ? 12.582  -3.971  -7.866  0.50 49.86  ? 100 LYS A C   1 
ATOM   755  C C   B LYS A 1 108 ? 12.458  -3.874  -8.060  0.50 51.18  ? 100 LYS A C   1 
ATOM   756  O O   A LYS A 1 108 ? 12.249  -5.005  -7.284  0.50 48.98  ? 100 LYS A O   1 
ATOM   757  O O   B LYS A 1 108 ? 12.038  -4.960  -7.663  0.50 50.73  ? 100 LYS A O   1 
ATOM   758  C CB  A LYS A 1 108 ? 12.458  -3.579  -10.355 0.50 52.49  ? 100 LYS A CB  1 
ATOM   759  C CB  B LYS A 1 108 ? 12.323  -3.091  -10.455 0.50 54.68  ? 100 LYS A CB  1 
ATOM   760  N N   . SER A 1 109 ? 12.300  -2.735  -7.380  1.00 44.50  ? 101 SER A N   1 
ATOM   761  C CA  . SER A 1 109 ? 11.550  -2.574  -6.132  1.00 41.62  ? 101 SER A CA  1 
ATOM   762  C C   . SER A 1 109 ? 10.796  -1.243  -6.071  1.00 40.27  ? 101 SER A C   1 
ATOM   763  O O   . SER A 1 109 ? 11.170  -0.280  -6.726  1.00 39.07  ? 101 SER A O   1 
ATOM   764  C CB  . SER A 1 109 ? 12.444  -2.745  -4.907  1.00 44.99  ? 101 SER A CB  1 
ATOM   765  O OG  . SER A 1 109 ? 13.182  -1.580  -4.582  1.00 54.04  ? 101 SER A OG  1 
ATOM   766  N N   . THR A 1 110 ? 9.728   -1.201  -5.287  1.00 34.88  ? 102 THR A N   1 
ATOM   767  C CA  . THR A 1 110 ? 8.967   0.031   -5.038  1.00 32.85  ? 102 THR A CA  1 
ATOM   768  C C   . THR A 1 110 ? 8.659   0.061   -3.555  1.00 33.17  ? 102 THR A C   1 
ATOM   769  O O   . THR A 1 110 ? 8.546   -0.996  -2.935  1.00 33.33  ? 102 THR A O   1 
ATOM   770  C CB  . THR A 1 110 ? 7.730   0.173   -5.970  1.00 38.47  ? 102 THR A CB  1 
ATOM   771  O OG1 . THR A 1 110 ? 7.099   1.420   -5.688  1.00 38.19  ? 102 THR A OG1 1 
ATOM   772  C CG2 . THR A 1 110 ? 6.694   -0.927  -5.767  1.00 36.35  ? 102 THR A CG2 1 
ATOM   773  N N   . THR A 1 111 ? 8.538   1.246   -2.986  1.00 30.39  ? 103 THR A N   1 
ATOM   774  C CA  . THR A 1 111 ? 8.240   1.387   -1.569  1.00 30.97  ? 103 THR A CA  1 
ATOM   775  C C   . THR A 1 111 ? 6.927   2.143   -1.358  1.00 34.39  ? 103 THR A C   1 
ATOM   776  O O   . THR A 1 111 ? 6.726   3.185   -1.967  1.00 34.87  ? 103 THR A O   1 
ATOM   777  C CB  . THR A 1 111 ? 9.406   2.077   -0.815  1.00 38.33  ? 103 THR A CB  1 
ATOM   778  O OG1 . THR A 1 111 ? 10.609  1.367   -1.078  1.00 38.28  ? 103 THR A OG1 1 
ATOM   779  C CG2 . THR A 1 111 ? 9.197   2.084   0.680   1.00 39.36  ? 103 THR A CG2 1 
ATOM   780  N N   . ILE A 1 112 ? 6.061   1.621   -0.479  1.00 28.94  ? 104 ILE A N   1 
ATOM   781  C CA  . ILE A 1 112 ? 4.790   2.238   -0.082  1.00 27.64  ? 104 ILE A CA  1 
ATOM   782  C C   . ILE A 1 112 ? 4.915   2.523   1.423   1.00 31.86  ? 104 ILE A C   1 
ATOM   783  O O   . ILE A 1 112 ? 5.028   1.600   2.220   1.00 30.71  ? 104 ILE A O   1 
ATOM   784  C CB  . ILE A 1 112 ? 3.584   1.292   -0.399  1.00 30.34  ? 104 ILE A CB  1 
ATOM   785  C CG1 . ILE A 1 112 ? 3.526   0.948   -1.923  1.00 29.82  ? 104 ILE A CG1 1 
ATOM   786  C CG2 . ILE A 1 112 ? 2.244   1.900   0.099   1.00 29.61  ? 104 ILE A CG2 1 
ATOM   787  C CD1 . ILE A 1 112 ? 2.690   -0.315  -2.252  1.00 35.25  ? 104 ILE A CD1 1 
ATOM   788  N N   . LYS A 1 113 ? 4.922   3.795   1.805   1.00 28.88  ? 105 LYS A N   1 
ATOM   789  C CA  . LYS A 1 113 ? 5.062   4.155   3.205   1.00 28.29  ? 105 LYS A CA  1 
ATOM   790  C C   . LYS A 1 113 ? 3.741   4.695   3.696   1.00 30.55  ? 105 LYS A C   1 
ATOM   791  O O   . LYS A 1 113 ? 3.104   5.479   2.989   1.00 30.37  ? 105 LYS A O   1 
ATOM   792  C CB  . LYS A 1 113 ? 6.143   5.245   3.372   1.00 30.71  ? 105 LYS A CB  1 
ATOM   793  C CG  . LYS A 1 113 ? 7.520   4.843   2.867   1.00 36.04  ? 105 LYS A CG  1 
ATOM   794  C CD  . LYS A 1 113 ? 8.444   6.045   3.001   1.00 46.62  ? 105 LYS A CD  1 
ATOM   795  C CE  . LYS A 1 113 ? 9.835   5.676   3.460   1.00 54.27  ? 105 LYS A CE  1 
ATOM   796  N NZ  . LYS A 1 113 ? 10.796  5.580   2.323   1.00 62.08  ? 105 LYS A NZ  1 
ATOM   797  N N   A ARG A 1 114 ? 3.329   4.285   4.899   0.50 25.59  ? 106 ARG A N   1 
ATOM   798  N N   B ARG A 1 114 ? 3.318   4.280   4.888   0.50 25.83  ? 106 ARG A N   1 
ATOM   799  C CA  A ARG A 1 114 ? 2.121   4.766   5.553   0.50 25.97  ? 106 ARG A CA  1 
ATOM   800  C CA  B ARG A 1 114 ? 2.079   4.724   5.508   0.50 26.36  ? 106 ARG A CA  1 
ATOM   801  C C   A ARG A 1 114 ? 2.517   5.402   6.877   0.50 31.31  ? 106 ARG A C   1 
ATOM   802  C C   B ARG A 1 114 ? 2.434   5.353   6.879   0.50 31.67  ? 106 ARG A C   1 
ATOM   803  O O   A ARG A 1 114 ? 3.242   4.800   7.683   0.50 29.15  ? 106 ARG A O   1 
ATOM   804  O O   B ARG A 1 114 ? 3.088   4.704   7.706   0.50 29.83  ? 106 ARG A O   1 
ATOM   805  C CB  A ARG A 1 114 ? 1.088   3.639   5.780   0.50 26.91  ? 106 ARG A CB  1 
ATOM   806  C CB  B ARG A 1 114 ? 1.078   3.540   5.639   0.50 27.66  ? 106 ARG A CB  1 
ATOM   807  C CG  A ARG A 1 114 ? 0.554   3.049   4.488   0.50 25.43  ? 106 ARG A CG  1 
ATOM   808  C CG  B ARG A 1 114 ? 0.744   2.820   4.309   0.50 28.00  ? 106 ARG A CG  1 
ATOM   809  C CD  A ARG A 1 114 ? -0.468  1.949   4.695   0.50 21.69  ? 106 ARG A CD  1 
ATOM   810  C CD  B ARG A 1 114 ? 0.074   1.463   4.527   0.50 39.01  ? 106 ARG A CD  1 
ATOM   811  N NE  A ARG A 1 114 ? -0.448  1.083   3.512   0.50 35.99  ? 106 ARG A NE  1 
ATOM   812  N NE  B ARG A 1 114 ? -0.468  0.886   3.287   0.50 39.25  ? 106 ARG A NE  1 
ATOM   813  C CZ  A ARG A 1 114 ? -1.204  1.255   2.432   0.50 43.09  ? 106 ARG A CZ  1 
ATOM   814  C CZ  B ARG A 1 114 ? 0.065   -0.125  2.604   0.50 42.25  ? 106 ARG A CZ  1 
ATOM   815  N NH1 A ARG A 1 114 ? -1.077  0.445   1.393   0.50 26.33  ? 106 ARG A NH1 1 
ATOM   816  N NH1 B ARG A 1 114 ? -0.517  -0.566  1.499   0.50 29.91  ? 106 ARG A NH1 1 
ATOM   817  N NH2 A ARG A 1 114 ? -2.114  2.225   2.393   0.50 36.29  ? 106 ARG A NH2 1 
ATOM   818  N NH2 B ARG A 1 114 ? 1.194   -0.688  3.006   0.50 22.20  ? 106 ARG A NH2 1 
ATOM   819  N N   . LYS A 1 115 ? 2.072   6.637   7.082   1.00 29.95  ? 107 LYS A N   1 
ATOM   820  C CA  . LYS A 1 115 ? 2.354   7.373   8.317   1.00 30.67  ? 107 LYS A CA  1 
ATOM   821  C C   . LYS A 1 115 ? 1.079   8.011   8.841   1.00 34.07  ? 107 LYS A C   1 
ATOM   822  O O   . LYS A 1 115 ? 0.258   8.455   8.043   1.00 34.83  ? 107 LYS A O   1 
ATOM   823  C CB  . LYS A 1 115 ? 3.394   8.467   8.023   1.00 36.32  ? 107 LYS A CB  1 
ATOM   824  C CG  . LYS A 1 115 ? 4.068   9.090   9.266   1.00 52.14  ? 107 LYS A CG  1 
ATOM   825  C CD  . LYS A 1 115 ? 4.985   10.246  8.858   1.00 64.03  ? 107 LYS A CD  1 
ATOM   826  C CE  . LYS A 1 115 ? 5.715   10.903  10.012  1.00 73.18  ? 107 LYS A CE  1 
ATOM   827  N NZ  . LYS A 1 115 ? 6.925   10.145  10.430  1.00 77.11  ? 107 LYS A NZ  1 
ATOM   828  N N   . ARG A 1 116 ? 0.920   8.072   10.177  1.00 31.05  ? 108 ARG A N   1 
ATOM   829  C CA  . ARG A 1 116 ? -0.195  8.765   10.814  1.00 31.86  ? 108 ARG A CA  1 
ATOM   830  C C   . ARG A 1 116 ? 0.142   10.250  10.941  1.00 37.85  ? 108 ARG A C   1 
ATOM   831  O O   . ARG A 1 116 ? 1.206   10.594  11.458  1.00 39.84  ? 108 ARG A O   1 
ATOM   832  C CB  . ARG A 1 116 ? -0.501  8.150   12.196  1.00 34.71  ? 108 ARG A CB  1 
ATOM   833  C CG  . ARG A 1 116 ? -1.567  7.074   12.120  1.00 44.61  ? 108 ARG A CG  1 
ATOM   834  C CD  . ARG A 1 116 ? -2.944  7.592   11.693  1.00 45.58  ? 108 ARG A CD  1 
ATOM   835  N NE  . ARG A 1 116 ? -3.464  8.689   12.523  1.00 38.52  ? 108 ARG A NE  1 
ATOM   836  C CZ  . ARG A 1 116 ? -4.163  8.515   13.640  1.00 57.38  ? 108 ARG A CZ  1 
ATOM   837  N NH1 . ARG A 1 116 ? -4.406  7.293   14.098  1.00 46.93  ? 108 ARG A NH1 1 
ATOM   838  N NH2 . ARG A 1 116 ? -4.606  9.562   14.321  1.00 53.59  ? 108 ARG A NH2 1 
ATOM   839  N N   . GLU A 1 117 ? -0.723  11.121  10.404  1.00 35.03  ? 109 GLU A N   1 
ATOM   840  C CA  . GLU A 1 117 ? -0.600  12.586  10.448  1.00 35.21  ? 109 GLU A CA  1 
ATOM   841  C C   . GLU A 1 117 ? -1.981  13.101  10.769  1.00 36.53  ? 109 GLU A C   1 
ATOM   842  O O   . GLU A 1 117 ? -2.923  12.854  9.983   1.00 35.29  ? 109 GLU A O   1 
ATOM   843  C CB  . GLU A 1 117 ? -0.125  13.155  9.098   1.00 37.38  ? 109 GLU A CB  1 
ATOM   844  N N   . ASP A 1 118 ? -2.124  13.787  11.948  1.00 31.01  ? 110 ASP A N   1 
ATOM   845  C CA  A ASP A 1 118 ? -3.412  14.289  12.430  0.50 30.17  ? 110 ASP A CA  1 
ATOM   846  C CA  B ASP A 1 118 ? -3.426  14.307  12.406  0.50 29.49  ? 110 ASP A CA  1 
ATOM   847  C C   . ASP A 1 118 ? -4.378  13.093  12.481  1.00 33.16  ? 110 ASP A C   1 
ATOM   848  O O   . ASP A 1 118 ? -4.006  12.088  13.066  1.00 34.29  ? 110 ASP A O   1 
ATOM   849  C CB  A ASP A 1 118 ? -3.903  15.482  11.573  0.50 31.63  ? 110 ASP A CB  1 
ATOM   850  C CB  B ASP A 1 118 ? -3.909  15.475  11.483  0.50 30.01  ? 110 ASP A CB  1 
ATOM   851  C CG  A ASP A 1 118 ? -2.873  16.596  11.457  0.50 43.98  ? 110 ASP A CG  1 
ATOM   852  C CG  B ASP A 1 118 ? -5.376  15.891  11.535  0.50 34.67  ? 110 ASP A CG  1 
ATOM   853  O OD1 A ASP A 1 118 ? -2.272  16.966  12.499  0.50 44.82  ? 110 ASP A OD1 1 
ATOM   854  O OD1 B ASP A 1 118 ? -5.851  16.295  12.632  0.50 30.25  ? 110 ASP A OD1 1 
ATOM   855  O OD2 A ASP A 1 118 ? -2.654  17.090  10.324  0.50 50.53  ? 110 ASP A OD2 1 
ATOM   856  O OD2 B ASP A 1 118 ? -6.046  15.840  10.468  0.50 41.47  ? 110 ASP A OD2 1 
ATOM   857  N N   . ASP A 1 119 ? -5.551  13.131  11.854  1.00 30.65  ? 111 ASP A N   1 
ATOM   858  C CA  . ASP A 1 119 ? -6.449  11.966  11.899  1.00 31.38  ? 111 ASP A CA  1 
ATOM   859  C C   . ASP A 1 119 ? -6.411  11.214  10.577  1.00 36.25  ? 111 ASP A C   1 
ATOM   860  O O   . ASP A 1 119 ? -7.353  10.490  10.229  1.00 37.84  ? 111 ASP A O   1 
ATOM   861  C CB  . ASP A 1 119 ? -7.879  12.401  12.261  1.00 33.35  ? 111 ASP A CB  1 
ATOM   862  C CG  . ASP A 1 119 ? -7.981  12.858  13.703  1.00 41.22  ? 111 ASP A CG  1 
ATOM   863  O OD1 . ASP A 1 119 ? -7.589  12.076  14.604  1.00 38.63  ? 111 ASP A OD1 1 
ATOM   864  O OD2 . ASP A 1 119 ? -8.444  13.998  13.932  1.00 46.69  ? 111 ASP A OD2 1 
ATOM   865  N N   . LYS A 1 120 ? -5.320  11.387  9.836   1.00 32.12  ? 112 LYS A N   1 
ATOM   866  C CA  . LYS A 1 120 ? -5.196  10.756  8.527   1.00 31.37  ? 112 LYS A CA  1 
ATOM   867  C C   . LYS A 1 120 ? -4.070  9.749   8.456   1.00 34.99  ? 112 LYS A C   1 
ATOM   868  O O   . LYS A 1 120 ? -3.133  9.798   9.253   1.00 34.17  ? 112 LYS A O   1 
ATOM   869  C CB  . LYS A 1 120 ? -4.999  11.831  7.446   1.00 33.73  ? 112 LYS A CB  1 
ATOM   870  C CG  . LYS A 1 120 ? -6.184  12.811  7.293   1.00 40.28  ? 112 LYS A CG  1 
ATOM   871  C CD  . LYS A 1 120 ? -5.686  14.158  6.826   1.00 51.91  ? 112 LYS A CD  1 
ATOM   872  N N   . LEU A 1 121 ? -4.160  8.848   7.469   1.00 32.04  ? 113 LEU A N   1 
ATOM   873  C CA  . LEU A 1 121 ? -3.127  7.878   7.110   1.00 32.15  ? 113 LEU A CA  1 
ATOM   874  C C   . LEU A 1 121 ? -2.609  8.397   5.789   1.00 33.61  ? 113 LEU A C   1 
ATOM   875  O O   . LEU A 1 121 ? -3.341  8.432   4.786   1.00 33.70  ? 113 LEU A O   1 
ATOM   876  C CB  . LEU A 1 121 ? -3.731  6.461   6.995   1.00 33.43  ? 113 LEU A CB  1 
ATOM   877  C CG  . LEU A 1 121 ? -2.792  5.267   6.722   1.00 41.33  ? 113 LEU A CG  1 
ATOM   878  C CD1 . LEU A 1 121 ? -1.867  5.029   7.889   1.00 42.59  ? 113 LEU A CD1 1 
ATOM   879  C CD2 . LEU A 1 121 ? -3.598  3.995   6.529   1.00 46.20  ? 113 LEU A CD2 1 
ATOM   880  N N   . VAL A 1 122 ? -1.378  8.906   5.803   1.00 27.79  ? 114 VAL A N   1 
ATOM   881  C CA  . VAL A 1 122 ? -0.758  9.462   4.614   1.00 28.26  ? 114 VAL A CA  1 
ATOM   882  C C   . VAL A 1 122 ? 0.116   8.391   3.975   1.00 35.10  ? 114 VAL A C   1 
ATOM   883  O O   . VAL A 1 122 ? 0.977   7.803   4.639   1.00 34.22  ? 114 VAL A O   1 
ATOM   884  C CB  . VAL A 1 122 ? -0.017  10.784  4.860   1.00 31.98  ? 114 VAL A CB  1 
ATOM   885  C CG1 . VAL A 1 122 ? 0.701   11.252  3.577   1.00 32.07  ? 114 VAL A CG1 1 
ATOM   886  C CG2 . VAL A 1 122 ? -1.011  11.849  5.357   1.00 31.93  ? 114 VAL A CG2 1 
ATOM   887  N N   . VAL A 1 123 ? -0.157  8.117   2.689   1.00 31.01  ? 115 VAL A N   1 
ATOM   888  C CA  . VAL A 1 123 ? 0.493   7.067   1.934   1.00 30.03  ? 115 VAL A CA  1 
ATOM   889  C C   . VAL A 1 123 ? 1.411   7.646   0.871   1.00 35.46  ? 115 VAL A C   1 
ATOM   890  O O   . VAL A 1 123 ? 0.952   8.362   -0.029  1.00 34.55  ? 115 VAL A O   1 
ATOM   891  C CB  . VAL A 1 123 ? -0.529  6.049   1.386   1.00 32.94  ? 115 VAL A CB  1 
ATOM   892  C CG1 . VAL A 1 123 ? 0.187   4.869   0.712   1.00 32.09  ? 115 VAL A CG1 1 
ATOM   893  C CG2 . VAL A 1 123 ? -1.441  5.549   2.504   1.00 32.99  ? 115 VAL A CG2 1 
ATOM   894  N N   . GLU A 1 124 ? 2.717   7.370   0.991   1.00 31.06  ? 116 GLU A N   1 
ATOM   895  C CA  . GLU A 1 124 ? 3.721   7.842   0.023   1.00 31.07  ? 116 GLU A CA  1 
ATOM   896  C C   . GLU A 1 124 ? 4.255   6.633   -0.756  1.00 33.67  ? 116 GLU A C   1 
ATOM   897  O O   . GLU A 1 124 ? 4.777   5.690   -0.147  1.00 31.25  ? 116 GLU A O   1 
ATOM   898  C CB  . GLU A 1 124 ? 4.852   8.631   0.714   1.00 32.66  ? 116 GLU A CB  1 
ATOM   899  C CG  . GLU A 1 124 ? 5.774   9.339   -0.269  1.00 46.33  ? 116 GLU A CG  1 
ATOM   900  C CD  . GLU A 1 124 ? 7.168   9.712   0.203   1.00 82.40  ? 116 GLU A CD  1 
ATOM   901  O OE1 . GLU A 1 124 ? 7.812   8.896   0.905   1.00 79.06  ? 116 GLU A OE1 1 
ATOM   902  O OE2 . GLU A 1 124 ? 7.650   10.794  -0.206  1.00 85.09  ? 116 GLU A OE2 1 
ATOM   903  N N   . CYS A 1 125 ? 4.057   6.634   -2.089  1.00 31.16  ? 117 CYS A N   1 
ATOM   904  C CA  . CYS A 1 125 ? 4.463   5.540   -2.992  1.00 33.00  ? 117 CYS A CA  1 
ATOM   905  C C   . CYS A 1 125 ? 5.587   6.081   -3.849  1.00 37.62  ? 117 CYS A C   1 
ATOM   906  O O   . CYS A 1 125 ? 5.448   7.172   -4.419  1.00 36.55  ? 117 CYS A O   1 
ATOM   907  C CB  . CYS A 1 125 ? 3.281   5.082   -3.840  1.00 34.39  ? 117 CYS A CB  1 
ATOM   908  S SG  . CYS A 1 125 ? 1.713   5.003   -2.932  1.00 39.24  ? 117 CYS A SG  1 
ATOM   909  N N   . VAL A 1 126 ? 6.722   5.376   -3.884  1.00 34.45  ? 118 VAL A N   1 
ATOM   910  C CA  . VAL A 1 126 ? 7.907   5.831   -4.602  1.00 35.94  ? 118 VAL A CA  1 
ATOM   911  C C   . VAL A 1 126 ? 8.427   4.725   -5.538  1.00 39.20  ? 118 VAL A C   1 
ATOM   912  O O   . VAL A 1 126 ? 8.567   3.570   -5.125  1.00 35.54  ? 118 VAL A O   1 
ATOM   913  C CB  . VAL A 1 126 ? 9.016   6.333   -3.617  1.00 42.38  ? 118 VAL A CB  1 
ATOM   914  C CG1 . VAL A 1 126 ? 10.244  6.844   -4.375  1.00 43.37  ? 118 VAL A CG1 1 
ATOM   915  C CG2 . VAL A 1 126 ? 8.488   7.421   -2.678  1.00 42.59  ? 118 VAL A CG2 1 
ATOM   916  N N   . MET A 1 127 ? 8.713   5.096   -6.801  1.00 35.44  ? 119 MET A N   1 
ATOM   917  C CA  . MET A 1 127 ? 9.252   4.173   -7.806  1.00 36.07  ? 119 MET A CA  1 
ATOM   918  C C   . MET A 1 127 ? 10.183  4.991   -8.710  1.00 44.97  ? 119 MET A C   1 
ATOM   919  O O   . MET A 1 127 ? 9.702   5.877   -9.438  1.00 44.25  ? 119 MET A O   1 
ATOM   920  C CB  . MET A 1 127 ? 8.107   3.526   -8.619  1.00 38.10  ? 119 MET A CB  1 
ATOM   921  C CG  . MET A 1 127 ? 8.570   2.637   -9.770  1.00 42.45  ? 119 MET A CG  1 
ATOM   922  S SD  . MET A 1 127 ? 9.505   1.239   -9.173  1.00 47.50  ? 119 MET A SD  1 
ATOM   923  C CE  . MET A 1 127 ? 10.122  0.532   -10.771 1.00 44.67  ? 119 MET A CE  1 
ATOM   924  N N   . LYS A 1 128 ? 11.513  4.741   -8.591  1.00 45.26  ? 120 LYS A N   1 
ATOM   925  C CA  . LYS A 1 128 ? 12.588  5.389   -9.368  1.00 46.68  ? 120 LYS A CA  1 
ATOM   926  C C   . LYS A 1 128 ? 12.411  6.918   -9.457  1.00 51.85  ? 120 LYS A C   1 
ATOM   927  O O   . LYS A 1 128 ? 12.403  7.485   -10.550 1.00 53.15  ? 120 LYS A O   1 
ATOM   928  C CB  . LYS A 1 128 ? 12.701  4.744   -10.774 1.00 49.64  ? 120 LYS A CB  1 
ATOM   929  N N   . GLY A 1 129 ? 12.182  7.544   -8.310  1.00 47.83  ? 121 GLY A N   1 
ATOM   930  C CA  . GLY A 1 129 ? 12.012  8.990   -8.217  1.00 47.47  ? 121 GLY A CA  1 
ATOM   931  C C   . GLY A 1 129 ? 10.609  9.530   -8.404  1.00 47.55  ? 121 GLY A C   1 
ATOM   932  O O   . GLY A 1 129 ? 10.376  10.696  -8.095  1.00 47.93  ? 121 GLY A O   1 
ATOM   933  N N   . VAL A 1 130 ? 9.673   8.705   -8.934  1.00 41.37  ? 122 VAL A N   1 
ATOM   934  C CA  . VAL A 1 130 ? 8.273   9.099   -9.157  1.00 39.68  ? 122 VAL A CA  1 
ATOM   935  C C   . VAL A 1 130 ? 7.454   8.860   -7.890  1.00 41.20  ? 122 VAL A C   1 
ATOM   936  O O   . VAL A 1 130 ? 7.352   7.728   -7.426  1.00 39.26  ? 122 VAL A O   1 
ATOM   937  C CB  . VAL A 1 130 ? 7.665   8.415   -10.399 1.00 42.59  ? 122 VAL A CB  1 
ATOM   938  C CG1 . VAL A 1 130 ? 6.223   8.839   -10.603 1.00 42.46  ? 122 VAL A CG1 1 
ATOM   939  C CG2 . VAL A 1 130 ? 8.501   8.718   -11.639 1.00 42.22  ? 122 VAL A CG2 1 
ATOM   940  N N   . THR A 1 131 ? 6.847   9.923   -7.360  1.00 37.42  ? 123 THR A N   1 
ATOM   941  C CA  . THR A 1 131 ? 6.105   9.869   -6.107  1.00 38.14  ? 123 THR A CA  1 
ATOM   942  C C   . THR A 1 131 ? 4.620   10.118  -6.284  1.00 40.10  ? 123 THR A C   1 
ATOM   943  O O   . THR A 1 131 ? 4.217   11.003  -7.031  1.00 41.03  ? 123 THR A O   1 
ATOM   944  C CB  . THR A 1 131 ? 6.760   10.851  -5.090  1.00 45.61  ? 123 THR A CB  1 
ATOM   945  O OG1 . THR A 1 131 ? 8.112   10.439  -4.853  1.00 43.35  ? 123 THR A OG1 1 
ATOM   946  C CG2 . THR A 1 131 ? 6.024   10.926  -3.765  1.00 46.40  ? 123 THR A CG2 1 
ATOM   947  N N   . SER A 1 132 ? 3.816   9.329   -5.584  1.00 32.77  ? 124 SER A N   1 
ATOM   948  C CA  . SER A 1 132 ? 2.374   9.497   -5.507  1.00 31.06  ? 124 SER A CA  1 
ATOM   949  C C   . SER A 1 132 ? 2.034   9.609   -4.034  1.00 36.46  ? 124 SER A C   1 
ATOM   950  O O   . SER A 1 132 ? 2.513   8.799   -3.226  1.00 36.64  ? 124 SER A O   1 
ATOM   951  C CB  . SER A 1 132 ? 1.637   8.301   -6.104  1.00 31.49  ? 124 SER A CB  1 
ATOM   952  O OG  . SER A 1 132 ? 0.242   8.424   -5.854  1.00 29.64  ? 124 SER A OG  1 
ATOM   953  N N   . THR A 1 133 ? 1.197   10.576  -3.688  1.00 32.68  ? 125 THR A N   1 
ATOM   954  C CA  . THR A 1 133 ? 0.734   10.761  -2.308  1.00 32.11  ? 125 THR A CA  1 
ATOM   955  C C   . THR A 1 133 ? -0.738  10.480  -2.285  1.00 33.46  ? 125 THR A C   1 
ATOM   956  O O   . THR A 1 133 ? -1.478  11.025  -3.106  1.00 33.10  ? 125 THR A O   1 
ATOM   957  C CB  . THR A 1 133 ? 1.006   12.185  -1.786  1.00 40.90  ? 125 THR A CB  1 
ATOM   958  O OG1 . THR A 1 133 ? 2.395   12.460  -1.904  1.00 39.59  ? 125 THR A OG1 1 
ATOM   959  C CG2 . THR A 1 133 ? 0.578   12.366  -0.326  1.00 40.58  ? 125 THR A CG2 1 
ATOM   960  N N   . ARG A 1 134 ? -1.162  9.625   -1.357  1.00 28.84  ? 126 ARG A N   1 
ATOM   961  C CA  . ARG A 1 134 ? -2.562  9.272   -1.160  1.00 29.24  ? 126 ARG A CA  1 
ATOM   962  C C   . ARG A 1 134 ? -2.919  9.454   0.284   1.00 35.11  ? 126 ARG A C   1 
ATOM   963  O O   . ARG A 1 134 ? -2.142  9.077   1.155   1.00 34.87  ? 126 ARG A O   1 
ATOM   964  C CB  . ARG A 1 134 ? -2.835  7.849   -1.612  1.00 29.35  ? 126 ARG A CB  1 
ATOM   965  C CG  . ARG A 1 134 ? -2.902  7.747   -3.121  1.00 37.87  ? 126 ARG A CG  1 
ATOM   966  C CD  . ARG A 1 134 ? -2.616  6.360   -3.595  1.00 29.94  ? 126 ARG A CD  1 
ATOM   967  N NE  . ARG A 1 134 ? -3.719  5.409   -3.407  1.00 32.98  ? 126 ARG A NE  1 
ATOM   968  C CZ  . ARG A 1 134 ? -4.811  5.309   -4.161  1.00 35.79  ? 126 ARG A CZ  1 
ATOM   969  N NH1 . ARG A 1 134 ? -5.069  6.216   -5.101  1.00 30.52  ? 126 ARG A NH1 1 
ATOM   970  N NH2 . ARG A 1 134 ? -5.671  4.327   -3.956  1.00 33.65  ? 126 ARG A NH2 1 
ATOM   971  N N   . VAL A 1 135 ? -4.080  10.044  0.555   1.00 30.76  ? 127 VAL A N   1 
ATOM   972  C CA  . VAL A 1 135 ? -4.511  10.351  1.919   1.00 29.52  ? 127 VAL A CA  1 
ATOM   973  C C   . VAL A 1 135 ? -5.791  9.608   2.241   1.00 31.48  ? 127 VAL A C   1 
ATOM   974  O O   . VAL A 1 135 ? -6.697  9.609   1.434   1.00 32.07  ? 127 VAL A O   1 
ATOM   975  C CB  . VAL A 1 135 ? -4.631  11.905  2.141   1.00 33.58  ? 127 VAL A CB  1 
ATOM   976  C CG1 . VAL A 1 135 ? -5.017  12.246  3.592   1.00 33.89  ? 127 VAL A CG1 1 
ATOM   977  C CG2 . VAL A 1 135 ? -3.332  12.609  1.781   1.00 33.05  ? 127 VAL A CG2 1 
ATOM   978  N N   . TYR A 1 136 ? -5.853  8.957   3.406   1.00 26.92  ? 128 TYR A N   1 
ATOM   979  C CA  . TYR A 1 136 ? -7.015  8.235   3.897   1.00 27.15  ? 128 TYR A CA  1 
ATOM   980  C C   . TYR A 1 136 ? -7.481  8.924   5.185   1.00 35.94  ? 128 TYR A C   1 
ATOM   981  O O   . TYR A 1 136 ? -6.654  9.482   5.912   1.00 34.58  ? 128 TYR A O   1 
ATOM   982  C CB  . TYR A 1 136 ? -6.682  6.757   4.220   1.00 28.14  ? 128 TYR A CB  1 
ATOM   983  C CG  . TYR A 1 136 ? -6.464  5.844   3.015   1.00 27.55  ? 128 TYR A CG  1 
ATOM   984  C CD1 . TYR A 1 136 ? -5.262  5.856   2.310   1.00 30.00  ? 128 TYR A CD1 1 
ATOM   985  C CD2 . TYR A 1 136 ? -7.470  4.996   2.570   1.00 27.38  ? 128 TYR A CD2 1 
ATOM   986  C CE1 . TYR A 1 136 ? -5.063  5.022   1.198   1.00 30.55  ? 128 TYR A CE1 1 
ATOM   987  C CE2 . TYR A 1 136 ? -7.286  4.166   1.467   1.00 28.33  ? 128 TYR A CE2 1 
ATOM   988  C CZ  . TYR A 1 136 ? -6.082  4.177   0.786   1.00 33.39  ? 128 TYR A CZ  1 
ATOM   989  O OH  . TYR A 1 136 ? -5.937  3.341   -0.294  1.00 30.76  ? 128 TYR A OH  1 
ATOM   990  N N   . GLU A 1 137 ? -8.789  8.855   5.482   1.00 34.53  ? 129 GLU A N   1 
ATOM   991  C CA  . GLU A 1 137 ? -9.352  9.370   6.732   1.00 36.54  ? 129 GLU A CA  1 
ATOM   992  C C   . GLU A 1 137 ? -10.054 8.250   7.447   1.00 41.13  ? 129 GLU A C   1 
ATOM   993  O O   . GLU A 1 137 ? -10.531 7.344   6.787   1.00 39.18  ? 129 GLU A O   1 
ATOM   994  C CB  . GLU A 1 137 ? -10.365 10.489  6.442   1.00 39.17  ? 129 GLU A CB  1 
ATOM   995  C CG  . GLU A 1 137 ? -9.669  11.806  6.163   1.00 56.02  ? 129 GLU A CG  1 
ATOM   996  C CD  . GLU A 1 137 ? -10.504 13.028  6.467   1.00 80.83  ? 129 GLU A CD  1 
ATOM   997  O OE1 . GLU A 1 137 ? -11.527 13.241  5.776   1.00 63.80  ? 129 GLU A OE1 1 
ATOM   998  O OE2 . GLU A 1 137 ? -10.130 13.776  7.398   1.00 82.05  ? 129 GLU A OE2 1 
ATOM   999  N N   . ARG A 1 138 ? -10.204 8.332   8.783   1.00 42.13  ? 130 ARG A N   1 
ATOM   1000 C CA  . ARG A 1 138 ? -10.946 7.317   9.537   1.00 43.83  ? 130 ARG A CA  1 
ATOM   1001 C C   . ARG A 1 138 ? -12.386 7.230   9.051   1.00 50.84  ? 130 ARG A C   1 
ATOM   1002 O O   . ARG A 1 138 ? -12.998 8.262   8.769   1.00 51.93  ? 130 ARG A O   1 
ATOM   1003 C CB  . ARG A 1 138 ? -10.895 7.576   11.053  1.00 45.56  ? 130 ARG A CB  1 
ATOM   1004 C CG  . ARG A 1 138 ? -9.581  7.149   11.658  1.00 54.33  ? 130 ARG A CG  1 
ATOM   1005 C CD  . ARG A 1 138 ? -9.718  6.750   13.102  1.00 63.21  ? 130 ARG A CD  1 
ATOM   1006 N NE  . ARG A 1 138 ? -8.417  6.411   13.679  1.00 63.28  ? 130 ARG A NE  1 
ATOM   1007 C CZ  . ARG A 1 138 ? -7.986  5.173   13.880  1.00 68.69  ? 130 ARG A CZ  1 
ATOM   1008 N NH1 . ARG A 1 138 ? -8.749  4.135   13.557  1.00 45.21  ? 130 ARG A NH1 1 
ATOM   1009 N NH2 . ARG A 1 138 ? -6.789  4.960   14.409  1.00 62.70  ? 130 ARG A NH2 1 
ATOM   1010 N N   . ALA A 1 139 ? -12.900 6.000   8.907   1.00 48.97  ? 131 ALA A N   1 
ATOM   1011 C CA  . ALA A 1 139 ? -14.248 5.717   8.425   1.00 57.40  ? 131 ALA A CA  1 
ATOM   1012 C C   . ALA A 1 139 ? -15.161 5.173   9.519   1.00 82.86  ? 131 ALA A C   1 
ATOM   1013 O O   . ALA A 1 139 ? -14.656 4.510   10.456  1.00 90.13  ? 131 ALA A O   1 
ATOM   1014 C CB  . ALA A 1 139 ? -14.189 4.744   7.258   1.00 58.46  ? 131 ALA A CB  1 
ATOM   1015 O OXT . ALA A 1 139 ? -16.383 5.425   9.441   1.00 102.81 ? 131 ALA A OXT 1 
HETATM 1016 C C1  . FLU B 2 .   ? -6.944  0.289   -4.458  1.00 51.38  ? 201 FLU A C1  1 
HETATM 1017 O O1  . FLU B 2 .   ? -8.188  0.467   -4.990  1.00 51.86  ? 201 FLU A O1  1 
HETATM 1018 C C2  . FLU B 2 .   ? -6.733  -0.710  -3.514  1.00 50.81  ? 201 FLU A C2  1 
HETATM 1019 C C3  . FLU B 2 .   ? -5.473  -0.846  -2.957  1.00 49.99  ? 201 FLU A C3  1 
HETATM 1020 O O2  . FLU B 2 .   ? -5.314  -1.876  -2.038  1.00 49.92  ? 201 FLU A O2  1 
HETATM 1021 C C4  . FLU B 2 .   ? -4.090  -2.131  -1.474  1.00 50.83  ? 201 FLU A C4  1 
HETATM 1022 C C5  . FLU B 2 .   ? -4.019  -3.155  -0.573  1.00 51.02  ? 201 FLU A C5  1 
HETATM 1023 C C6  . FLU B 2 .   ? -2.752  -3.508  0.046   1.00 47.86  ? 201 FLU A C6  1 
HETATM 1024 O O3  . FLU B 2 .   ? -2.685  -4.344  0.948   1.00 46.34  ? 201 FLU A O3  1 
HETATM 1025 C C7  . FLU B 2 .   ? -1.577  -2.757  -0.387  1.00 46.11  ? 201 FLU A C7  1 
HETATM 1026 C C8  . FLU B 2 .   ? -1.685  -1.736  -1.265  1.00 45.82  ? 201 FLU A C8  1 
HETATM 1027 C C9  . FLU B 2 .   ? -2.938  -1.337  -1.842  1.00 48.02  ? 201 FLU A C9  1 
HETATM 1028 C C10 . FLU B 2 .   ? -3.096  -0.277  -2.725  1.00 46.61  ? 201 FLU A C10 1 
HETATM 1029 C C11 . FLU B 2 .   ? -4.411  -0.013  -3.322  1.00 48.62  ? 201 FLU A C11 1 
HETATM 1030 C C12 . FLU B 2 .   ? -4.652  0.984   -4.270  1.00 47.42  ? 201 FLU A C12 1 
HETATM 1031 C C13 . FLU B 2 .   ? -5.905  1.132   -4.838  1.00 49.28  ? 201 FLU A C13 1 
HETATM 1032 C C14 . FLU B 2 .   ? -1.962  0.635   -3.031  1.00 40.70  ? 201 FLU A C14 1 
HETATM 1033 C C15 . FLU B 2 .   ? -1.047  0.237   -4.012  1.00 39.81  ? 201 FLU A C15 1 
HETATM 1034 C C16 . FLU B 2 .   ? 0.036   1.045   -4.321  1.00 38.17  ? 201 FLU A C16 1 
HETATM 1035 C C17 . FLU B 2 .   ? 0.223   2.241   -3.658  1.00 37.38  ? 201 FLU A C17 1 
HETATM 1036 C C18 . FLU B 2 .   ? -0.677  2.653   -2.684  1.00 37.83  ? 201 FLU A C18 1 
HETATM 1037 C C19 . FLU B 2 .   ? -1.780  1.859   -2.364  1.00 36.96  ? 201 FLU A C19 1 
HETATM 1038 C C20 . FLU B 2 .   ? -2.724  2.333   -1.307  1.00 37.93  ? 201 FLU A C20 1 
HETATM 1039 O O4  . FLU B 2 .   ? -2.886  1.722   -0.261  1.00 37.99  ? 201 FLU A O4  1 
HETATM 1040 O O5  . FLU B 2 .   ? -3.358  3.430   -1.581  1.00 37.34  ? 201 FLU A O5  1 
HETATM 1041 C C1  . FLU C 2 .   ? -2.355  -5.140  -3.068  1.00 56.55  ? 202 FLU A C1  1 
HETATM 1042 O O1  . FLU C 2 .   ? -2.108  -5.908  -1.969  1.00 58.23  ? 202 FLU A O1  1 
HETATM 1043 C C2  . FLU C 2 .   ? -1.304  -4.488  -3.702  1.00 55.41  ? 202 FLU A C2  1 
HETATM 1044 C C3  . FLU C 2 .   ? -1.580  -3.702  -4.806  1.00 54.94  ? 202 FLU A C3  1 
HETATM 1045 O O2  . FLU C 2 .   ? -0.501  -3.040  -5.363  1.00 53.87  ? 202 FLU A O2  1 
HETATM 1046 C C4  . FLU C 2 .   ? -0.664  -2.219  -6.451  1.00 58.93  ? 202 FLU A C4  1 
HETATM 1047 C C5  . FLU C 2 .   ? 0.453   -1.624  -6.939  1.00 62.21  ? 202 FLU A C5  1 
HETATM 1048 C C6  . FLU C 2 .   ? 0.387   -0.776  -8.117  1.00 64.19  ? 202 FLU A C6  1 
HETATM 1049 O O3  . FLU C 2 .   ? 1.394   -0.204  -8.565  1.00 64.11  ? 202 FLU A O3  1 
HETATM 1050 C C7  . FLU C 2 .   ? -0.930  -0.603  -8.727  1.00 63.38  ? 202 FLU A C7  1 
HETATM 1051 C C8  . FLU C 2 .   ? -2.027  -1.199  -8.205  1.00 62.08  ? 202 FLU A C8  1 
HETATM 1052 C C9  . FLU C 2 .   ? -1.976  -2.038  -7.048  1.00 60.54  ? 202 FLU A C9  1 
HETATM 1053 C C10 . FLU C 2 .   ? -3.076  -2.694  -6.500  1.00 61.92  ? 202 FLU A C10 1 
HETATM 1054 C C11 . FLU C 2 .   ? -2.879  -3.559  -5.314  1.00 56.72  ? 202 FLU A C11 1 
HETATM 1055 C C12 . FLU C 2 .   ? -3.912  -4.229  -4.659  1.00 55.86  ? 202 FLU A C12 1 
HETATM 1056 C C13 . FLU C 2 .   ? -3.654  -5.011  -3.545  1.00 56.39  ? 202 FLU A C13 1 
HETATM 1057 C C14 . FLU C 2 .   ? -4.420  -2.639  -7.159  1.00 67.93  ? 202 FLU A C14 1 
HETATM 1058 C C15 . FLU C 2 .   ? -5.257  -1.560  -6.871  1.00 69.97  ? 202 FLU A C15 1 
HETATM 1059 C C16 . FLU C 2 .   ? -6.504  -1.463  -7.471  1.00 70.55  ? 202 FLU A C16 1 
HETATM 1060 C C17 . FLU C 2 .   ? -6.921  -2.422  -8.376  1.00 71.26  ? 202 FLU A C17 1 
HETATM 1061 C C18 . FLU C 2 .   ? -6.102  -3.501  -8.679  1.00 72.39  ? 202 FLU A C18 1 
HETATM 1062 C C19 . FLU C 2 .   ? -4.859  -3.633  -8.054  1.00 72.80  ? 202 FLU A C19 1 
HETATM 1063 C C20 . FLU C 2 .   ? -4.056  -4.878  -8.264  1.00 74.89  ? 202 FLU A C20 1 
HETATM 1064 O O4  . FLU C 2 .   ? -4.698  -5.998  -8.015  1.00 78.00  ? 202 FLU A O4  1 
HETATM 1065 O O5  . FLU C 2 .   ? -2.873  -4.837  -8.592  1.00 72.91  ? 202 FLU A O5  1 
HETATM 1066 O O   . HOH D 3 .   ? 4.271   -8.249  13.490  1.00 37.44  ? 301 HOH A O   1 
HETATM 1067 O O   . HOH D 3 .   ? 12.387  -10.512 5.519   1.00 44.67  ? 302 HOH A O   1 
HETATM 1068 O O   . HOH D 3 .   ? -9.083  -1.956  -5.520  1.00 50.13  ? 303 HOH A O   1 
HETATM 1069 O O   . HOH D 3 .   ? -4.932  -5.735  1.170   1.00 36.45  ? 304 HOH A O   1 
HETATM 1070 O O   . HOH D 3 .   ? 6.303   -8.473  6.176   1.00 29.27  ? 305 HOH A O   1 
HETATM 1071 O O   . HOH D 3 .   ? 0.331   1.919   -7.330  1.00 184.77 ? 306 HOH A O   1 
HETATM 1072 O O   . HOH D 3 .   ? -14.015 2.521   -8.904  1.00 54.46  ? 307 HOH A O   1 
HETATM 1073 O O   . HOH D 3 .   ? 2.949   7.131   11.851  1.00 41.43  ? 308 HOH A O   1 
HETATM 1074 O O   . HOH D 3 .   ? 3.248   -0.448  -6.259  1.00 44.74  ? 309 HOH A O   1 
HETATM 1075 O O   . HOH D 3 .   ? -2.361  6.788   -18.195 1.00 62.82  ? 310 HOH A O   1 
HETATM 1076 O O   A HOH D 3 .   ? 10.367  -10.101 12.564  0.50 38.23  ? 311 HOH A O   1 
HETATM 1077 O O   B HOH D 3 .   ? 9.499   -11.771 13.075  0.50 42.97  ? 311 HOH A O   1 
HETATM 1078 O O   . HOH D 3 .   ? 12.838  7.448   -13.238 1.00 95.19  ? 312 HOH A O   1 
HETATM 1079 O O   . HOH D 3 .   ? 2.710   -2.845  -18.638 1.00 67.26  ? 313 HOH A O   1 
HETATM 1080 O O   . HOH D 3 .   ? -6.270  -7.627  18.538  1.00 64.61  ? 314 HOH A O   1 
HETATM 1081 O O   . HOH D 3 .   ? -15.535 -5.331  -5.661  1.00 59.87  ? 315 HOH A O   1 
HETATM 1082 O O   . HOH D 3 .   ? 12.921  -9.194  3.276   1.00 51.78  ? 316 HOH A O   1 
HETATM 1083 O O   . HOH D 3 .   ? 3.273   0.631   4.323   1.00 38.13  ? 317 HOH A O   1 
HETATM 1084 O O   . HOH D 3 .   ? -0.734  10.792  -12.400 1.00 49.72  ? 318 HOH A O   1 
HETATM 1085 O O   . HOH D 3 .   ? -8.165  -6.076  8.595   1.00 39.69  ? 319 HOH A O   1 
HETATM 1086 O O   . HOH D 3 .   ? -7.269  4.538   -6.176  1.00 39.06  ? 320 HOH A O   1 
HETATM 1087 O O   . HOH D 3 .   ? -4.327  -10.062 11.675  1.00 31.90  ? 321 HOH A O   1 
HETATM 1088 O O   . HOH D 3 .   ? -4.931  5.950   -13.456 1.00 54.67  ? 322 HOH A O   1 
HETATM 1089 O O   . HOH D 3 .   ? -6.857  -9.353  12.216  1.00 37.30  ? 323 HOH A O   1 
HETATM 1090 O O   . HOH D 3 .   ? -6.717  -4.880  15.594  1.00 36.27  ? 324 HOH A O   1 
HETATM 1091 O O   . HOH D 3 .   ? 2.613   -13.531 5.562   1.00 41.17  ? 325 HOH A O   1 
HETATM 1092 O O   . HOH D 3 .   ? -7.983  -8.530  15.684  1.00 61.26  ? 326 HOH A O   1 
HETATM 1093 O O   . HOH D 3 .   ? 10.236  -3.009  4.634   1.00 36.17  ? 327 HOH A O   1 
HETATM 1094 O O   . HOH D 3 .   ? -11.168 3.452   12.304  1.00 52.54  ? 328 HOH A O   1 
HETATM 1095 O O   . HOH D 3 .   ? -8.303  -10.769 14.167  1.00 50.82  ? 329 HOH A O   1 
HETATM 1096 O O   . HOH D 3 .   ? -10.071 15.411  12.114  1.00 60.67  ? 330 HOH A O   1 
HETATM 1097 O O   . HOH D 3 .   ? -1.278  -4.493  -15.880 1.00 50.24  ? 331 HOH A O   1 
HETATM 1098 O O   . HOH D 3 .   ? 6.052   -16.701 11.309  1.00 59.92  ? 332 HOH A O   1 
HETATM 1099 O O   . HOH D 3 .   ? 8.474   2.249   15.061  1.00 52.17  ? 333 HOH A O   1 
HETATM 1100 O O   . HOH D 3 .   ? 9.652   -3.793  11.931  1.00 36.61  ? 334 HOH A O   1 
HETATM 1101 O O   . HOH D 3 .   ? -4.017  10.253  -8.557  1.00 37.37  ? 335 HOH A O   1 
HETATM 1102 O O   . HOH D 3 .   ? 3.313   12.580  11.712  1.00 49.34  ? 336 HOH A O   1 
HETATM 1103 O O   . HOH D 3 .   ? 3.729   1.025   -17.627 1.00 52.21  ? 337 HOH A O   1 
HETATM 1104 O O   . HOH D 3 .   ? -3.611  -3.747  -17.612 1.00 49.31  ? 338 HOH A O   1 
HETATM 1105 O O   . HOH D 3 .   ? 4.804   -12.251 6.752   1.00 32.32  ? 339 HOH A O   1 
HETATM 1106 O O   . HOH D 3 .   ? -14.199 5.270   -0.033  1.00 54.46  ? 340 HOH A O   1 
HETATM 1107 O O   . HOH D 3 .   ? -12.757 1.261   -10.968 1.00 41.71  ? 341 HOH A O   1 
HETATM 1108 O O   . HOH D 3 .   ? 2.669   13.359  -4.807  1.00 52.69  ? 342 HOH A O   1 
HETATM 1109 O O   . HOH D 3 .   ? -14.910 -1.488  4.850   1.00 60.80  ? 343 HOH A O   1 
HETATM 1110 O O   . HOH D 3 .   ? -4.402  -13.539 -0.117  1.00 76.95  ? 344 HOH A O   1 
HETATM 1111 O O   . HOH D 3 .   ? -9.816  15.275  -3.405  1.00 79.61  ? 345 HOH A O   1 
HETATM 1112 O O   . HOH D 3 .   ? -8.497  12.832  -5.286  1.00 60.55  ? 346 HOH A O   1 
HETATM 1113 O O   . HOH D 3 .   ? 5.374   -15.055 5.840   1.00 72.36  ? 347 HOH A O   1 
HETATM 1114 O O   . HOH D 3 .   ? -11.300 12.628  -4.422  1.00 64.86  ? 348 HOH A O   1 
HETATM 1115 O O   . HOH D 3 .   ? -8.357  11.069  -7.777  1.00 71.48  ? 349 HOH A O   1 
HETATM 1116 O O   . HOH D 3 .   ? -11.647 -7.984  2.043   1.00 63.79  ? 350 HOH A O   1 
HETATM 1117 O O   . HOH D 3 .   ? -8.290  -10.915 9.830   1.00 60.22  ? 351 HOH A O   1 
# 
loop_
_pdbx_poly_seq_scheme.asym_id 
_pdbx_poly_seq_scheme.entity_id 
_pdbx_poly_seq_scheme.seq_id 
_pdbx_poly_seq_scheme.mon_id 
_pdbx_poly_seq_scheme.ndb_seq_num 
_pdbx_poly_seq_scheme.pdb_seq_num 
_pdbx_poly_seq_scheme.auth_seq_num 
_pdbx_poly_seq_scheme.pdb_mon_id 
_pdbx_poly_seq_scheme.auth_mon_id 
_pdbx_poly_seq_scheme.pdb_strand_id 
_pdbx_poly_seq_scheme.pdb_ins_code 
_pdbx_poly_seq_scheme.hetero 
A 1 1   GLN 1   -7  ?   ?   ?   A . n 
A 1 2   GLN 2   -6  ?   ?   ?   A . n 
A 1 3   MET 3   -5  ?   ?   ?   A . n 
A 1 4   GLY 4   -4  ?   ?   ?   A . n 
A 1 5   ARG 5   -3  ?   ?   ?   A . n 
A 1 6   GLY 6   -2  ?   ?   ?   A . n 
A 1 7   SER 7   -1  -1  SER SER A . n 
A 1 8   MET 8   0   0   MET MET A . n 
A 1 9   CYS 9   1   1   CYS CYS A . n 
A 1 10  ASP 10  2   2   ASP ASP A . n 
A 1 11  ALA 11  3   3   ALA ALA A . n 
A 1 12  PHE 12  4   4   PHE PHE A . n 
A 1 13  VAL 13  5   5   VAL VAL A . n 
A 1 14  GLY 14  6   6   GLY GLY A . n 
A 1 15  THR 15  7   7   THR THR A . n 
A 1 16  TRP 16  8   8   TRP TRP A . n 
A 1 17  LYS 17  9   9   LYS LYS A . n 
A 1 18  LEU 18  10  10  LEU LEU A . n 
A 1 19  VAL 19  11  11  VAL VAL A . n 
A 1 20  SER 20  12  12  SER SER A . n 
A 1 21  SER 21  13  13  SER SER A . n 
A 1 22  GLU 22  14  14  GLU GLU A . n 
A 1 23  ASN 23  15  15  ASN ASN A . n 
A 1 24  PHE 24  16  16  PHE PHE A . n 
A 1 25  ASP 25  17  17  ASP ASP A . n 
A 1 26  ASP 26  18  18  ASP ASP A . n 
A 1 27  TYR 27  19  19  TYR TYR A . n 
A 1 28  MET 28  20  20  MET MET A . n 
A 1 29  LYS 29  21  21  LYS LYS A . n 
A 1 30  GLU 30  22  22  GLU GLU A . n 
A 1 31  VAL 31  23  23  VAL VAL A . n 
A 1 32  GLY 32  24  24  GLY GLY A . n 
A 1 33  VAL 33  25  25  VAL VAL A . n 
A 1 34  GLY 34  26  26  GLY GLY A . n 
A 1 35  PHE 35  27  27  PHE PHE A . n 
A 1 36  ALA 36  28  28  ALA ALA A . n 
A 1 37  THR 37  29  29  THR THR A . n 
A 1 38  ARG 38  30  30  ARG ARG A . n 
A 1 39  LYS 39  31  31  LYS LYS A . n 
A 1 40  VAL 40  32  32  VAL VAL A . n 
A 1 41  ALA 41  33  33  ALA ALA A . n 
A 1 42  GLY 42  34  34  GLY GLY A . n 
A 1 43  MET 43  35  35  MET MET A . n 
A 1 44  ALA 44  36  36  ALA ALA A . n 
A 1 45  LYS 45  37  37  LYS LYS A . n 
A 1 46  PRO 46  38  38  PRO PRO A . n 
A 1 47  ASN 47  39  39  ASN ASN A . n 
A 1 48  MET 48  40  40  MET MET A . n 
A 1 49  ILE 49  41  41  ILE ILE A . n 
A 1 50  ILE 50  42  42  ILE ILE A . n 
A 1 51  SER 51  43  43  SER SER A . n 
A 1 52  VAL 52  44  44  VAL VAL A . n 
A 1 53  ASN 53  45  45  ASN ASN A . n 
A 1 54  GLY 54  46  46  GLY GLY A . n 
A 1 55  ASP 55  47  47  ASP ASP A . n 
A 1 56  VAL 56  48  48  VAL VAL A . n 
A 1 57  ILE 57  49  49  ILE ILE A . n 
A 1 58  THR 58  50  50  THR THR A . n 
A 1 59  ILE 59  51  51  ILE ILE A . n 
A 1 60  LYS 60  52  52  LYS LYS A . n 
A 1 61  SER 61  53  53  SER SER A . n 
A 1 62  GLU 62  54  54  GLU GLU A . n 
A 1 63  SER 63  55  55  SER SER A . n 
A 1 64  THR 64  56  56  THR THR A . n 
A 1 65  PHE 65  57  57  PHE PHE A . n 
A 1 66  LYS 66  58  58  LYS LYS A . n 
A 1 67  ASN 67  59  59  ASN ASN A . n 
A 1 68  THR 68  60  60  THR THR A . n 
A 1 69  GLU 69  61  61  GLU GLU A . n 
A 1 70  ILE 70  62  62  ILE ILE A . n 
A 1 71  SER 71  63  63  SER SER A . n 
A 1 72  PHE 72  64  64  PHE PHE A . n 
A 1 73  ILE 73  65  65  ILE ILE A . n 
A 1 74  LEU 74  66  66  LEU LEU A . n 
A 1 75  GLY 75  67  67  GLY GLY A . n 
A 1 76  GLN 76  68  68  GLN GLN A . n 
A 1 77  GLU 77  69  69  GLU GLU A . n 
A 1 78  PHE 78  70  70  PHE PHE A . n 
A 1 79  ASP 79  71  71  ASP ASP A . n 
A 1 80  GLU 80  72  72  GLU GLU A . n 
A 1 81  VAL 81  73  73  VAL VAL A . n 
A 1 82  THR 82  74  74  THR THR A . n 
A 1 83  ALA 83  75  75  ALA ALA A . n 
A 1 84  ASP 84  76  76  ASP ASP A . n 
A 1 85  ASP 85  77  77  ASP ASP A . n 
A 1 86  ARG 86  78  78  ARG ARG A . n 
A 1 87  LYS 87  79  79  LYS LYS A . n 
A 1 88  VAL 88  80  80  VAL VAL A . n 
A 1 89  LYS 89  81  81  LYS LYS A . n 
A 1 90  SER 90  82  82  SER SER A . n 
A 1 91  THR 91  83  83  THR THR A . n 
A 1 92  ILE 92  84  84  ILE ILE A . n 
A 1 93  THR 93  85  85  THR THR A . n 
A 1 94  LEU 94  86  86  LEU LEU A . n 
A 1 95  ASP 95  87  87  ASP ASP A . n 
A 1 96  GLY 96  88  88  GLY GLY A . n 
A 1 97  GLY 97  89  89  GLY GLY A . n 
A 1 98  VAL 98  90  90  VAL VAL A . n 
A 1 99  LEU 99  91  91  LEU LEU A . n 
A 1 100 VAL 100 92  92  VAL VAL A . n 
A 1 101 HIS 101 93  93  HIS HIS A . n 
A 1 102 VAL 102 94  94  VAL VAL A . n 
A 1 103 GLN 103 95  95  GLN GLN A . n 
A 1 104 LYS 104 96  96  LYS LYS A . n 
A 1 105 TRP 105 97  97  TRP TRP A . n 
A 1 106 ASP 106 98  98  ASP ASP A . n 
A 1 107 GLY 107 99  99  GLY GLY A . n 
A 1 108 LYS 108 100 100 LYS LYS A . n 
A 1 109 SER 109 101 101 SER SER A . n 
A 1 110 THR 110 102 102 THR THR A . n 
A 1 111 THR 111 103 103 THR THR A . n 
A 1 112 ILE 112 104 104 ILE ILE A . n 
A 1 113 LYS 113 105 105 LYS LYS A . n 
A 1 114 ARG 114 106 106 ARG ARG A . n 
A 1 115 LYS 115 107 107 LYS LYS A . n 
A 1 116 ARG 116 108 108 ARG ARG A . n 
A 1 117 GLU 117 109 109 GLU GLU A . n 
A 1 118 ASP 118 110 110 ASP ASP A . n 
A 1 119 ASP 119 111 111 ASP ASP A . n 
A 1 120 LYS 120 112 112 LYS LYS A . n 
A 1 121 LEU 121 113 113 LEU LEU A . n 
A 1 122 VAL 122 114 114 VAL VAL A . n 
A 1 123 VAL 123 115 115 VAL VAL A . n 
A 1 124 GLU 124 116 116 GLU GLU A . n 
A 1 125 CYS 125 117 117 CYS CYS A . n 
A 1 126 VAL 126 118 118 VAL VAL A . n 
A 1 127 MET 127 119 119 MET MET A . n 
A 1 128 LYS 128 120 120 LYS LYS A . n 
A 1 129 GLY 129 121 121 GLY GLY A . n 
A 1 130 VAL 130 122 122 VAL VAL A . n 
A 1 131 THR 131 123 123 THR THR A . n 
A 1 132 SER 132 124 124 SER SER A . n 
A 1 133 THR 133 125 125 THR THR A . n 
A 1 134 ARG 134 126 126 ARG ARG A . n 
A 1 135 VAL 135 127 127 VAL VAL A . n 
A 1 136 TYR 136 128 128 TYR TYR A . n 
A 1 137 GLU 137 129 129 GLU GLU A . n 
A 1 138 ARG 138 130 130 ARG ARG A . n 
A 1 139 ALA 139 131 131 ALA ALA A . n 
# 
loop_
_pdbx_nonpoly_scheme.asym_id 
_pdbx_nonpoly_scheme.entity_id 
_pdbx_nonpoly_scheme.mon_id 
_pdbx_nonpoly_scheme.ndb_seq_num 
_pdbx_nonpoly_scheme.pdb_seq_num 
_pdbx_nonpoly_scheme.auth_seq_num 
_pdbx_nonpoly_scheme.pdb_mon_id 
_pdbx_nonpoly_scheme.auth_mon_id 
_pdbx_nonpoly_scheme.pdb_strand_id 
_pdbx_nonpoly_scheme.pdb_ins_code 
B 2 FLU 1  201 1  FLU FLU A . 
C 2 FLU 1  202 2  FLU FLU A . 
D 3 HOH 1  301 10 HOH HOH A . 
D 3 HOH 2  302 25 HOH HOH A . 
D 3 HOH 3  303 20 HOH HOH A . 
D 3 HOH 4  304 11 HOH HOH A . 
D 3 HOH 5  305 27 HOH HOH A . 
D 3 HOH 6  306 56 HOH HOH A . 
D 3 HOH 7  307 36 HOH HOH A . 
D 3 HOH 8  308 5  HOH HOH A . 
D 3 HOH 9  309 14 HOH HOH A . 
D 3 HOH 10 310 44 HOH HOH A . 
D 3 HOH 11 311 53 HOH HOH A . 
D 3 HOH 12 312 42 HOH HOH A . 
D 3 HOH 13 313 32 HOH HOH A . 
D 3 HOH 14 314 18 HOH HOH A . 
D 3 HOH 15 315 52 HOH HOH A . 
D 3 HOH 16 316 26 HOH HOH A . 
D 3 HOH 17 317 1  HOH HOH A . 
D 3 HOH 18 318 31 HOH HOH A . 
D 3 HOH 19 319 48 HOH HOH A . 
D 3 HOH 20 320 3  HOH HOH A . 
D 3 HOH 21 321 4  HOH HOH A . 
D 3 HOH 22 322 45 HOH HOH A . 
D 3 HOH 23 323 8  HOH HOH A . 
D 3 HOH 24 324 7  HOH HOH A . 
D 3 HOH 25 325 35 HOH HOH A . 
D 3 HOH 26 326 49 HOH HOH A . 
D 3 HOH 27 327 24 HOH HOH A . 
D 3 HOH 28 328 28 HOH HOH A . 
D 3 HOH 29 329 9  HOH HOH A . 
D 3 HOH 30 330 34 HOH HOH A . 
D 3 HOH 31 331 43 HOH HOH A . 
D 3 HOH 32 332 22 HOH HOH A . 
D 3 HOH 33 333 54 HOH HOH A . 
D 3 HOH 34 334 21 HOH HOH A . 
D 3 HOH 35 335 57 HOH HOH A . 
D 3 HOH 36 336 50 HOH HOH A . 
D 3 HOH 37 337 33 HOH HOH A . 
D 3 HOH 38 338 15 HOH HOH A . 
D 3 HOH 39 339 2  HOH HOH A . 
D 3 HOH 40 340 47 HOH HOH A . 
D 3 HOH 41 341 16 HOH HOH A . 
D 3 HOH 42 342 55 HOH HOH A . 
D 3 HOH 43 343 38 HOH HOH A . 
D 3 HOH 44 344 37 HOH HOH A . 
D 3 HOH 45 345 6  HOH HOH A . 
D 3 HOH 46 346 39 HOH HOH A . 
D 3 HOH 47 347 46 HOH HOH A . 
D 3 HOH 48 348 29 HOH HOH A . 
D 3 HOH 49 349 30 HOH HOH A . 
D 3 HOH 50 350 19 HOH HOH A . 
D 3 HOH 51 351 51 HOH HOH A . 
# 
_pdbx_struct_assembly.id                   1 
_pdbx_struct_assembly.details              author_and_software_defined_assembly 
_pdbx_struct_assembly.method_details       PISA 
_pdbx_struct_assembly.oligomeric_details   monomeric 
_pdbx_struct_assembly.oligomeric_count     1 
# 
_pdbx_struct_assembly_gen.assembly_id       1 
_pdbx_struct_assembly_gen.oper_expression   1 
_pdbx_struct_assembly_gen.asym_id_list      A,B,C,D 
# 
loop_
_pdbx_struct_assembly_prop.biol_id 
_pdbx_struct_assembly_prop.type 
_pdbx_struct_assembly_prop.value 
_pdbx_struct_assembly_prop.details 
1 'ABSA (A^2)' 1460 ? 
1 MORE         -2   ? 
1 'SSA (A^2)'  6600 ? 
# 
_pdbx_struct_oper_list.id                   1 
_pdbx_struct_oper_list.type                 'identity operation' 
_pdbx_struct_oper_list.name                 1_555 
_pdbx_struct_oper_list.symmetry_operation   x,y,z 
_pdbx_struct_oper_list.matrix[1][1]         1.0000000000 
_pdbx_struct_oper_list.matrix[1][2]         0.0000000000 
_pdbx_struct_oper_list.matrix[1][3]         0.0000000000 
_pdbx_struct_oper_list.vector[1]            0.0000000000 
_pdbx_struct_oper_list.matrix[2][1]         0.0000000000 
_pdbx_struct_oper_list.matrix[2][2]         1.0000000000 
_pdbx_struct_oper_list.matrix[2][3]         0.0000000000 
_pdbx_struct_oper_list.vector[2]            0.0000000000 
_pdbx_struct_oper_list.matrix[3][1]         0.0000000000 
_pdbx_struct_oper_list.matrix[3][2]         0.0000000000 
_pdbx_struct_oper_list.matrix[3][3]         1.0000000000 
_pdbx_struct_oper_list.vector[3]            0.0000000000 
# 
loop_
_pdbx_audit_revision_history.ordinal 
_pdbx_audit_revision_history.data_content_type 
_pdbx_audit_revision_history.major_revision 
_pdbx_audit_revision_history.minor_revision 
_pdbx_audit_revision_history.revision_date 
1 'Structure model' 1 0 2018-09-12 
2 'Structure model' 1 1 2023-10-04 
# 
_pdbx_audit_revision_details.ordinal             1 
_pdbx_audit_revision_details.revision_ordinal    1 
_pdbx_audit_revision_details.data_content_type   'Structure model' 
_pdbx_audit_revision_details.provider            repository 
_pdbx_audit_revision_details.type                'Initial release' 
_pdbx_audit_revision_details.description         ? 
_pdbx_audit_revision_details.details             ? 
# 
loop_
_pdbx_audit_revision_group.ordinal 
_pdbx_audit_revision_group.revision_ordinal 
_pdbx_audit_revision_group.data_content_type 
_pdbx_audit_revision_group.group 
1 2 'Structure model' 'Data collection'        
2 2 'Structure model' 'Database references'    
3 2 'Structure model' 'Refinement description' 
# 
loop_
_pdbx_audit_revision_category.ordinal 
_pdbx_audit_revision_category.revision_ordinal 
_pdbx_audit_revision_category.data_content_type 
_pdbx_audit_revision_category.category 
1 2 'Structure model' chem_comp_atom                
2 2 'Structure model' chem_comp_bond                
3 2 'Structure model' database_2                    
4 2 'Structure model' pdbx_initial_refinement_model 
# 
loop_
_pdbx_audit_revision_item.ordinal 
_pdbx_audit_revision_item.revision_ordinal 
_pdbx_audit_revision_item.data_content_type 
_pdbx_audit_revision_item.item 
1 2 'Structure model' '_database_2.pdbx_DOI'                
2 2 'Structure model' '_database_2.pdbx_database_accession' 
# 
loop_
_software.citation_id 
_software.classification 
_software.compiler_name 
_software.compiler_version 
_software.contact_author 
_software.contact_author_email 
_software.date 
_software.description 
_software.dependencies 
_software.hardware 
_software.language 
_software.location 
_software.mods 
_software.name 
_software.os 
_software.os_version 
_software.type 
_software.version 
_software.pdbx_ordinal 
? refinement       ? ? ? ? ? ? ? ? ? ? ? BUSTER  ? ? ? 2.10.2 1 
? 'data reduction' ? ? ? ? ? ? ? ? ? ? ? iMOSFLM ? ? ? .      2 
? 'data scaling'   ? ? ? ? ? ? ? ? ? ? ? Aimless ? ? ? .      3 
? phasing          ? ? ? ? ? ? ? ? ? ? ? PHASER  ? ? ? .      4 
# 
loop_
_pdbx_validate_torsion.id 
_pdbx_validate_torsion.PDB_model_num 
_pdbx_validate_torsion.auth_comp_id 
_pdbx_validate_torsion.auth_asym_id 
_pdbx_validate_torsion.auth_seq_id 
_pdbx_validate_torsion.PDB_ins_code 
_pdbx_validate_torsion.label_alt_id 
_pdbx_validate_torsion.phi 
_pdbx_validate_torsion.psi 
1 1 LYS A 37  ? ? -118.23 76.64   
2 1 ALA A 75  ? ? -79.25  45.10   
3 1 ASP A 98  ? B 60.09   -119.21 
4 1 ASP A 110 ? ? 55.12   -125.65 
5 1 ASP A 110 ? ? 57.22   -127.02 
# 
loop_
_pdbx_unobs_or_zero_occ_atoms.id 
_pdbx_unobs_or_zero_occ_atoms.PDB_model_num 
_pdbx_unobs_or_zero_occ_atoms.polymer_flag 
_pdbx_unobs_or_zero_occ_atoms.occupancy_flag 
_pdbx_unobs_or_zero_occ_atoms.auth_asym_id 
_pdbx_unobs_or_zero_occ_atoms.auth_comp_id 
_pdbx_unobs_or_zero_occ_atoms.auth_seq_id 
_pdbx_unobs_or_zero_occ_atoms.PDB_ins_code 
_pdbx_unobs_or_zero_occ_atoms.auth_atom_id 
_pdbx_unobs_or_zero_occ_atoms.label_alt_id 
_pdbx_unobs_or_zero_occ_atoms.label_asym_id 
_pdbx_unobs_or_zero_occ_atoms.label_comp_id 
_pdbx_unobs_or_zero_occ_atoms.label_seq_id 
_pdbx_unobs_or_zero_occ_atoms.label_atom_id 
1  1 Y 1 A MET 0   ? CG  ? A MET 8   CG  
2  1 Y 1 A MET 0   ? SD  ? A MET 8   SD  
3  1 Y 1 A MET 0   ? CE  ? A MET 8   CE  
4  1 Y 1 A LYS 9   ? CG  ? A LYS 17  CG  
5  1 Y 1 A LYS 9   ? CD  ? A LYS 17  CD  
6  1 Y 1 A LYS 9   ? CE  ? A LYS 17  CE  
7  1 Y 1 A LYS 9   ? NZ  ? A LYS 17  NZ  
8  1 Y 1 A GLU 14  ? CD  ? A GLU 22  CD  
9  1 Y 1 A GLU 14  ? OE1 ? A GLU 22  OE1 
10 1 Y 1 A GLU 14  ? OE2 ? A GLU 22  OE2 
11 1 Y 1 A GLU 54  ? CG  ? A GLU 62  CG  
12 1 Y 1 A GLU 54  ? CD  ? A GLU 62  CD  
13 1 Y 1 A GLU 54  ? OE1 ? A GLU 62  OE1 
14 1 Y 1 A GLU 54  ? OE2 ? A GLU 62  OE2 
15 1 Y 1 A PHE 57  ? CG  ? A PHE 65  CG  
16 1 Y 1 A PHE 57  ? CD1 ? A PHE 65  CD1 
17 1 Y 1 A PHE 57  ? CD2 ? A PHE 65  CD2 
18 1 Y 1 A PHE 57  ? CE1 ? A PHE 65  CE1 
19 1 Y 1 A PHE 57  ? CE2 ? A PHE 65  CE2 
20 1 Y 1 A PHE 57  ? CZ  ? A PHE 65  CZ  
21 1 Y 1 A ASP 76  ? CG  ? A ASP 84  CG  
22 1 Y 1 A ASP 76  ? OD1 ? A ASP 84  OD1 
23 1 Y 1 A ASP 76  ? OD2 ? A ASP 84  OD2 
24 1 Y 1 A ASP 77  ? CG  ? A ASP 85  CG  
25 1 Y 1 A ASP 77  ? OD1 ? A ASP 85  OD1 
26 1 Y 1 A ASP 77  ? OD2 ? A ASP 85  OD2 
27 1 Y 1 A LYS 79  ? CG  ? A LYS 87  CG  
28 1 Y 1 A LYS 79  ? CD  ? A LYS 87  CD  
29 1 Y 1 A LYS 79  ? CE  ? A LYS 87  CE  
30 1 Y 1 A LYS 79  ? NZ  ? A LYS 87  NZ  
31 1 Y 1 A LYS 81  ? CG  ? A LYS 89  CG  
32 1 Y 1 A LYS 81  ? CD  ? A LYS 89  CD  
33 1 Y 1 A LYS 81  ? CE  ? A LYS 89  CE  
34 1 Y 1 A LYS 81  ? NZ  ? A LYS 89  NZ  
35 1 Y 1 A ASP 98  ? CG  ? A ASP 106 CG  
36 1 Y 1 A ASP 98  ? OD1 ? A ASP 106 OD1 
37 1 Y 1 A ASP 98  ? OD2 ? A ASP 106 OD2 
38 1 Y 1 A LYS 100 ? CG  ? A LYS 108 CG  
39 1 Y 1 A LYS 100 ? CD  ? A LYS 108 CD  
40 1 Y 1 A LYS 100 ? CE  ? A LYS 108 CE  
41 1 Y 1 A LYS 100 ? NZ  ? A LYS 108 NZ  
42 1 Y 1 A GLU 109 ? CG  ? A GLU 117 CG  
43 1 Y 1 A GLU 109 ? CD  ? A GLU 117 CD  
44 1 Y 1 A GLU 109 ? OE1 ? A GLU 117 OE1 
45 1 Y 1 A GLU 109 ? OE2 ? A GLU 117 OE2 
46 1 Y 1 A LYS 112 ? CE  ? A LYS 120 CE  
47 1 Y 1 A LYS 112 ? NZ  ? A LYS 120 NZ  
48 1 Y 1 A LYS 120 ? CG  ? A LYS 128 CG  
49 1 Y 1 A LYS 120 ? CD  ? A LYS 128 CD  
50 1 Y 1 A LYS 120 ? CE  ? A LYS 128 CE  
51 1 Y 1 A LYS 120 ? NZ  ? A LYS 128 NZ  
# 
loop_
_pdbx_unobs_or_zero_occ_residues.id 
_pdbx_unobs_or_zero_occ_residues.PDB_model_num 
_pdbx_unobs_or_zero_occ_residues.polymer_flag 
_pdbx_unobs_or_zero_occ_residues.occupancy_flag 
_pdbx_unobs_or_zero_occ_residues.auth_asym_id 
_pdbx_unobs_or_zero_occ_residues.auth_comp_id 
_pdbx_unobs_or_zero_occ_residues.auth_seq_id 
_pdbx_unobs_or_zero_occ_residues.PDB_ins_code 
_pdbx_unobs_or_zero_occ_residues.label_asym_id 
_pdbx_unobs_or_zero_occ_residues.label_comp_id 
_pdbx_unobs_or_zero_occ_residues.label_seq_id 
1 1 Y 1 A GLN -7 ? A GLN 1 
2 1 Y 1 A GLN -6 ? A GLN 2 
3 1 Y 1 A MET -5 ? A MET 3 
4 1 Y 1 A GLY -4 ? A GLY 4 
5 1 Y 1 A ARG -3 ? A ARG 5 
6 1 Y 1 A GLY -2 ? A GLY 6 
# 
loop_
_chem_comp_atom.comp_id 
_chem_comp_atom.atom_id 
_chem_comp_atom.type_symbol 
_chem_comp_atom.pdbx_aromatic_flag 
_chem_comp_atom.pdbx_stereo_config 
_chem_comp_atom.pdbx_ordinal 
ALA N    N N N 1   
ALA CA   C N S 2   
ALA C    C N N 3   
ALA O    O N N 4   
ALA CB   C N N 5   
ALA OXT  O N N 6   
ALA H    H N N 7   
ALA H2   H N N 8   
ALA HA   H N N 9   
ALA HB1  H N N 10  
ALA HB2  H N N 11  
ALA HB3  H N N 12  
ALA HXT  H N N 13  
ARG N    N N N 14  
ARG CA   C N S 15  
ARG C    C N N 16  
ARG O    O N N 17  
ARG CB   C N N 18  
ARG CG   C N N 19  
ARG CD   C N N 20  
ARG NE   N N N 21  
ARG CZ   C N N 22  
ARG NH1  N N N 23  
ARG NH2  N N N 24  
ARG OXT  O N N 25  
ARG H    H N N 26  
ARG H2   H N N 27  
ARG HA   H N N 28  
ARG HB2  H N N 29  
ARG HB3  H N N 30  
ARG HG2  H N N 31  
ARG HG3  H N N 32  
ARG HD2  H N N 33  
ARG HD3  H N N 34  
ARG HE   H N N 35  
ARG HH11 H N N 36  
ARG HH12 H N N 37  
ARG HH21 H N N 38  
ARG HH22 H N N 39  
ARG HXT  H N N 40  
ASN N    N N N 41  
ASN CA   C N S 42  
ASN C    C N N 43  
ASN O    O N N 44  
ASN CB   C N N 45  
ASN CG   C N N 46  
ASN OD1  O N N 47  
ASN ND2  N N N 48  
ASN OXT  O N N 49  
ASN H    H N N 50  
ASN H2   H N N 51  
ASN HA   H N N 52  
ASN HB2  H N N 53  
ASN HB3  H N N 54  
ASN HD21 H N N 55  
ASN HD22 H N N 56  
ASN HXT  H N N 57  
ASP N    N N N 58  
ASP CA   C N S 59  
ASP C    C N N 60  
ASP O    O N N 61  
ASP CB   C N N 62  
ASP CG   C N N 63  
ASP OD1  O N N 64  
ASP OD2  O N N 65  
ASP OXT  O N N 66  
ASP H    H N N 67  
ASP H2   H N N 68  
ASP HA   H N N 69  
ASP HB2  H N N 70  
ASP HB3  H N N 71  
ASP HD2  H N N 72  
ASP HXT  H N N 73  
CYS N    N N N 74  
CYS CA   C N R 75  
CYS C    C N N 76  
CYS O    O N N 77  
CYS CB   C N N 78  
CYS SG   S N N 79  
CYS OXT  O N N 80  
CYS H    H N N 81  
CYS H2   H N N 82  
CYS HA   H N N 83  
CYS HB2  H N N 84  
CYS HB3  H N N 85  
CYS HG   H N N 86  
CYS HXT  H N N 87  
FLU C1   C Y N 88  
FLU O1   O N N 89  
FLU C2   C Y N 90  
FLU C3   C Y N 91  
FLU O2   O Y N 92  
FLU C4   C Y N 93  
FLU C5   C Y N 94  
FLU C6   C Y N 95  
FLU O3   O N N 96  
FLU C7   C Y N 97  
FLU C8   C Y N 98  
FLU C9   C Y N 99  
FLU C10  C Y N 100 
FLU C11  C Y N 101 
FLU C12  C Y N 102 
FLU C13  C Y N 103 
FLU C14  C Y N 104 
FLU C15  C Y N 105 
FLU C16  C Y N 106 
FLU C17  C Y N 107 
FLU C18  C Y N 108 
FLU C19  C Y N 109 
FLU C20  C N N 110 
FLU O4   O N N 111 
FLU O5   O N N 112 
FLU HO1  H N N 113 
FLU H2   H N N 114 
FLU H5   H N N 115 
FLU H7   H N N 116 
FLU H8   H N N 117 
FLU H12  H N N 118 
FLU H13  H N N 119 
FLU H15  H N N 120 
FLU H16  H N N 121 
FLU H17  H N N 122 
FLU H18  H N N 123 
FLU HO5  H N N 124 
GLN N    N N N 125 
GLN CA   C N S 126 
GLN C    C N N 127 
GLN O    O N N 128 
GLN CB   C N N 129 
GLN CG   C N N 130 
GLN CD   C N N 131 
GLN OE1  O N N 132 
GLN NE2  N N N 133 
GLN OXT  O N N 134 
GLN H    H N N 135 
GLN H2   H N N 136 
GLN HA   H N N 137 
GLN HB2  H N N 138 
GLN HB3  H N N 139 
GLN HG2  H N N 140 
GLN HG3  H N N 141 
GLN HE21 H N N 142 
GLN HE22 H N N 143 
GLN HXT  H N N 144 
GLU N    N N N 145 
GLU CA   C N S 146 
GLU C    C N N 147 
GLU O    O N N 148 
GLU CB   C N N 149 
GLU CG   C N N 150 
GLU CD   C N N 151 
GLU OE1  O N N 152 
GLU OE2  O N N 153 
GLU OXT  O N N 154 
GLU H    H N N 155 
GLU H2   H N N 156 
GLU HA   H N N 157 
GLU HB2  H N N 158 
GLU HB3  H N N 159 
GLU HG2  H N N 160 
GLU HG3  H N N 161 
GLU HE2  H N N 162 
GLU HXT  H N N 163 
GLY N    N N N 164 
GLY CA   C N N 165 
GLY C    C N N 166 
GLY O    O N N 167 
GLY OXT  O N N 168 
GLY H    H N N 169 
GLY H2   H N N 170 
GLY HA2  H N N 171 
GLY HA3  H N N 172 
GLY HXT  H N N 173 
HIS N    N N N 174 
HIS CA   C N S 175 
HIS C    C N N 176 
HIS O    O N N 177 
HIS CB   C N N 178 
HIS CG   C Y N 179 
HIS ND1  N Y N 180 
HIS CD2  C Y N 181 
HIS CE1  C Y N 182 
HIS NE2  N Y N 183 
HIS OXT  O N N 184 
HIS H    H N N 185 
HIS H2   H N N 186 
HIS HA   H N N 187 
HIS HB2  H N N 188 
HIS HB3  H N N 189 
HIS HD1  H N N 190 
HIS HD2  H N N 191 
HIS HE1  H N N 192 
HIS HE2  H N N 193 
HIS HXT  H N N 194 
HOH O    O N N 195 
HOH H1   H N N 196 
HOH H2   H N N 197 
ILE N    N N N 198 
ILE CA   C N S 199 
ILE C    C N N 200 
ILE O    O N N 201 
ILE CB   C N S 202 
ILE CG1  C N N 203 
ILE CG2  C N N 204 
ILE CD1  C N N 205 
ILE OXT  O N N 206 
ILE H    H N N 207 
ILE H2   H N N 208 
ILE HA   H N N 209 
ILE HB   H N N 210 
ILE HG12 H N N 211 
ILE HG13 H N N 212 
ILE HG21 H N N 213 
ILE HG22 H N N 214 
ILE HG23 H N N 215 
ILE HD11 H N N 216 
ILE HD12 H N N 217 
ILE HD13 H N N 218 
ILE HXT  H N N 219 
LEU N    N N N 220 
LEU CA   C N S 221 
LEU C    C N N 222 
LEU O    O N N 223 
LEU CB   C N N 224 
LEU CG   C N N 225 
LEU CD1  C N N 226 
LEU CD2  C N N 227 
LEU OXT  O N N 228 
LEU H    H N N 229 
LEU H2   H N N 230 
LEU HA   H N N 231 
LEU HB2  H N N 232 
LEU HB3  H N N 233 
LEU HG   H N N 234 
LEU HD11 H N N 235 
LEU HD12 H N N 236 
LEU HD13 H N N 237 
LEU HD21 H N N 238 
LEU HD22 H N N 239 
LEU HD23 H N N 240 
LEU HXT  H N N 241 
LYS N    N N N 242 
LYS CA   C N S 243 
LYS C    C N N 244 
LYS O    O N N 245 
LYS CB   C N N 246 
LYS CG   C N N 247 
LYS CD   C N N 248 
LYS CE   C N N 249 
LYS NZ   N N N 250 
LYS OXT  O N N 251 
LYS H    H N N 252 
LYS H2   H N N 253 
LYS HA   H N N 254 
LYS HB2  H N N 255 
LYS HB3  H N N 256 
LYS HG2  H N N 257 
LYS HG3  H N N 258 
LYS HD2  H N N 259 
LYS HD3  H N N 260 
LYS HE2  H N N 261 
LYS HE3  H N N 262 
LYS HZ1  H N N 263 
LYS HZ2  H N N 264 
LYS HZ3  H N N 265 
LYS HXT  H N N 266 
MET N    N N N 267 
MET CA   C N S 268 
MET C    C N N 269 
MET O    O N N 270 
MET CB   C N N 271 
MET CG   C N N 272 
MET SD   S N N 273 
MET CE   C N N 274 
MET OXT  O N N 275 
MET H    H N N 276 
MET H2   H N N 277 
MET HA   H N N 278 
MET HB2  H N N 279 
MET HB3  H N N 280 
MET HG2  H N N 281 
MET HG3  H N N 282 
MET HE1  H N N 283 
MET HE2  H N N 284 
MET HE3  H N N 285 
MET HXT  H N N 286 
PHE N    N N N 287 
PHE CA   C N S 288 
PHE C    C N N 289 
PHE O    O N N 290 
PHE CB   C N N 291 
PHE CG   C Y N 292 
PHE CD1  C Y N 293 
PHE CD2  C Y N 294 
PHE CE1  C Y N 295 
PHE CE2  C Y N 296 
PHE CZ   C Y N 297 
PHE OXT  O N N 298 
PHE H    H N N 299 
PHE H2   H N N 300 
PHE HA   H N N 301 
PHE HB2  H N N 302 
PHE HB3  H N N 303 
PHE HD1  H N N 304 
PHE HD2  H N N 305 
PHE HE1  H N N 306 
PHE HE2  H N N 307 
PHE HZ   H N N 308 
PHE HXT  H N N 309 
PRO N    N N N 310 
PRO CA   C N S 311 
PRO C    C N N 312 
PRO O    O N N 313 
PRO CB   C N N 314 
PRO CG   C N N 315 
PRO CD   C N N 316 
PRO OXT  O N N 317 
PRO H    H N N 318 
PRO HA   H N N 319 
PRO HB2  H N N 320 
PRO HB3  H N N 321 
PRO HG2  H N N 322 
PRO HG3  H N N 323 
PRO HD2  H N N 324 
PRO HD3  H N N 325 
PRO HXT  H N N 326 
SER N    N N N 327 
SER CA   C N S 328 
SER C    C N N 329 
SER O    O N N 330 
SER CB   C N N 331 
SER OG   O N N 332 
SER OXT  O N N 333 
SER H    H N N 334 
SER H2   H N N 335 
SER HA   H N N 336 
SER HB2  H N N 337 
SER HB3  H N N 338 
SER HG   H N N 339 
SER HXT  H N N 340 
THR N    N N N 341 
THR CA   C N S 342 
THR C    C N N 343 
THR O    O N N 344 
THR CB   C N R 345 
THR OG1  O N N 346 
THR CG2  C N N 347 
THR OXT  O N N 348 
THR H    H N N 349 
THR H2   H N N 350 
THR HA   H N N 351 
THR HB   H N N 352 
THR HG1  H N N 353 
THR HG21 H N N 354 
THR HG22 H N N 355 
THR HG23 H N N 356 
THR HXT  H N N 357 
TRP N    N N N 358 
TRP CA   C N S 359 
TRP C    C N N 360 
TRP O    O N N 361 
TRP CB   C N N 362 
TRP CG   C Y N 363 
TRP CD1  C Y N 364 
TRP CD2  C Y N 365 
TRP NE1  N Y N 366 
TRP CE2  C Y N 367 
TRP CE3  C Y N 368 
TRP CZ2  C Y N 369 
TRP CZ3  C Y N 370 
TRP CH2  C Y N 371 
TRP OXT  O N N 372 
TRP H    H N N 373 
TRP H2   H N N 374 
TRP HA   H N N 375 
TRP HB2  H N N 376 
TRP HB3  H N N 377 
TRP HD1  H N N 378 
TRP HE1  H N N 379 
TRP HE3  H N N 380 
TRP HZ2  H N N 381 
TRP HZ3  H N N 382 
TRP HH2  H N N 383 
TRP HXT  H N N 384 
TYR N    N N N 385 
TYR CA   C N S 386 
TYR C    C N N 387 
TYR O    O N N 388 
TYR CB   C N N 389 
TYR CG   C Y N 390 
TYR CD1  C Y N 391 
TYR CD2  C Y N 392 
TYR CE1  C Y N 393 
TYR CE2  C Y N 394 
TYR CZ   C Y N 395 
TYR OH   O N N 396 
TYR OXT  O N N 397 
TYR H    H N N 398 
TYR H2   H N N 399 
TYR HA   H N N 400 
TYR HB2  H N N 401 
TYR HB3  H N N 402 
TYR HD1  H N N 403 
TYR HD2  H N N 404 
TYR HE1  H N N 405 
TYR HE2  H N N 406 
TYR HH   H N N 407 
TYR HXT  H N N 408 
VAL N    N N N 409 
VAL CA   C N S 410 
VAL C    C N N 411 
VAL O    O N N 412 
VAL CB   C N N 413 
VAL CG1  C N N 414 
VAL CG2  C N N 415 
VAL OXT  O N N 416 
VAL H    H N N 417 
VAL H2   H N N 418 
VAL HA   H N N 419 
VAL HB   H N N 420 
VAL HG11 H N N 421 
VAL HG12 H N N 422 
VAL HG13 H N N 423 
VAL HG21 H N N 424 
VAL HG22 H N N 425 
VAL HG23 H N N 426 
VAL HXT  H N N 427 
# 
loop_
_chem_comp_bond.comp_id 
_chem_comp_bond.atom_id_1 
_chem_comp_bond.atom_id_2 
_chem_comp_bond.value_order 
_chem_comp_bond.pdbx_aromatic_flag 
_chem_comp_bond.pdbx_stereo_config 
_chem_comp_bond.pdbx_ordinal 
ALA N   CA   sing N N 1   
ALA N   H    sing N N 2   
ALA N   H2   sing N N 3   
ALA CA  C    sing N N 4   
ALA CA  CB   sing N N 5   
ALA CA  HA   sing N N 6   
ALA C   O    doub N N 7   
ALA C   OXT  sing N N 8   
ALA CB  HB1  sing N N 9   
ALA CB  HB2  sing N N 10  
ALA CB  HB3  sing N N 11  
ALA OXT HXT  sing N N 12  
ARG N   CA   sing N N 13  
ARG N   H    sing N N 14  
ARG N   H2   sing N N 15  
ARG CA  C    sing N N 16  
ARG CA  CB   sing N N 17  
ARG CA  HA   sing N N 18  
ARG C   O    doub N N 19  
ARG C   OXT  sing N N 20  
ARG CB  CG   sing N N 21  
ARG CB  HB2  sing N N 22  
ARG CB  HB3  sing N N 23  
ARG CG  CD   sing N N 24  
ARG CG  HG2  sing N N 25  
ARG CG  HG3  sing N N 26  
ARG CD  NE   sing N N 27  
ARG CD  HD2  sing N N 28  
ARG CD  HD3  sing N N 29  
ARG NE  CZ   sing N N 30  
ARG NE  HE   sing N N 31  
ARG CZ  NH1  sing N N 32  
ARG CZ  NH2  doub N N 33  
ARG NH1 HH11 sing N N 34  
ARG NH1 HH12 sing N N 35  
ARG NH2 HH21 sing N N 36  
ARG NH2 HH22 sing N N 37  
ARG OXT HXT  sing N N 38  
ASN N   CA   sing N N 39  
ASN N   H    sing N N 40  
ASN N   H2   sing N N 41  
ASN CA  C    sing N N 42  
ASN CA  CB   sing N N 43  
ASN CA  HA   sing N N 44  
ASN C   O    doub N N 45  
ASN C   OXT  sing N N 46  
ASN CB  CG   sing N N 47  
ASN CB  HB2  sing N N 48  
ASN CB  HB3  sing N N 49  
ASN CG  OD1  doub N N 50  
ASN CG  ND2  sing N N 51  
ASN ND2 HD21 sing N N 52  
ASN ND2 HD22 sing N N 53  
ASN OXT HXT  sing N N 54  
ASP N   CA   sing N N 55  
ASP N   H    sing N N 56  
ASP N   H2   sing N N 57  
ASP CA  C    sing N N 58  
ASP CA  CB   sing N N 59  
ASP CA  HA   sing N N 60  
ASP C   O    doub N N 61  
ASP C   OXT  sing N N 62  
ASP CB  CG   sing N N 63  
ASP CB  HB2  sing N N 64  
ASP CB  HB3  sing N N 65  
ASP CG  OD1  doub N N 66  
ASP CG  OD2  sing N N 67  
ASP OD2 HD2  sing N N 68  
ASP OXT HXT  sing N N 69  
CYS N   CA   sing N N 70  
CYS N   H    sing N N 71  
CYS N   H2   sing N N 72  
CYS CA  C    sing N N 73  
CYS CA  CB   sing N N 74  
CYS CA  HA   sing N N 75  
CYS C   O    doub N N 76  
CYS C   OXT  sing N N 77  
CYS CB  SG   sing N N 78  
CYS CB  HB2  sing N N 79  
CYS CB  HB3  sing N N 80  
CYS SG  HG   sing N N 81  
CYS OXT HXT  sing N N 82  
FLU C1  O1   sing N N 83  
FLU C1  C2   doub Y N 84  
FLU C1  C13  sing Y N 85  
FLU O1  HO1  sing N N 86  
FLU C2  C3   sing Y N 87  
FLU C2  H2   sing N N 88  
FLU C3  O2   sing Y N 89  
FLU C3  C11  doub Y N 90  
FLU O2  C4   sing Y N 91  
FLU C4  C5   doub Y N 92  
FLU C4  C9   sing Y N 93  
FLU C5  C6   sing Y N 94  
FLU C5  H5   sing N N 95  
FLU C6  O3   doub N N 96  
FLU C6  C7   sing Y N 97  
FLU C7  C8   doub Y N 98  
FLU C7  H7   sing N N 99  
FLU C8  C9   sing Y N 100 
FLU C8  H8   sing N N 101 
FLU C9  C10  doub Y N 102 
FLU C10 C11  sing Y N 103 
FLU C10 C14  sing Y N 104 
FLU C11 C12  sing Y N 105 
FLU C12 C13  doub Y N 106 
FLU C12 H12  sing N N 107 
FLU C13 H13  sing N N 108 
FLU C14 C15  doub Y N 109 
FLU C14 C19  sing Y N 110 
FLU C15 C16  sing Y N 111 
FLU C15 H15  sing N N 112 
FLU C16 C17  doub Y N 113 
FLU C16 H16  sing N N 114 
FLU C17 C18  sing Y N 115 
FLU C17 H17  sing N N 116 
FLU C18 C19  doub Y N 117 
FLU C18 H18  sing N N 118 
FLU C19 C20  sing N N 119 
FLU C20 O4   doub N N 120 
FLU C20 O5   sing N N 121 
FLU O5  HO5  sing N N 122 
GLN N   CA   sing N N 123 
GLN N   H    sing N N 124 
GLN N   H2   sing N N 125 
GLN CA  C    sing N N 126 
GLN CA  CB   sing N N 127 
GLN CA  HA   sing N N 128 
GLN C   O    doub N N 129 
GLN C   OXT  sing N N 130 
GLN CB  CG   sing N N 131 
GLN CB  HB2  sing N N 132 
GLN CB  HB3  sing N N 133 
GLN CG  CD   sing N N 134 
GLN CG  HG2  sing N N 135 
GLN CG  HG3  sing N N 136 
GLN CD  OE1  doub N N 137 
GLN CD  NE2  sing N N 138 
GLN NE2 HE21 sing N N 139 
GLN NE2 HE22 sing N N 140 
GLN OXT HXT  sing N N 141 
GLU N   CA   sing N N 142 
GLU N   H    sing N N 143 
GLU N   H2   sing N N 144 
GLU CA  C    sing N N 145 
GLU CA  CB   sing N N 146 
GLU CA  HA   sing N N 147 
GLU C   O    doub N N 148 
GLU C   OXT  sing N N 149 
GLU CB  CG   sing N N 150 
GLU CB  HB2  sing N N 151 
GLU CB  HB3  sing N N 152 
GLU CG  CD   sing N N 153 
GLU CG  HG2  sing N N 154 
GLU CG  HG3  sing N N 155 
GLU CD  OE1  doub N N 156 
GLU CD  OE2  sing N N 157 
GLU OE2 HE2  sing N N 158 
GLU OXT HXT  sing N N 159 
GLY N   CA   sing N N 160 
GLY N   H    sing N N 161 
GLY N   H2   sing N N 162 
GLY CA  C    sing N N 163 
GLY CA  HA2  sing N N 164 
GLY CA  HA3  sing N N 165 
GLY C   O    doub N N 166 
GLY C   OXT  sing N N 167 
GLY OXT HXT  sing N N 168 
HIS N   CA   sing N N 169 
HIS N   H    sing N N 170 
HIS N   H2   sing N N 171 
HIS CA  C    sing N N 172 
HIS CA  CB   sing N N 173 
HIS CA  HA   sing N N 174 
HIS C   O    doub N N 175 
HIS C   OXT  sing N N 176 
HIS CB  CG   sing N N 177 
HIS CB  HB2  sing N N 178 
HIS CB  HB3  sing N N 179 
HIS CG  ND1  sing Y N 180 
HIS CG  CD2  doub Y N 181 
HIS ND1 CE1  doub Y N 182 
HIS ND1 HD1  sing N N 183 
HIS CD2 NE2  sing Y N 184 
HIS CD2 HD2  sing N N 185 
HIS CE1 NE2  sing Y N 186 
HIS CE1 HE1  sing N N 187 
HIS NE2 HE2  sing N N 188 
HIS OXT HXT  sing N N 189 
HOH O   H1   sing N N 190 
HOH O   H2   sing N N 191 
ILE N   CA   sing N N 192 
ILE N   H    sing N N 193 
ILE N   H2   sing N N 194 
ILE CA  C    sing N N 195 
ILE CA  CB   sing N N 196 
ILE CA  HA   sing N N 197 
ILE C   O    doub N N 198 
ILE C   OXT  sing N N 199 
ILE CB  CG1  sing N N 200 
ILE CB  CG2  sing N N 201 
ILE CB  HB   sing N N 202 
ILE CG1 CD1  sing N N 203 
ILE CG1 HG12 sing N N 204 
ILE CG1 HG13 sing N N 205 
ILE CG2 HG21 sing N N 206 
ILE CG2 HG22 sing N N 207 
ILE CG2 HG23 sing N N 208 
ILE CD1 HD11 sing N N 209 
ILE CD1 HD12 sing N N 210 
ILE CD1 HD13 sing N N 211 
ILE OXT HXT  sing N N 212 
LEU N   CA   sing N N 213 
LEU N   H    sing N N 214 
LEU N   H2   sing N N 215 
LEU CA  C    sing N N 216 
LEU CA  CB   sing N N 217 
LEU CA  HA   sing N N 218 
LEU C   O    doub N N 219 
LEU C   OXT  sing N N 220 
LEU CB  CG   sing N N 221 
LEU CB  HB2  sing N N 222 
LEU CB  HB3  sing N N 223 
LEU CG  CD1  sing N N 224 
LEU CG  CD2  sing N N 225 
LEU CG  HG   sing N N 226 
LEU CD1 HD11 sing N N 227 
LEU CD1 HD12 sing N N 228 
LEU CD1 HD13 sing N N 229 
LEU CD2 HD21 sing N N 230 
LEU CD2 HD22 sing N N 231 
LEU CD2 HD23 sing N N 232 
LEU OXT HXT  sing N N 233 
LYS N   CA   sing N N 234 
LYS N   H    sing N N 235 
LYS N   H2   sing N N 236 
LYS CA  C    sing N N 237 
LYS CA  CB   sing N N 238 
LYS CA  HA   sing N N 239 
LYS C   O    doub N N 240 
LYS C   OXT  sing N N 241 
LYS CB  CG   sing N N 242 
LYS CB  HB2  sing N N 243 
LYS CB  HB3  sing N N 244 
LYS CG  CD   sing N N 245 
LYS CG  HG2  sing N N 246 
LYS CG  HG3  sing N N 247 
LYS CD  CE   sing N N 248 
LYS CD  HD2  sing N N 249 
LYS CD  HD3  sing N N 250 
LYS CE  NZ   sing N N 251 
LYS CE  HE2  sing N N 252 
LYS CE  HE3  sing N N 253 
LYS NZ  HZ1  sing N N 254 
LYS NZ  HZ2  sing N N 255 
LYS NZ  HZ3  sing N N 256 
LYS OXT HXT  sing N N 257 
MET N   CA   sing N N 258 
MET N   H    sing N N 259 
MET N   H2   sing N N 260 
MET CA  C    sing N N 261 
MET CA  CB   sing N N 262 
MET CA  HA   sing N N 263 
MET C   O    doub N N 264 
MET C   OXT  sing N N 265 
MET CB  CG   sing N N 266 
MET CB  HB2  sing N N 267 
MET CB  HB3  sing N N 268 
MET CG  SD   sing N N 269 
MET CG  HG2  sing N N 270 
MET CG  HG3  sing N N 271 
MET SD  CE   sing N N 272 
MET CE  HE1  sing N N 273 
MET CE  HE2  sing N N 274 
MET CE  HE3  sing N N 275 
MET OXT HXT  sing N N 276 
PHE N   CA   sing N N 277 
PHE N   H    sing N N 278 
PHE N   H2   sing N N 279 
PHE CA  C    sing N N 280 
PHE CA  CB   sing N N 281 
PHE CA  HA   sing N N 282 
PHE C   O    doub N N 283 
PHE C   OXT  sing N N 284 
PHE CB  CG   sing N N 285 
PHE CB  HB2  sing N N 286 
PHE CB  HB3  sing N N 287 
PHE CG  CD1  doub Y N 288 
PHE CG  CD2  sing Y N 289 
PHE CD1 CE1  sing Y N 290 
PHE CD1 HD1  sing N N 291 
PHE CD2 CE2  doub Y N 292 
PHE CD2 HD2  sing N N 293 
PHE CE1 CZ   doub Y N 294 
PHE CE1 HE1  sing N N 295 
PHE CE2 CZ   sing Y N 296 
PHE CE2 HE2  sing N N 297 
PHE CZ  HZ   sing N N 298 
PHE OXT HXT  sing N N 299 
PRO N   CA   sing N N 300 
PRO N   CD   sing N N 301 
PRO N   H    sing N N 302 
PRO CA  C    sing N N 303 
PRO CA  CB   sing N N 304 
PRO CA  HA   sing N N 305 
PRO C   O    doub N N 306 
PRO C   OXT  sing N N 307 
PRO CB  CG   sing N N 308 
PRO CB  HB2  sing N N 309 
PRO CB  HB3  sing N N 310 
PRO CG  CD   sing N N 311 
PRO CG  HG2  sing N N 312 
PRO CG  HG3  sing N N 313 
PRO CD  HD2  sing N N 314 
PRO CD  HD3  sing N N 315 
PRO OXT HXT  sing N N 316 
SER N   CA   sing N N 317 
SER N   H    sing N N 318 
SER N   H2   sing N N 319 
SER CA  C    sing N N 320 
SER CA  CB   sing N N 321 
SER CA  HA   sing N N 322 
SER C   O    doub N N 323 
SER C   OXT  sing N N 324 
SER CB  OG   sing N N 325 
SER CB  HB2  sing N N 326 
SER CB  HB3  sing N N 327 
SER OG  HG   sing N N 328 
SER OXT HXT  sing N N 329 
THR N   CA   sing N N 330 
THR N   H    sing N N 331 
THR N   H2   sing N N 332 
THR CA  C    sing N N 333 
THR CA  CB   sing N N 334 
THR CA  HA   sing N N 335 
THR C   O    doub N N 336 
THR C   OXT  sing N N 337 
THR CB  OG1  sing N N 338 
THR CB  CG2  sing N N 339 
THR CB  HB   sing N N 340 
THR OG1 HG1  sing N N 341 
THR CG2 HG21 sing N N 342 
THR CG2 HG22 sing N N 343 
THR CG2 HG23 sing N N 344 
THR OXT HXT  sing N N 345 
TRP N   CA   sing N N 346 
TRP N   H    sing N N 347 
TRP N   H2   sing N N 348 
TRP CA  C    sing N N 349 
TRP CA  CB   sing N N 350 
TRP CA  HA   sing N N 351 
TRP C   O    doub N N 352 
TRP C   OXT  sing N N 353 
TRP CB  CG   sing N N 354 
TRP CB  HB2  sing N N 355 
TRP CB  HB3  sing N N 356 
TRP CG  CD1  doub Y N 357 
TRP CG  CD2  sing Y N 358 
TRP CD1 NE1  sing Y N 359 
TRP CD1 HD1  sing N N 360 
TRP CD2 CE2  doub Y N 361 
TRP CD2 CE3  sing Y N 362 
TRP NE1 CE2  sing Y N 363 
TRP NE1 HE1  sing N N 364 
TRP CE2 CZ2  sing Y N 365 
TRP CE3 CZ3  doub Y N 366 
TRP CE3 HE3  sing N N 367 
TRP CZ2 CH2  doub Y N 368 
TRP CZ2 HZ2  sing N N 369 
TRP CZ3 CH2  sing Y N 370 
TRP CZ3 HZ3  sing N N 371 
TRP CH2 HH2  sing N N 372 
TRP OXT HXT  sing N N 373 
TYR N   CA   sing N N 374 
TYR N   H    sing N N 375 
TYR N   H2   sing N N 376 
TYR CA  C    sing N N 377 
TYR CA  CB   sing N N 378 
TYR CA  HA   sing N N 379 
TYR C   O    doub N N 380 
TYR C   OXT  sing N N 381 
TYR CB  CG   sing N N 382 
TYR CB  HB2  sing N N 383 
TYR CB  HB3  sing N N 384 
TYR CG  CD1  doub Y N 385 
TYR CG  CD2  sing Y N 386 
TYR CD1 CE1  sing Y N 387 
TYR CD1 HD1  sing N N 388 
TYR CD2 CE2  doub Y N 389 
TYR CD2 HD2  sing N N 390 
TYR CE1 CZ   doub Y N 391 
TYR CE1 HE1  sing N N 392 
TYR CE2 CZ   sing Y N 393 
TYR CE2 HE2  sing N N 394 
TYR CZ  OH   sing N N 395 
TYR OH  HH   sing N N 396 
TYR OXT HXT  sing N N 397 
VAL N   CA   sing N N 398 
VAL N   H    sing N N 399 
VAL N   H2   sing N N 400 
VAL CA  C    sing N N 401 
VAL CA  CB   sing N N 402 
VAL CA  HA   sing N N 403 
VAL C   O    doub N N 404 
VAL C   OXT  sing N N 405 
VAL CB  CG1  sing N N 406 
VAL CB  CG2  sing N N 407 
VAL CB  HB   sing N N 408 
VAL CG1 HG11 sing N N 409 
VAL CG1 HG12 sing N N 410 
VAL CG1 HG13 sing N N 411 
VAL CG2 HG21 sing N N 412 
VAL CG2 HG22 sing N N 413 
VAL CG2 HG23 sing N N 414 
VAL OXT HXT  sing N N 415 
# 
_pdbx_entity_instance_feature.ordinal        1 
_pdbx_entity_instance_feature.comp_id        FLU 
_pdbx_entity_instance_feature.asym_id        ? 
_pdbx_entity_instance_feature.seq_num        ? 
_pdbx_entity_instance_feature.auth_comp_id   FLU 
_pdbx_entity_instance_feature.auth_asym_id   ? 
_pdbx_entity_instance_feature.auth_seq_num   ? 
_pdbx_entity_instance_feature.feature_type   'SUBJECT OF INVESTIGATION' 
_pdbx_entity_instance_feature.details        ? 
# 
loop_
_pdbx_entity_nonpoly.entity_id 
_pdbx_entity_nonpoly.name 
_pdbx_entity_nonpoly.comp_id 
2 '2-(6-HYDROXY-3-OXO-3H-XANTHEN-9-YL)-BENZOIC ACID' FLU 
3 water                                              HOH 
# 
_pdbx_initial_refinement_model.id               1 
_pdbx_initial_refinement_model.entity_id_list   ? 
_pdbx_initial_refinement_model.type             'experimental model' 
_pdbx_initial_refinement_model.source_name      PDB 
_pdbx_initial_refinement_model.accession_code   3RZY 
_pdbx_initial_refinement_model.details          ? 
# 
_pdbx_struct_assembly_auth_evidence.id                     1 
_pdbx_struct_assembly_auth_evidence.assembly_id            1 
_pdbx_struct_assembly_auth_evidence.experimental_support   none 
_pdbx_struct_assembly_auth_evidence.details                ? 
# 
